data_1R0D
#
_entry.id   1R0D
#
_cell.length_a   148.200
_cell.length_b   165.900
_cell.length_c   109.800
_cell.angle_alpha   90.00
_cell.angle_beta   132.40
_cell.angle_gamma   90.00
#
_symmetry.space_group_name_H-M   'C 1 2 1'
#
loop_
_entity.id
_entity.type
_entity.pdbx_description
1 polymer 'Huntingtin Interacting Protein 12'
2 water water
#
_entity_poly.entity_id   1
_entity_poly.type   'polypeptide(L)'
_entity_poly.pdbx_seq_one_letter_code
;GSPEFSLDVRQEELGAVVDKE(MSE)AATSAAIEDAVRRIED(MSE)(MSE)NQARHASSGVKLEVNERILNSCTDL
(MSE)KAIRLLVTTSTSLQKEIVESGRGAATQQEFYAKNSRWTEGLISASKAVGWGATQLVEAADKVVLHTGKYEELIVC
SHEIAASTAQLVAASKVKANKHSPHLSRLQECSRTVNERAANVVASTKSGQEQIEDRDT(MSE)DFSGL
;
_entity_poly.pdbx_strand_id   A,B,D,E,F,G,H,I
#
# COMPACT_ATOMS: atom_id res chain seq x y z
N ASP A 8 37.48 -22.38 -12.13
CA ASP A 8 38.36 -22.10 -10.96
C ASP A 8 39.27 -20.90 -11.27
N VAL A 9 39.02 -19.78 -10.59
CA VAL A 9 39.77 -18.56 -10.82
C VAL A 9 41.26 -18.62 -10.56
N ARG A 10 42.03 -18.14 -11.55
CA ARG A 10 43.49 -18.11 -11.46
C ARG A 10 43.85 -17.25 -10.27
N GLN A 11 44.79 -17.73 -9.48
CA GLN A 11 45.22 -17.00 -8.32
C GLN A 11 45.76 -15.62 -8.69
N GLU A 12 46.49 -15.53 -9.81
CA GLU A 12 47.04 -14.23 -10.17
C GLU A 12 46.02 -13.20 -10.63
N GLU A 13 44.79 -13.62 -10.92
CA GLU A 13 43.79 -12.65 -11.32
C GLU A 13 42.64 -12.52 -10.30
N LEU A 14 42.84 -13.04 -9.09
CA LEU A 14 41.82 -12.96 -8.04
C LEU A 14 41.42 -11.51 -7.71
N GLY A 15 42.39 -10.60 -7.69
CA GLY A 15 42.09 -9.22 -7.40
C GLY A 15 41.09 -8.68 -8.42
N ALA A 16 41.39 -8.86 -9.70
CA ALA A 16 40.49 -8.40 -10.76
C ALA A 16 39.07 -8.99 -10.61
N VAL A 17 39.01 -10.29 -10.36
CA VAL A 17 37.73 -10.98 -10.21
C VAL A 17 36.90 -10.53 -9.00
N VAL A 18 37.55 -10.27 -7.85
CA VAL A 18 36.81 -9.83 -6.67
C VAL A 18 36.35 -8.40 -6.92
N ASP A 19 37.20 -7.57 -7.54
CA ASP A 19 36.79 -6.20 -7.83
C ASP A 19 35.55 -6.21 -8.75
N LYS A 20 35.59 -7.04 -9.78
CA LYS A 20 34.47 -7.14 -10.71
C LYS A 20 33.24 -7.74 -10.01
N GLU A 21 33.45 -8.68 -9.09
CA GLU A 21 32.32 -9.30 -8.45
C GLU A 21 31.59 -8.36 -7.48
N ALA A 23 31.55 -5.15 -7.69
CA ALA A 23 30.87 -4.21 -8.56
C ALA A 23 29.61 -4.80 -9.16
N ALA A 24 29.64 -6.08 -9.55
CA ALA A 24 28.48 -6.70 -10.13
C ALA A 24 27.37 -6.84 -9.06
N THR A 25 27.76 -7.20 -7.84
CA THR A 25 26.79 -7.36 -6.76
C THR A 25 26.09 -6.02 -6.49
N SER A 26 26.85 -4.93 -6.48
CA SER A 26 26.25 -3.61 -6.26
C SER A 26 25.31 -3.23 -7.41
N ALA A 27 25.70 -3.55 -8.65
CA ALA A 27 24.83 -3.25 -9.80
C ALA A 27 23.54 -4.08 -9.74
N ALA A 28 23.66 -5.32 -9.29
CA ALA A 28 22.51 -6.21 -9.15
C ALA A 28 21.55 -5.67 -8.07
N ILE A 29 22.11 -5.09 -7.00
CA ILE A 29 21.30 -4.54 -5.94
C ILE A 29 20.59 -3.28 -6.46
N GLU A 30 21.28 -2.48 -7.26
CA GLU A 30 20.65 -1.29 -7.87
C GLU A 30 19.56 -1.72 -8.83
N ASP A 31 19.82 -2.78 -9.60
CA ASP A 31 18.82 -3.27 -10.52
C ASP A 31 17.61 -3.75 -9.71
N ALA A 32 17.86 -4.32 -8.53
CA ALA A 32 16.74 -4.82 -7.71
C ALA A 32 15.90 -3.63 -7.20
N VAL A 33 16.54 -2.56 -6.77
CA VAL A 33 15.78 -1.40 -6.31
C VAL A 33 14.89 -0.88 -7.45
N ARG A 34 15.46 -0.73 -8.65
CA ARG A 34 14.68 -0.25 -9.78
C ARG A 34 13.54 -1.15 -10.19
N ARG A 35 13.76 -2.47 -10.10
CA ARG A 35 12.72 -3.39 -10.53
C ARG A 35 11.57 -3.38 -9.53
N ILE A 36 11.91 -3.40 -8.25
CA ILE A 36 10.91 -3.37 -7.19
C ILE A 36 10.14 -2.04 -7.25
N GLU A 37 10.85 -0.94 -7.40
CA GLU A 37 10.12 0.33 -7.49
C GLU A 37 9.22 0.37 -8.73
N ASP A 38 9.64 -0.23 -9.85
CA ASP A 38 8.81 -0.24 -11.06
C ASP A 38 7.56 -1.06 -10.85
N ASN A 41 4.41 0.77 -9.69
CA ASN A 41 3.60 1.37 -10.75
C ASN A 41 2.81 0.32 -11.49
N GLN A 42 3.40 -0.86 -11.65
CA GLN A 42 2.72 -1.92 -12.37
C GLN A 42 1.59 -2.54 -11.53
N ALA A 43 1.78 -2.58 -10.22
CA ALA A 43 0.79 -3.16 -9.30
C ALA A 43 -0.52 -2.41 -9.45
N ARG A 44 -0.40 -1.09 -9.52
CA ARG A 44 -1.55 -0.21 -9.67
C ARG A 44 -2.33 -0.52 -10.94
N HIS A 45 -1.86 -1.50 -11.70
CA HIS A 45 -2.50 -1.91 -12.95
C HIS A 45 -2.88 -3.39 -12.96
N ALA A 46 -2.35 -4.14 -12.01
CA ALA A 46 -2.65 -5.57 -11.94
C ALA A 46 -3.74 -5.83 -10.92
N SER A 47 -3.78 -4.98 -9.89
CA SER A 47 -4.76 -5.12 -8.81
C SER A 47 -5.28 -3.77 -8.33
N SER A 48 -6.07 -3.82 -7.27
CA SER A 48 -6.64 -2.62 -6.67
C SER A 48 -7.22 -2.98 -5.31
N GLY A 49 -7.64 -1.98 -4.55
CA GLY A 49 -8.21 -2.23 -3.24
C GLY A 49 -7.21 -2.58 -2.15
N VAL A 50 -7.67 -3.40 -1.20
CA VAL A 50 -6.83 -3.80 -0.09
C VAL A 50 -5.60 -4.56 -0.60
N LYS A 51 -5.79 -5.37 -1.63
CA LYS A 51 -4.68 -6.13 -2.22
C LYS A 51 -3.59 -5.17 -2.71
N LEU A 52 -3.98 -4.18 -3.50
CA LEU A 52 -3.01 -3.20 -4.02
C LEU A 52 -2.32 -2.46 -2.88
N GLU A 53 -3.08 -2.04 -1.89
CA GLU A 53 -2.51 -1.32 -0.76
C GLU A 53 -1.47 -2.13 0.02
N VAL A 54 -1.81 -3.38 0.36
CA VAL A 54 -0.82 -4.17 1.10
C VAL A 54 0.37 -4.49 0.17
N ASN A 55 0.13 -4.70 -1.11
CA ASN A 55 1.27 -5.01 -1.98
C ASN A 55 2.22 -3.82 -2.05
N GLU A 56 1.68 -2.59 -2.06
CA GLU A 56 2.54 -1.41 -2.12
C GLU A 56 3.38 -1.31 -0.87
N ARG A 57 2.81 -1.70 0.27
CA ARG A 57 3.55 -1.64 1.51
C ARG A 57 4.65 -2.70 1.48
N ILE A 58 4.33 -3.89 0.97
CA ILE A 58 5.33 -4.95 0.92
C ILE A 58 6.47 -4.53 -0.03
N LEU A 59 6.13 -4.00 -1.20
CA LEU A 59 7.15 -3.56 -2.16
C LEU A 59 8.04 -2.51 -1.51
N ASN A 60 7.44 -1.64 -0.71
CA ASN A 60 8.26 -0.64 -0.06
C ASN A 60 9.11 -1.24 1.05
N SER A 61 8.64 -2.28 1.73
CA SER A 61 9.52 -2.84 2.76
C SER A 61 10.73 -3.49 2.02
N CYS A 62 10.46 -4.12 0.89
CA CYS A 62 11.50 -4.78 0.08
C CYS A 62 12.51 -3.77 -0.45
N THR A 63 12.02 -2.58 -0.79
CA THR A 63 12.88 -1.55 -1.29
C THR A 63 13.78 -1.04 -0.17
N ASP A 64 13.24 -0.86 1.04
CA ASP A 64 14.05 -0.42 2.17
C ASP A 64 15.11 -1.47 2.55
N LEU A 65 14.76 -2.74 2.35
CA LEU A 65 15.71 -3.84 2.62
C LEU A 65 16.84 -3.73 1.57
N LYS A 67 17.90 -1.19 -0.09
CA LYS A 67 18.75 -0.03 0.14
C LYS A 67 19.67 -0.29 1.33
N ALA A 68 19.19 -1.01 2.34
CA ALA A 68 20.06 -1.32 3.46
C ALA A 68 21.17 -2.27 2.96
N ILE A 69 20.84 -3.17 2.04
CA ILE A 69 21.84 -4.14 1.53
C ILE A 69 22.86 -3.39 0.66
N ARG A 70 22.38 -2.40 -0.08
CA ARG A 70 23.25 -1.57 -0.91
C ARG A 70 24.35 -0.98 -0.03
N LEU A 71 23.97 -0.45 1.11
CA LEU A 71 24.92 0.17 2.02
C LEU A 71 25.88 -0.85 2.63
N LEU A 72 25.36 -2.02 2.98
CA LEU A 72 26.19 -3.05 3.56
C LEU A 72 27.29 -3.50 2.58
N VAL A 73 26.93 -3.71 1.32
CA VAL A 73 27.90 -4.16 0.31
C VAL A 73 28.95 -3.08 0.04
N THR A 74 28.52 -1.83 -0.05
CA THR A 74 29.45 -0.72 -0.24
C THR A 74 30.40 -0.63 0.98
N THR A 75 29.87 -0.80 2.19
CA THR A 75 30.73 -0.77 3.38
C THR A 75 31.66 -2.00 3.36
N SER A 76 31.15 -3.10 2.83
CA SER A 76 31.95 -4.33 2.76
C SER A 76 33.15 -4.09 1.82
N THR A 77 32.89 -3.45 0.70
CA THR A 77 33.93 -3.16 -0.28
C THR A 77 34.94 -2.19 0.32
N SER A 78 34.45 -1.20 1.05
CA SER A 78 35.34 -0.24 1.72
C SER A 78 36.25 -0.93 2.73
N LEU A 79 35.69 -1.85 3.53
CA LEU A 79 36.48 -2.57 4.52
C LEU A 79 37.53 -3.45 3.84
N GLN A 80 37.16 -4.07 2.72
CA GLN A 80 38.11 -4.92 1.99
C GLN A 80 39.29 -4.10 1.47
N LYS A 81 38.98 -2.94 0.90
CA LYS A 81 40.00 -2.08 0.35
C LYS A 81 40.94 -1.54 1.41
N GLU A 82 40.45 -1.33 2.63
CA GLU A 82 41.31 -0.82 3.68
C GLU A 82 42.22 -1.93 4.18
N ILE A 83 41.69 -3.14 4.23
CA ILE A 83 42.44 -4.30 4.66
C ILE A 83 43.59 -4.51 3.69
N VAL A 84 43.29 -4.36 2.40
CA VAL A 84 44.28 -4.54 1.36
C VAL A 84 45.32 -3.43 1.43
N GLU A 85 44.89 -2.18 1.50
CA GLU A 85 45.80 -1.05 1.60
C GLU A 85 46.71 -1.13 2.81
N SER A 86 46.15 -1.60 3.91
CA SER A 86 46.90 -1.71 5.14
C SER A 86 47.87 -2.89 5.18
N GLY A 87 47.57 -3.96 4.48
CA GLY A 87 48.45 -5.11 4.52
C GLY A 87 49.32 -5.41 3.31
N ARG A 88 49.07 -4.76 2.19
CA ARG A 88 49.86 -5.04 0.99
C ARG A 88 51.29 -4.51 1.03
N GLY A 89 51.54 -3.47 1.80
CA GLY A 89 52.89 -2.94 1.90
C GLY A 89 53.48 -2.56 0.56
N ALA A 90 54.56 -3.20 0.16
CA ALA A 90 55.17 -2.86 -1.11
C ALA A 90 54.52 -3.62 -2.26
N ALA A 91 53.63 -4.56 -1.94
CA ALA A 91 52.96 -5.36 -2.96
C ALA A 91 51.80 -4.61 -3.63
N THR A 92 51.37 -5.09 -4.78
CA THR A 92 50.23 -4.46 -5.46
C THR A 92 48.97 -5.10 -4.87
N GLN A 93 47.81 -4.56 -5.21
CA GLN A 93 46.57 -5.15 -4.70
C GLN A 93 46.51 -6.60 -5.18
N GLN A 94 46.79 -6.80 -6.47
CA GLN A 94 46.78 -8.13 -7.10
C GLN A 94 47.60 -9.12 -6.29
N GLU A 95 48.80 -8.70 -5.89
CA GLU A 95 49.68 -9.58 -5.11
C GLU A 95 49.09 -9.88 -3.75
N PHE A 96 48.51 -8.85 -3.12
CA PHE A 96 47.93 -9.06 -1.81
C PHE A 96 46.77 -10.06 -1.90
N TYR A 97 45.89 -9.90 -2.90
CA TYR A 97 44.76 -10.81 -3.04
C TYR A 97 45.26 -12.21 -3.35
N ALA A 98 46.27 -12.30 -4.22
CA ALA A 98 46.84 -13.60 -4.59
C ALA A 98 47.41 -14.29 -3.38
N LYS A 99 48.18 -13.56 -2.57
CA LYS A 99 48.80 -14.13 -1.38
C LYS A 99 47.79 -14.55 -0.33
N ASN A 100 46.62 -13.91 -0.33
CA ASN A 100 45.57 -14.26 0.61
C ASN A 100 44.41 -14.77 -0.22
N SER A 101 44.72 -15.72 -1.10
CA SER A 101 43.78 -16.32 -2.02
C SER A 101 42.54 -16.92 -1.34
N ARG A 102 42.75 -17.52 -0.18
CA ARG A 102 41.66 -18.12 0.56
C ARG A 102 40.62 -17.05 0.90
N TRP A 103 41.07 -15.98 1.55
CA TRP A 103 40.21 -14.85 1.92
C TRP A 103 39.53 -14.28 0.69
N THR A 104 40.31 -14.04 -0.37
CA THR A 104 39.73 -13.47 -1.58
C THR A 104 38.66 -14.36 -2.15
N GLU A 105 38.89 -15.67 -2.13
CA GLU A 105 37.90 -16.58 -2.66
C GLU A 105 36.61 -16.52 -1.83
N GLY A 106 36.74 -16.39 -0.51
CA GLY A 106 35.58 -16.27 0.35
C GLY A 106 34.76 -15.04 -0.01
N LEU A 107 35.44 -13.95 -0.32
CA LEU A 107 34.77 -12.70 -0.70
C LEU A 107 33.97 -12.89 -1.99
N ILE A 108 34.61 -13.49 -3.00
CA ILE A 108 33.97 -13.73 -4.29
C ILE A 108 32.71 -14.59 -4.16
N SER A 109 32.85 -15.68 -3.41
CA SER A 109 31.76 -16.61 -3.17
C SER A 109 30.61 -15.95 -2.38
N ALA A 110 30.94 -15.22 -1.32
CA ALA A 110 29.93 -14.56 -0.52
C ALA A 110 29.21 -13.46 -1.33
N SER A 111 29.97 -12.69 -2.10
CA SER A 111 29.43 -11.61 -2.90
C SER A 111 28.48 -12.15 -3.96
N LYS A 112 28.90 -13.23 -4.61
CA LYS A 112 28.09 -13.88 -5.62
C LYS A 112 26.71 -14.28 -5.06
N ALA A 113 26.72 -14.82 -3.85
CA ALA A 113 25.50 -15.27 -3.23
C ALA A 113 24.54 -14.12 -2.93
N VAL A 114 25.07 -12.96 -2.57
CA VAL A 114 24.22 -11.80 -2.28
C VAL A 114 23.55 -11.34 -3.57
N GLY A 115 24.34 -11.29 -4.64
CA GLY A 115 23.80 -10.91 -5.94
C GLY A 115 22.67 -11.80 -6.32
N TRP A 116 22.89 -13.12 -6.21
CA TRP A 116 21.85 -14.08 -6.53
C TRP A 116 20.65 -13.89 -5.56
N GLY A 117 20.93 -13.64 -4.28
CA GLY A 117 19.86 -13.44 -3.31
C GLY A 117 18.96 -12.27 -3.69
N ALA A 118 19.58 -11.20 -4.19
CA ALA A 118 18.81 -10.03 -4.62
C ALA A 118 17.92 -10.43 -5.79
N THR A 119 18.48 -11.13 -6.78
CA THR A 119 17.71 -11.52 -7.96
C THR A 119 16.54 -12.42 -7.55
N GLN A 120 16.79 -13.33 -6.62
CA GLN A 120 15.75 -14.24 -6.13
C GLN A 120 14.61 -13.44 -5.46
N LEU A 121 14.97 -12.49 -4.60
CA LEU A 121 13.94 -11.72 -3.92
C LEU A 121 13.07 -10.92 -4.89
N VAL A 122 13.69 -10.30 -5.90
CA VAL A 122 12.93 -9.53 -6.90
C VAL A 122 11.93 -10.43 -7.61
N GLU A 123 12.38 -11.62 -8.01
CA GLU A 123 11.50 -12.56 -8.69
C GLU A 123 10.32 -13.00 -7.81
N ALA A 124 10.58 -13.28 -6.53
CA ALA A 124 9.51 -13.71 -5.65
C ALA A 124 8.49 -12.57 -5.49
N ALA A 125 8.99 -11.36 -5.31
CA ALA A 125 8.12 -10.19 -5.18
C ALA A 125 7.27 -10.03 -6.45
N ASP A 126 7.91 -10.15 -7.61
CA ASP A 126 7.21 -10.02 -8.88
C ASP A 126 6.10 -11.07 -9.01
N LYS A 127 6.43 -12.30 -8.68
CA LYS A 127 5.45 -13.36 -8.84
C LYS A 127 4.23 -13.18 -7.99
N VAL A 128 4.43 -12.82 -6.72
CA VAL A 128 3.27 -12.68 -5.85
C VAL A 128 2.51 -11.39 -6.10
N VAL A 129 3.21 -10.31 -6.37
CA VAL A 129 2.53 -9.04 -6.59
C VAL A 129 1.83 -8.93 -7.93
N LEU A 130 2.49 -9.34 -8.99
CA LEU A 130 1.93 -9.24 -10.32
C LEU A 130 1.38 -10.54 -10.90
N HIS A 131 1.62 -11.67 -10.24
CA HIS A 131 1.13 -12.93 -10.78
C HIS A 131 0.51 -13.80 -9.68
N THR A 132 0.73 -15.11 -9.74
CA THR A 132 0.13 -16.00 -8.74
C THR A 132 1.08 -16.61 -7.73
N GLY A 133 2.27 -16.02 -7.60
CA GLY A 133 3.24 -16.56 -6.66
C GLY A 133 2.78 -16.49 -5.22
N LYS A 134 3.49 -17.20 -4.35
CA LYS A 134 3.14 -17.24 -2.93
C LYS A 134 3.90 -16.22 -2.12
N TYR A 135 3.20 -15.69 -1.12
CA TYR A 135 3.80 -14.74 -0.18
C TYR A 135 4.85 -15.48 0.61
N GLU A 136 4.65 -16.80 0.77
CA GLU A 136 5.59 -17.62 1.52
C GLU A 136 6.97 -17.58 0.90
N GLU A 137 7.01 -17.59 -0.43
CA GLU A 137 8.26 -17.57 -1.18
C GLU A 137 9.00 -16.24 -0.93
N LEU A 138 8.27 -15.14 -0.90
CA LEU A 138 8.92 -13.85 -0.61
C LEU A 138 9.53 -13.88 0.80
N ILE A 139 8.83 -14.46 1.77
CA ILE A 139 9.37 -14.53 3.13
C ILE A 139 10.69 -15.33 3.20
N VAL A 140 10.75 -16.48 2.52
CA VAL A 140 11.96 -17.32 2.53
C VAL A 140 13.12 -16.57 1.86
N CYS A 141 12.83 -15.94 0.72
CA CYS A 141 13.88 -15.20 0.03
C CYS A 141 14.40 -14.07 0.89
N SER A 142 13.53 -13.50 1.73
CA SER A 142 13.95 -12.43 2.60
C SER A 142 14.93 -12.99 3.61
N HIS A 143 14.61 -14.17 4.16
CA HIS A 143 15.51 -14.80 5.12
C HIS A 143 16.82 -15.19 4.43
N GLU A 144 16.72 -15.72 3.24
CA GLU A 144 17.96 -16.13 2.55
C GLU A 144 18.91 -14.99 2.18
N ILE A 145 18.38 -13.86 1.73
CA ILE A 145 19.26 -12.76 1.36
C ILE A 145 19.94 -12.21 2.64
N ALA A 146 19.22 -12.17 3.76
CA ALA A 146 19.84 -11.72 5.00
C ALA A 146 20.96 -12.70 5.40
N ALA A 147 20.73 -13.99 5.16
CA ALA A 147 21.75 -14.98 5.49
C ALA A 147 22.98 -14.73 4.59
N SER A 148 22.77 -14.48 3.31
CA SER A 148 23.90 -14.22 2.41
C SER A 148 24.70 -12.97 2.78
N THR A 149 24.04 -11.90 3.25
CA THR A 149 24.77 -10.70 3.61
C THR A 149 25.58 -10.92 4.89
N ALA A 150 25.01 -11.62 5.87
CA ALA A 150 25.77 -11.90 7.09
C ALA A 150 27.03 -12.70 6.72
N GLN A 151 26.94 -13.53 5.68
CA GLN A 151 28.10 -14.32 5.23
C GLN A 151 29.10 -13.42 4.53
N LEU A 152 28.62 -12.41 3.80
CA LEU A 152 29.54 -11.48 3.16
C LEU A 152 30.28 -10.72 4.25
N VAL A 153 29.56 -10.36 5.30
CA VAL A 153 30.18 -9.63 6.40
C VAL A 153 31.26 -10.49 7.09
N ALA A 154 30.95 -11.76 7.35
CA ALA A 154 31.92 -12.63 8.01
C ALA A 154 33.15 -12.88 7.12
N ALA A 155 32.92 -13.04 5.83
CA ALA A 155 34.03 -13.29 4.90
C ALA A 155 34.95 -12.08 4.85
N SER A 156 34.37 -10.89 5.00
CA SER A 156 35.11 -9.64 4.99
C SER A 156 35.87 -9.46 6.29
N LYS A 157 35.23 -9.86 7.38
CA LYS A 157 35.77 -9.76 8.74
C LYS A 157 37.01 -10.61 9.04
N VAL A 158 37.10 -11.78 8.41
CA VAL A 158 38.22 -12.68 8.63
C VAL A 158 39.59 -12.01 8.73
N LYS A 159 40.00 -11.30 7.68
CA LYS A 159 41.31 -10.64 7.69
C LYS A 159 41.24 -9.24 8.29
N ALA A 160 40.12 -8.91 8.92
CA ALA A 160 39.96 -7.58 9.49
C ALA A 160 40.37 -7.49 10.95
N ASN A 161 39.94 -6.39 11.57
CA ASN A 161 40.20 -6.10 12.97
C ASN A 161 39.42 -4.83 13.27
N LYS A 162 39.38 -4.41 14.52
CA LYS A 162 38.65 -3.19 14.89
C LYS A 162 39.16 -1.96 14.12
N HIS A 163 39.12 -2.00 12.80
CA HIS A 163 39.62 -0.88 11.99
C HIS A 163 38.67 -0.35 10.92
N SER A 164 39.08 0.73 10.27
CA SER A 164 38.30 1.41 9.23
C SER A 164 38.38 0.77 7.84
N PRO A 165 37.41 1.06 6.94
CA PRO A 165 36.25 1.94 7.16
C PRO A 165 35.28 1.27 8.13
N HIS A 166 35.78 1.09 9.36
CA HIS A 166 35.06 0.49 10.46
C HIS A 166 34.50 -0.91 10.23
N LEU A 167 35.02 -1.85 11.00
CA LEU A 167 34.55 -3.21 10.96
C LEU A 167 33.24 -3.10 11.72
N SER A 168 33.19 -2.19 12.69
CA SER A 168 31.99 -1.99 13.49
C SER A 168 30.86 -1.44 12.62
N ARG A 169 31.20 -0.56 11.69
CA ARG A 169 30.19 0.01 10.81
C ARG A 169 29.58 -1.08 9.94
N LEU A 170 30.41 -1.99 9.45
CA LEU A 170 29.91 -3.06 8.61
C LEU A 170 28.98 -3.95 9.44
N GLN A 171 29.38 -4.22 10.68
CA GLN A 171 28.56 -5.05 11.56
C GLN A 171 27.21 -4.40 11.86
N GLU A 172 27.22 -3.09 12.08
CA GLU A 172 25.95 -2.39 12.32
C GLU A 172 25.08 -2.54 11.08
N CYS A 173 25.68 -2.34 9.90
CA CYS A 173 24.96 -2.45 8.64
C CYS A 173 24.27 -3.80 8.53
N SER A 174 24.90 -4.83 9.09
CA SER A 174 24.33 -6.16 9.02
C SER A 174 23.10 -6.22 9.92
N ARG A 175 23.20 -5.62 11.12
CA ARG A 175 22.06 -5.63 12.03
C ARG A 175 20.90 -4.92 11.34
N THR A 176 21.19 -3.78 10.72
CA THR A 176 20.16 -3.02 10.01
C THR A 176 19.50 -3.86 8.91
N VAL A 177 20.28 -4.59 8.13
CA VAL A 177 19.71 -5.43 7.08
C VAL A 177 18.82 -6.50 7.73
N ASN A 178 19.27 -7.09 8.82
CA ASN A 178 18.48 -8.13 9.46
C ASN A 178 17.15 -7.57 9.95
N GLU A 179 17.18 -6.34 10.43
CA GLU A 179 15.96 -5.70 10.93
C GLU A 179 15.05 -5.39 9.76
N ARG A 180 15.63 -5.07 8.61
CA ARG A 180 14.80 -4.76 7.45
C ARG A 180 14.19 -5.98 6.84
N ALA A 181 14.90 -7.12 6.97
CA ALA A 181 14.41 -8.36 6.41
C ALA A 181 13.24 -8.83 7.29
N ALA A 182 13.39 -8.61 8.59
CA ALA A 182 12.34 -8.99 9.53
C ALA A 182 11.10 -8.13 9.23
N ASN A 183 11.31 -6.90 8.80
CA ASN A 183 10.19 -5.98 8.47
C ASN A 183 9.49 -6.43 7.21
N VAL A 184 10.24 -6.99 6.24
CA VAL A 184 9.58 -7.47 5.05
C VAL A 184 8.69 -8.63 5.47
N VAL A 185 9.20 -9.46 6.37
CA VAL A 185 8.40 -10.59 6.81
C VAL A 185 7.15 -10.12 7.59
N ALA A 186 7.32 -9.19 8.52
CA ALA A 186 6.17 -8.71 9.30
C ALA A 186 5.17 -8.02 8.39
N SER A 187 5.68 -7.34 7.37
CA SER A 187 4.82 -6.64 6.43
C SER A 187 4.05 -7.59 5.52
N THR A 188 4.67 -8.70 5.14
CA THR A 188 4.00 -9.66 4.28
C THR A 188 2.91 -10.40 5.10
N LYS A 189 3.21 -10.73 6.35
CA LYS A 189 2.22 -11.40 7.20
C LYS A 189 1.06 -10.45 7.52
N SER A 190 1.38 -9.22 7.90
CA SER A 190 0.36 -8.23 8.20
C SER A 190 -0.57 -8.07 7.01
N GLY A 191 0.02 -7.85 5.84
CA GLY A 191 -0.75 -7.66 4.62
C GLY A 191 -1.59 -8.85 4.22
N GLN A 192 -1.02 -10.05 4.33
CA GLN A 192 -1.74 -11.27 3.96
C GLN A 192 -2.99 -11.46 4.82
N GLU A 193 -2.87 -11.25 6.12
CA GLU A 193 -4.02 -11.40 7.03
C GLU A 193 -4.99 -10.23 6.88
N GLN A 194 -4.61 -9.22 6.13
CA GLN A 194 -5.49 -8.06 5.92
C GLN A 194 -6.30 -8.34 4.68
N ILE A 195 -5.72 -9.10 3.77
CA ILE A 195 -6.38 -9.45 2.52
C ILE A 195 -7.41 -10.53 2.76
N GLU A 196 -7.04 -11.56 3.52
CA GLU A 196 -7.94 -12.67 3.79
C GLU A 196 -9.03 -12.29 4.81
N ASP A 197 -8.84 -11.17 5.49
CA ASP A 197 -9.80 -10.70 6.50
C ASP A 197 -10.85 -9.70 5.98
N ARG A 198 -10.71 -9.25 4.75
CA ARG A 198 -11.66 -8.30 4.17
C ARG A 198 -12.71 -9.06 3.37
N ASP A 199 -12.34 -10.28 2.98
CA ASP A 199 -13.20 -11.14 2.16
C ASP A 199 -14.16 -12.05 2.93
N THR A 200 -13.78 -12.44 4.14
CA THR A 200 -14.62 -13.36 4.92
C THR A 200 -15.85 -12.79 5.62
N ASP B 8 -47.35 -5.25 36.88
CA ASP B 8 -48.26 -6.17 36.14
C ASP B 8 -49.44 -5.41 35.54
N VAL B 9 -49.57 -5.46 34.21
CA VAL B 9 -50.66 -4.78 33.50
C VAL B 9 -51.97 -5.53 33.65
N ARG B 10 -53.00 -4.85 34.16
CA ARG B 10 -54.32 -5.46 34.32
C ARG B 10 -54.75 -5.97 32.95
N GLN B 11 -55.29 -7.19 32.93
CA GLN B 11 -55.72 -7.79 31.68
C GLN B 11 -56.72 -6.91 30.95
N GLU B 12 -57.65 -6.34 31.71
CA GLU B 12 -58.70 -5.52 31.11
C GLU B 12 -58.19 -4.24 30.45
N GLU B 13 -56.98 -3.82 30.76
CA GLU B 13 -56.47 -2.60 30.13
C GLU B 13 -55.25 -2.87 29.24
N LEU B 14 -55.07 -4.12 28.80
CA LEU B 14 -53.94 -4.45 27.94
C LEU B 14 -54.04 -3.73 26.59
N GLY B 15 -55.26 -3.57 26.11
CA GLY B 15 -55.49 -2.89 24.84
C GLY B 15 -54.98 -1.46 24.87
N ALA B 16 -55.33 -0.74 25.93
CA ALA B 16 -54.88 0.66 26.05
C ALA B 16 -53.38 0.74 26.23
N VAL B 17 -52.81 -0.21 26.96
CA VAL B 17 -51.38 -0.23 27.20
C VAL B 17 -50.59 -0.52 25.90
N VAL B 18 -51.05 -1.44 25.05
CA VAL B 18 -50.31 -1.72 23.81
C VAL B 18 -50.48 -0.55 22.86
N ASP B 19 -51.68 0.02 22.81
CA ASP B 19 -51.89 1.19 21.96
C ASP B 19 -50.88 2.26 22.38
N LYS B 20 -50.80 2.54 23.68
CA LYS B 20 -49.86 3.52 24.18
C LYS B 20 -48.40 3.17 23.95
N GLU B 21 -48.03 1.89 24.11
CA GLU B 21 -46.64 1.47 23.92
C GLU B 21 -46.22 1.69 22.48
N ALA B 23 -47.49 3.75 20.25
CA ALA B 23 -47.34 5.20 20.00
C ALA B 23 -46.09 5.77 20.67
N ALA B 24 -45.77 5.28 21.87
CA ALA B 24 -44.57 5.78 22.56
C ALA B 24 -43.28 5.33 21.83
N THR B 25 -43.30 4.16 21.21
CA THR B 25 -42.13 3.69 20.50
C THR B 25 -41.97 4.50 19.23
N SER B 26 -43.06 4.74 18.53
CA SER B 26 -42.97 5.56 17.33
C SER B 26 -42.44 6.95 17.69
N ALA B 27 -42.82 7.47 18.85
CA ALA B 27 -42.35 8.80 19.29
C ALA B 27 -40.87 8.78 19.67
N ALA B 28 -40.41 7.66 20.24
CA ALA B 28 -39.02 7.55 20.65
C ALA B 28 -38.15 7.43 19.39
N ILE B 29 -38.70 6.83 18.35
CA ILE B 29 -37.98 6.66 17.10
C ILE B 29 -37.92 8.04 16.42
N GLU B 30 -39.01 8.79 16.45
CA GLU B 30 -39.00 10.12 15.86
C GLU B 30 -38.01 10.98 16.63
N ASP B 31 -38.00 10.83 17.96
CA ASP B 31 -37.06 11.59 18.75
C ASP B 31 -35.63 11.21 18.34
N ALA B 32 -35.44 9.92 18.03
CA ALA B 32 -34.10 9.45 17.66
C ALA B 32 -33.63 10.12 16.37
N VAL B 33 -34.48 10.15 15.35
CA VAL B 33 -34.14 10.79 14.08
C VAL B 33 -33.77 12.25 14.34
N ARG B 34 -34.59 12.98 15.11
CA ARG B 34 -34.29 14.39 15.41
C ARG B 34 -32.96 14.59 16.09
N ARG B 35 -32.67 13.75 17.08
CA ARG B 35 -31.44 13.89 17.81
C ARG B 35 -30.21 13.56 16.97
N ILE B 36 -30.29 12.48 16.20
CA ILE B 36 -29.16 12.08 15.37
C ILE B 36 -28.92 13.18 14.33
N GLU B 37 -30.00 13.65 13.71
CA GLU B 37 -29.83 14.70 12.72
C GLU B 37 -29.22 15.94 13.33
N ASP B 38 -29.63 16.31 14.54
CA ASP B 38 -29.07 17.50 15.17
C ASP B 38 -27.58 17.30 15.40
N ASN B 41 -25.26 18.53 12.70
CA ASN B 41 -24.93 19.97 12.79
C ASN B 41 -23.95 20.24 13.92
N GLN B 42 -24.17 19.64 15.08
CA GLN B 42 -23.27 19.87 16.21
C GLN B 42 -21.85 19.36 15.97
N ALA B 43 -21.73 18.26 15.24
CA ALA B 43 -20.42 17.68 14.97
C ALA B 43 -19.52 18.70 14.28
N ARG B 44 -20.09 19.45 13.32
CA ARG B 44 -19.37 20.48 12.59
C ARG B 44 -18.70 21.49 13.52
N HIS B 45 -19.28 21.72 14.69
CA HIS B 45 -18.72 22.66 15.66
C HIS B 45 -17.79 22.00 16.68
N ALA B 46 -17.66 20.68 16.61
CA ALA B 46 -16.81 20.00 17.57
C ALA B 46 -15.66 19.19 16.94
N SER B 47 -15.60 19.16 15.62
CA SER B 47 -14.56 18.40 14.94
C SER B 47 -14.41 18.86 13.50
N SER B 48 -13.41 18.31 12.81
CA SER B 48 -13.15 18.67 11.42
C SER B 48 -12.38 17.58 10.68
N GLY B 49 -12.04 17.87 9.43
CA GLY B 49 -11.28 16.92 8.62
C GLY B 49 -11.88 15.54 8.59
N VAL B 50 -11.00 14.54 8.53
CA VAL B 50 -11.40 13.14 8.46
C VAL B 50 -12.43 12.74 9.51
N LYS B 51 -12.18 13.10 10.76
CA LYS B 51 -13.09 12.75 11.85
C LYS B 51 -14.50 13.25 11.57
N LEU B 52 -14.62 14.52 11.18
CA LEU B 52 -15.93 15.10 10.88
C LEU B 52 -16.56 14.36 9.73
N GLU B 53 -15.76 14.12 8.69
CA GLU B 53 -16.27 13.44 7.52
C GLU B 53 -16.75 11.99 7.74
N VAL B 54 -16.03 11.25 8.57
CA VAL B 54 -16.48 9.87 8.81
C VAL B 54 -17.66 9.85 9.78
N ASN B 55 -17.66 10.76 10.75
CA ASN B 55 -18.77 10.77 11.68
C ASN B 55 -20.06 11.25 11.02
N GLU B 56 -19.94 12.13 10.01
CA GLU B 56 -21.16 12.56 9.32
C GLU B 56 -21.68 11.35 8.56
N ARG B 57 -20.79 10.54 8.00
CA ARG B 57 -21.26 9.38 7.27
C ARG B 57 -21.95 8.41 8.22
N ILE B 58 -21.39 8.24 9.41
CA ILE B 58 -22.00 7.32 10.35
C ILE B 58 -23.37 7.81 10.80
N LEU B 59 -23.46 9.10 11.14
CA LEU B 59 -24.72 9.67 11.58
C LEU B 59 -25.78 9.52 10.51
N ASN B 60 -25.39 9.75 9.26
CA ASN B 60 -26.34 9.65 8.20
C ASN B 60 -26.82 8.22 8.05
N SER B 61 -25.89 7.27 8.22
CA SER B 61 -26.22 5.86 8.14
C SER B 61 -27.16 5.50 9.34
N CYS B 62 -26.89 6.08 10.50
CA CYS B 62 -27.75 5.81 11.67
C CYS B 62 -29.14 6.38 11.42
N THR B 63 -29.18 7.55 10.81
CA THR B 63 -30.46 8.17 10.51
C THR B 63 -31.24 7.31 9.56
N ASP B 64 -30.58 6.75 8.54
CA ASP B 64 -31.24 5.90 7.56
C ASP B 64 -31.84 4.69 8.27
N LEU B 65 -31.09 4.13 9.21
CA LEU B 65 -31.56 2.97 9.96
C LEU B 65 -32.79 3.37 10.76
N LYS B 67 -34.93 5.66 10.23
CA LYS B 67 -36.09 5.88 9.38
C LYS B 67 -36.68 4.58 8.90
N ALA B 68 -35.84 3.58 8.67
CA ALA B 68 -36.38 2.29 8.25
C ALA B 68 -37.10 1.68 9.48
N ILE B 69 -36.60 1.91 10.68
CA ILE B 69 -37.27 1.36 11.88
C ILE B 69 -38.62 2.09 12.07
N ARG B 70 -38.65 3.38 11.82
CA ARG B 70 -39.89 4.15 11.93
C ARG B 70 -40.97 3.49 11.06
N LEU B 71 -40.60 3.16 9.83
CA LEU B 71 -41.54 2.53 8.91
C LEU B 71 -41.94 1.14 9.39
N LEU B 72 -40.99 0.40 9.93
CA LEU B 72 -41.31 -0.94 10.40
C LEU B 72 -42.33 -0.92 11.55
N VAL B 73 -42.12 -0.03 12.52
CA VAL B 73 -43.02 0.06 13.67
C VAL B 73 -44.40 0.50 13.22
N THR B 74 -44.45 1.49 12.33
CA THR B 74 -45.73 1.95 11.81
C THR B 74 -46.48 0.80 11.11
N THR B 75 -45.77 0.06 10.27
CA THR B 75 -46.33 -1.08 9.56
C THR B 75 -46.75 -2.17 10.56
N SER B 76 -45.95 -2.34 11.61
CA SER B 76 -46.26 -3.33 12.64
C SER B 76 -47.57 -2.93 13.32
N THR B 77 -47.71 -1.65 13.62
CA THR B 77 -48.93 -1.19 14.27
C THR B 77 -50.13 -1.46 13.36
N SER B 78 -49.97 -1.25 12.05
CA SER B 78 -51.04 -1.47 11.10
C SER B 78 -51.47 -2.92 11.05
N LEU B 79 -50.49 -3.81 11.09
CA LEU B 79 -50.77 -5.23 11.06
C LEU B 79 -51.55 -5.65 12.32
N GLN B 80 -51.10 -5.17 13.48
CA GLN B 80 -51.77 -5.51 14.74
C GLN B 80 -53.24 -5.09 14.68
N LYS B 81 -53.48 -3.87 14.23
CA LYS B 81 -54.84 -3.39 14.12
C LYS B 81 -55.66 -4.22 13.14
N GLU B 82 -55.09 -4.57 11.99
CA GLU B 82 -55.85 -5.39 11.03
C GLU B 82 -56.25 -6.69 11.68
N ILE B 83 -55.30 -7.32 12.36
CA ILE B 83 -55.54 -8.60 13.04
C ILE B 83 -56.68 -8.42 14.03
N VAL B 84 -56.63 -7.36 14.82
CA VAL B 84 -57.68 -7.08 15.79
C VAL B 84 -59.03 -6.80 15.12
N GLU B 85 -59.07 -5.92 14.13
CA GLU B 85 -60.31 -5.60 13.46
C GLU B 85 -61.02 -6.79 12.83
N SER B 86 -60.26 -7.70 12.25
CA SER B 86 -60.86 -8.85 11.60
C SER B 86 -61.16 -10.01 12.54
N GLY B 87 -60.52 -10.05 13.70
CA GLY B 87 -60.81 -11.13 14.61
C GLY B 87 -61.70 -10.85 15.80
N ARG B 88 -61.94 -9.57 16.11
CA ARG B 88 -62.75 -9.29 17.29
C ARG B 88 -64.23 -9.55 17.11
N GLY B 89 -64.73 -9.44 15.88
CA GLY B 89 -66.14 -9.68 15.63
C GLY B 89 -67.05 -8.79 16.47
N ALA B 90 -67.88 -9.39 17.32
CA ALA B 90 -68.80 -8.63 18.18
C ALA B 90 -68.10 -8.01 19.40
N ALA B 91 -66.86 -8.41 19.65
CA ALA B 91 -66.12 -7.88 20.79
C ALA B 91 -65.45 -6.54 20.50
N THR B 92 -65.08 -5.83 21.56
CA THR B 92 -64.40 -4.55 21.41
C THR B 92 -62.90 -4.85 21.28
N GLN B 93 -62.11 -3.83 20.94
CA GLN B 93 -60.68 -4.02 20.85
C GLN B 93 -60.18 -4.47 22.23
N GLN B 94 -60.63 -3.80 23.29
CA GLN B 94 -60.22 -4.15 24.65
C GLN B 94 -60.42 -5.65 24.84
N GLU B 95 -61.64 -6.13 24.62
CA GLU B 95 -61.96 -7.54 24.75
C GLU B 95 -61.03 -8.44 23.97
N PHE B 96 -60.82 -8.11 22.70
CA PHE B 96 -59.94 -8.92 21.85
C PHE B 96 -58.54 -9.00 22.44
N TYR B 97 -57.97 -7.87 22.87
CA TYR B 97 -56.63 -7.89 23.47
C TYR B 97 -56.61 -8.67 24.79
N ALA B 98 -57.67 -8.54 25.59
CA ALA B 98 -57.72 -9.24 26.87
C ALA B 98 -57.83 -10.75 26.67
N LYS B 99 -58.57 -11.14 25.65
CA LYS B 99 -58.79 -12.55 25.30
C LYS B 99 -57.55 -13.18 24.66
N ASN B 100 -56.62 -12.35 24.20
CA ASN B 100 -55.40 -12.83 23.58
C ASN B 100 -54.23 -12.19 24.32
N SER B 101 -54.40 -12.07 25.63
CA SER B 101 -53.43 -11.46 26.51
C SER B 101 -51.98 -11.82 26.23
N ARG B 102 -51.70 -13.11 26.07
CA ARG B 102 -50.34 -13.59 25.79
C ARG B 102 -49.74 -12.86 24.59
N TRP B 103 -50.53 -12.76 23.53
CA TRP B 103 -50.11 -12.09 22.31
C TRP B 103 -49.94 -10.60 22.61
N THR B 104 -50.89 -10.00 23.30
CA THR B 104 -50.78 -8.58 23.58
C THR B 104 -49.56 -8.25 24.43
N GLU B 105 -49.28 -9.06 25.45
CA GLU B 105 -48.13 -8.79 26.29
C GLU B 105 -46.85 -8.91 25.48
N GLY B 106 -46.84 -9.83 24.52
CA GLY B 106 -45.66 -10.03 23.69
C GLY B 106 -45.39 -8.78 22.87
N LEU B 107 -46.46 -8.17 22.39
CA LEU B 107 -46.32 -6.94 21.60
C LEU B 107 -45.83 -5.77 22.46
N ILE B 108 -46.35 -5.67 23.68
CA ILE B 108 -45.94 -4.58 24.58
C ILE B 108 -44.45 -4.72 24.90
N SER B 109 -44.07 -5.94 25.22
CA SER B 109 -42.68 -6.26 25.55
C SER B 109 -41.74 -5.96 24.38
N ALA B 110 -42.06 -6.49 23.21
CA ALA B 110 -41.20 -6.27 22.04
C ALA B 110 -41.13 -4.78 21.67
N SER B 111 -42.26 -4.08 21.80
CA SER B 111 -42.30 -2.66 21.48
C SER B 111 -41.43 -1.86 22.44
N LYS B 112 -41.52 -2.17 23.73
CA LYS B 112 -40.73 -1.47 24.73
C LYS B 112 -39.24 -1.65 24.46
N ALA B 113 -38.85 -2.84 24.01
CA ALA B 113 -37.45 -3.11 23.72
C ALA B 113 -36.95 -2.29 22.51
N VAL B 114 -37.78 -2.13 21.48
CA VAL B 114 -37.37 -1.33 20.32
C VAL B 114 -37.16 0.11 20.78
N GLY B 115 -38.05 0.60 21.62
CA GLY B 115 -37.96 1.94 22.15
C GLY B 115 -36.68 2.18 22.89
N TRP B 116 -36.35 1.26 23.80
CA TRP B 116 -35.12 1.37 24.55
C TRP B 116 -33.94 1.22 23.58
N GLY B 117 -34.10 0.34 22.60
CA GLY B 117 -33.03 0.13 21.63
C GLY B 117 -32.69 1.42 20.87
N ALA B 118 -33.72 2.17 20.50
CA ALA B 118 -33.54 3.45 19.81
C ALA B 118 -32.76 4.41 20.71
N THR B 119 -33.20 4.53 21.96
CA THR B 119 -32.54 5.42 22.91
C THR B 119 -31.09 5.02 23.15
N GLN B 120 -30.82 3.73 23.23
CA GLN B 120 -29.46 3.25 23.44
C GLN B 120 -28.57 3.66 22.29
N LEU B 121 -29.06 3.41 21.07
CA LEU B 121 -28.23 3.72 19.90
C LEU B 121 -27.92 5.20 19.81
N VAL B 122 -28.92 6.05 20.03
CA VAL B 122 -28.72 7.50 19.99
C VAL B 122 -27.62 7.89 20.95
N GLU B 123 -27.71 7.37 22.17
CA GLU B 123 -26.69 7.68 23.16
C GLU B 123 -25.30 7.20 22.70
N ALA B 124 -25.21 5.99 22.17
CA ALA B 124 -23.91 5.46 21.72
C ALA B 124 -23.34 6.36 20.61
N ALA B 125 -24.20 6.80 19.70
CA ALA B 125 -23.71 7.67 18.61
C ALA B 125 -23.26 9.02 19.18
N ASP B 126 -24.03 9.56 20.11
CA ASP B 126 -23.68 10.83 20.73
C ASP B 126 -22.32 10.71 21.44
N LYS B 127 -22.13 9.65 22.22
CA LYS B 127 -20.86 9.52 22.94
C LYS B 127 -19.66 9.38 22.00
N VAL B 128 -19.78 8.63 20.91
CA VAL B 128 -18.61 8.50 20.03
C VAL B 128 -18.40 9.70 19.12
N VAL B 129 -19.47 10.28 18.60
CA VAL B 129 -19.32 11.41 17.69
C VAL B 129 -18.92 12.73 18.35
N LEU B 130 -19.55 13.04 19.48
CA LEU B 130 -19.30 14.28 20.20
C LEU B 130 -18.43 14.16 21.46
N HIS B 131 -18.17 12.95 21.95
CA HIS B 131 -17.35 12.82 23.16
C HIS B 131 -16.23 11.78 22.96
N THR B 132 -16.01 10.91 23.93
CA THR B 132 -14.96 9.91 23.77
C THR B 132 -15.48 8.48 23.86
N GLY B 133 -16.75 8.28 23.51
CA GLY B 133 -17.31 6.95 23.55
C GLY B 133 -16.63 6.02 22.55
N LYS B 134 -16.97 4.73 22.60
CA LYS B 134 -16.38 3.73 21.71
C LYS B 134 -17.25 3.42 20.51
N TYR B 135 -16.63 3.27 19.35
CA TYR B 135 -17.34 2.90 18.12
C TYR B 135 -17.86 1.49 18.32
N GLU B 136 -17.18 0.71 19.16
CA GLU B 136 -17.65 -0.66 19.42
C GLU B 136 -19.05 -0.68 20.05
N GLU B 137 -19.32 0.31 20.89
CA GLU B 137 -20.62 0.41 21.57
C GLU B 137 -21.72 0.74 20.55
N LEU B 138 -21.42 1.59 19.58
CA LEU B 138 -22.41 1.89 18.54
C LEU B 138 -22.69 0.64 17.71
N ILE B 139 -21.65 -0.15 17.39
CA ILE B 139 -21.86 -1.36 16.61
C ILE B 139 -22.76 -2.36 17.36
N VAL B 140 -22.53 -2.53 18.65
CA VAL B 140 -23.35 -3.48 19.40
C VAL B 140 -24.79 -2.96 19.46
N CYS B 141 -24.96 -1.68 19.75
CA CYS B 141 -26.31 -1.13 19.80
C CYS B 141 -27.04 -1.27 18.47
N SER B 142 -26.30 -1.22 17.36
CA SER B 142 -26.94 -1.36 16.06
C SER B 142 -27.37 -2.80 15.88
N HIS B 143 -26.55 -3.75 16.36
CA HIS B 143 -26.95 -5.15 16.22
C HIS B 143 -28.16 -5.41 17.09
N GLU B 144 -28.11 -4.92 18.32
CA GLU B 144 -29.23 -5.14 19.23
C GLU B 144 -30.56 -4.55 18.81
N ILE B 145 -30.58 -3.33 18.24
CA ILE B 145 -31.86 -2.75 17.83
C ILE B 145 -32.51 -3.55 16.68
N ALA B 146 -31.69 -4.07 15.76
CA ALA B 146 -32.23 -4.86 14.67
C ALA B 146 -32.78 -6.19 15.21
N ALA B 147 -32.21 -6.68 16.31
CA ALA B 147 -32.70 -7.92 16.89
C ALA B 147 -34.05 -7.56 17.56
N SER B 148 -34.12 -6.39 18.20
CA SER B 148 -35.37 -6.00 18.84
C SER B 148 -36.48 -5.76 17.80
N THR B 149 -36.16 -5.21 16.64
CA THR B 149 -37.22 -5.04 15.62
C THR B 149 -37.63 -6.38 15.01
N ALA B 150 -36.70 -7.32 14.86
CA ALA B 150 -37.10 -8.63 14.33
C ALA B 150 -38.08 -9.30 15.34
N GLN B 151 -37.83 -9.10 16.64
CA GLN B 151 -38.71 -9.67 17.66
C GLN B 151 -40.09 -9.02 17.64
N LEU B 152 -40.15 -7.73 17.29
CA LEU B 152 -41.43 -7.05 17.24
C LEU B 152 -42.18 -7.65 16.06
N VAL B 153 -41.47 -7.85 14.95
CA VAL B 153 -42.08 -8.43 13.76
C VAL B 153 -42.61 -9.84 14.09
N ALA B 154 -41.78 -10.66 14.75
CA ALA B 154 -42.20 -12.01 15.12
C ALA B 154 -43.44 -11.95 16.03
N ALA B 155 -43.39 -11.08 17.04
CA ALA B 155 -44.52 -10.94 17.96
C ALA B 155 -45.78 -10.59 17.19
N SER B 156 -45.64 -9.72 16.20
CA SER B 156 -46.77 -9.30 15.39
C SER B 156 -47.29 -10.42 14.51
N LYS B 157 -46.39 -11.21 13.92
CA LYS B 157 -46.76 -12.32 13.02
C LYS B 157 -47.61 -13.44 13.64
N VAL B 158 -47.41 -13.70 14.93
CA VAL B 158 -48.15 -14.75 15.62
C VAL B 158 -49.61 -14.90 15.19
N LYS B 159 -50.36 -13.80 15.19
CA LYS B 159 -51.78 -13.82 14.82
C LYS B 159 -52.10 -13.38 13.38
N ALA B 160 -51.08 -13.28 12.53
CA ALA B 160 -51.33 -12.86 11.15
C ALA B 160 -51.42 -14.04 10.18
N ASN B 161 -51.91 -13.76 8.97
CA ASN B 161 -52.03 -14.76 7.90
C ASN B 161 -51.74 -13.98 6.63
N LYS B 162 -51.81 -14.62 5.47
CA LYS B 162 -51.59 -13.89 4.23
C LYS B 162 -52.68 -12.82 4.17
N HIS B 163 -52.48 -11.74 4.91
CA HIS B 163 -53.45 -10.64 4.98
C HIS B 163 -52.75 -9.31 5.27
N SER B 164 -53.42 -8.21 4.95
CA SER B 164 -52.88 -6.86 5.13
C SER B 164 -53.16 -6.26 6.52
N PRO B 165 -52.58 -5.07 6.83
CA PRO B 165 -51.67 -4.24 6.01
C PRO B 165 -50.38 -4.99 5.75
N HIS B 166 -50.53 -6.04 4.96
CA HIS B 166 -49.48 -6.92 4.54
C HIS B 166 -48.45 -7.36 5.55
N LEU B 167 -48.44 -8.66 5.76
CA LEU B 167 -47.50 -9.31 6.62
C LEU B 167 -46.24 -9.18 5.78
N SER B 168 -46.43 -9.17 4.46
CA SER B 168 -45.33 -9.07 3.50
C SER B 168 -44.60 -7.75 3.61
N ARG B 169 -45.35 -6.65 3.57
CA ARG B 169 -44.76 -5.34 3.67
C ARG B 169 -43.91 -5.23 4.95
N LEU B 170 -44.45 -5.77 6.05
CA LEU B 170 -43.75 -5.74 7.33
C LEU B 170 -42.47 -6.56 7.24
N GLN B 171 -42.55 -7.69 6.53
CA GLN B 171 -41.39 -8.54 6.36
C GLN B 171 -40.37 -7.84 5.48
N GLU B 172 -40.83 -7.07 4.50
CA GLU B 172 -39.92 -6.32 3.63
C GLU B 172 -39.23 -5.26 4.48
N CYS B 173 -39.99 -4.65 5.40
CA CYS B 173 -39.46 -3.62 6.28
C CYS B 173 -38.37 -4.20 7.16
N SER B 174 -38.57 -5.44 7.58
CA SER B 174 -37.62 -6.05 8.48
C SER B 174 -36.30 -6.31 7.76
N ARG B 175 -36.39 -6.69 6.48
CA ARG B 175 -35.21 -6.94 5.66
C ARG B 175 -34.44 -5.65 5.50
N THR B 176 -35.17 -4.58 5.21
CA THR B 176 -34.59 -3.26 5.04
C THR B 176 -33.89 -2.84 6.32
N VAL B 177 -34.55 -3.02 7.47
CA VAL B 177 -33.92 -2.65 8.72
C VAL B 177 -32.63 -3.42 8.94
N ASN B 178 -32.65 -4.74 8.73
CA ASN B 178 -31.45 -5.55 8.94
C ASN B 178 -30.32 -5.07 8.00
N GLU B 179 -30.69 -4.70 6.78
CA GLU B 179 -29.71 -4.20 5.82
C GLU B 179 -29.14 -2.86 6.25
N ARG B 180 -30.02 -1.95 6.67
CA ARG B 180 -29.56 -0.65 7.12
C ARG B 180 -28.68 -0.78 8.35
N ALA B 181 -28.96 -1.77 9.20
CA ALA B 181 -28.18 -1.96 10.43
C ALA B 181 -26.79 -2.48 10.06
N ALA B 182 -26.73 -3.33 9.05
CA ALA B 182 -25.45 -3.88 8.60
C ALA B 182 -24.67 -2.72 7.99
N ASN B 183 -25.36 -1.82 7.29
CA ASN B 183 -24.68 -0.64 6.70
C ASN B 183 -24.09 0.24 7.78
N VAL B 184 -24.81 0.37 8.90
CA VAL B 184 -24.28 1.21 9.97
C VAL B 184 -22.99 0.55 10.48
N VAL B 185 -23.04 -0.76 10.68
CA VAL B 185 -21.88 -1.43 11.24
C VAL B 185 -20.70 -1.27 10.31
N ALA B 186 -20.95 -1.43 9.02
CA ALA B 186 -19.86 -1.32 8.05
C ALA B 186 -19.27 0.08 8.00
N SER B 187 -20.12 1.11 8.03
CA SER B 187 -19.63 2.47 8.00
C SER B 187 -18.89 2.83 9.28
N THR B 188 -19.30 2.23 10.40
CA THR B 188 -18.65 2.52 11.66
C THR B 188 -17.24 1.88 11.69
N LYS B 189 -17.15 0.62 11.29
CA LYS B 189 -15.85 -0.07 11.28
C LYS B 189 -14.89 0.72 10.41
N SER B 190 -15.33 1.07 9.21
CA SER B 190 -14.51 1.83 8.26
C SER B 190 -14.09 3.18 8.81
N GLY B 191 -15.04 3.92 9.36
CA GLY B 191 -14.72 5.22 9.90
C GLY B 191 -13.76 5.12 11.05
N GLN B 192 -13.95 4.13 11.92
CA GLN B 192 -13.05 3.96 13.07
C GLN B 192 -11.60 3.85 12.60
N GLU B 193 -11.39 3.04 11.57
CA GLU B 193 -10.05 2.82 11.07
C GLU B 193 -9.48 4.03 10.34
N GLN B 194 -10.30 4.71 9.52
CA GLN B 194 -9.81 5.89 8.82
C GLN B 194 -9.34 6.91 9.82
N ILE B 195 -10.10 7.08 10.90
CA ILE B 195 -9.73 8.02 11.93
C ILE B 195 -8.41 7.59 12.59
N GLU B 196 -8.19 6.27 12.67
CA GLU B 196 -6.95 5.78 13.26
C GLU B 196 -5.76 6.03 12.34
N ASP B 197 -6.02 6.22 11.05
CA ASP B 197 -4.96 6.50 10.09
C ASP B 197 -4.43 7.93 10.26
N ASP C 8 26.75 -35.63 4.78
CA ASP C 8 27.14 -34.69 5.86
C ASP C 8 26.99 -35.39 7.22
N VAL C 9 28.12 -35.76 7.81
CA VAL C 9 28.11 -36.45 9.10
C VAL C 9 27.53 -35.58 10.20
N ARG C 10 26.60 -36.14 10.98
CA ARG C 10 25.99 -35.39 12.07
C ARG C 10 27.11 -34.91 12.97
N GLN C 11 27.00 -33.66 13.39
CA GLN C 11 27.99 -33.06 14.26
C GLN C 11 28.12 -33.82 15.58
N GLU C 12 27.00 -34.29 16.13
CA GLU C 12 27.09 -35.00 17.41
C GLU C 12 27.72 -36.38 17.33
N GLU C 13 27.92 -36.91 16.13
CA GLU C 13 28.55 -38.23 16.00
C GLU C 13 29.91 -38.13 15.30
N LEU C 14 30.43 -36.91 15.15
CA LEU C 14 31.72 -36.71 14.51
C LEU C 14 32.86 -37.46 15.18
N GLY C 15 32.81 -37.56 16.50
CA GLY C 15 33.84 -38.27 17.23
C GLY C 15 33.87 -39.75 16.85
N ALA C 16 32.69 -40.37 16.82
CA ALA C 16 32.59 -41.80 16.47
C ALA C 16 33.10 -42.03 15.04
N VAL C 17 32.72 -41.13 14.14
CA VAL C 17 33.12 -41.23 12.75
C VAL C 17 34.62 -41.04 12.51
N VAL C 18 35.27 -40.10 13.20
CA VAL C 18 36.70 -39.92 13.00
C VAL C 18 37.44 -41.10 13.62
N ASP C 19 36.94 -41.61 14.75
CA ASP C 19 37.58 -42.76 15.39
C ASP C 19 37.53 -43.96 14.44
N LYS C 20 36.35 -44.20 13.87
CA LYS C 20 36.17 -45.28 12.92
C LYS C 20 37.00 -45.07 11.64
N GLU C 21 37.11 -43.82 11.17
CA GLU C 21 37.89 -43.57 9.95
C GLU C 21 39.38 -43.84 10.15
N ALA C 23 40.71 -45.82 12.25
CA ALA C 23 40.84 -47.27 12.35
C ALA C 23 40.73 -47.95 10.98
N ALA C 24 39.84 -47.43 10.14
CA ALA C 24 39.64 -47.99 8.83
C ALA C 24 40.88 -47.73 7.96
N THR C 25 41.46 -46.53 8.08
CA THR C 25 42.64 -46.17 7.33
C THR C 25 43.81 -47.06 7.75
N SER C 26 43.97 -47.28 9.06
CA SER C 26 45.04 -48.14 9.55
C SER C 26 44.86 -49.58 9.05
N ALA C 27 43.61 -50.05 9.01
CA ALA C 27 43.30 -51.42 8.54
C ALA C 27 43.55 -51.55 7.02
N ALA C 28 43.24 -50.48 6.28
CA ALA C 28 43.45 -50.48 4.84
C ALA C 28 44.97 -50.51 4.56
N ILE C 29 45.76 -49.87 5.43
CA ILE C 29 47.21 -49.85 5.26
C ILE C 29 47.79 -51.24 5.55
N GLU C 30 47.27 -51.90 6.58
CA GLU C 30 47.74 -53.26 6.88
C GLU C 30 47.35 -54.20 5.74
N ASP C 31 46.14 -54.02 5.19
CA ASP C 31 45.69 -54.83 4.08
C ASP C 31 46.62 -54.59 2.88
N ALA C 32 47.12 -53.37 2.73
CA ALA C 32 48.02 -53.09 1.60
C ALA C 32 49.36 -53.80 1.84
N VAL C 33 49.87 -53.76 3.06
CA VAL C 33 51.12 -54.45 3.33
C VAL C 33 50.98 -55.94 2.99
N ARG C 34 49.87 -56.56 3.39
CA ARG C 34 49.68 -57.99 3.13
C ARG C 34 49.51 -58.32 1.66
N ARG C 35 48.80 -57.45 0.95
CA ARG C 35 48.54 -57.70 -0.44
C ARG C 35 49.82 -57.58 -1.26
N ILE C 36 50.60 -56.56 -0.97
CA ILE C 36 51.86 -56.30 -1.65
C ILE C 36 52.85 -57.45 -1.35
N GLU C 37 52.95 -57.84 -0.08
CA GLU C 37 53.83 -58.96 0.25
C GLU C 37 53.36 -60.26 -0.44
N ASP C 38 52.05 -60.48 -0.57
CA ASP C 38 51.54 -61.70 -1.21
C ASP C 38 51.95 -61.70 -2.69
N ASN C 41 55.14 -63.37 -3.74
CA ASN C 41 55.04 -64.81 -3.96
C ASN C 41 54.38 -65.08 -5.29
N GLN C 42 53.41 -64.28 -5.66
CA GLN C 42 52.72 -64.53 -6.91
C GLN C 42 53.59 -64.15 -8.12
N ALA C 43 54.47 -63.18 -7.95
CA ALA C 43 55.32 -62.70 -9.02
C ALA C 43 56.26 -63.83 -9.42
N ARG C 44 56.73 -64.56 -8.42
CA ARG C 44 57.62 -65.68 -8.62
C ARG C 44 57.02 -66.75 -9.53
N HIS C 45 55.69 -66.80 -9.60
CA HIS C 45 54.99 -67.77 -10.44
C HIS C 45 54.27 -67.09 -11.60
N ALA C 46 54.84 -66.01 -12.12
CA ALA C 46 54.22 -65.31 -13.24
C ALA C 46 55.29 -64.84 -14.20
N SER C 47 56.34 -64.26 -13.64
CA SER C 47 57.46 -63.77 -14.44
C SER C 47 58.71 -64.49 -13.97
N SER C 48 59.85 -64.11 -14.52
CA SER C 48 61.11 -64.73 -14.16
C SER C 48 62.24 -63.87 -14.69
N GLY C 49 63.45 -64.13 -14.19
CA GLY C 49 64.60 -63.39 -14.63
C GLY C 49 64.72 -61.96 -14.14
N VAL C 50 65.30 -61.11 -14.98
CA VAL C 50 65.49 -59.71 -14.63
C VAL C 50 64.17 -59.04 -14.25
N LYS C 51 63.11 -59.35 -14.97
CA LYS C 51 61.79 -58.78 -14.71
C LYS C 51 61.32 -59.17 -13.33
N LEU C 52 61.48 -60.44 -12.96
CA LEU C 52 61.09 -60.90 -11.63
C LEU C 52 61.95 -60.19 -10.57
N GLU C 53 63.25 -60.11 -10.80
CA GLU C 53 64.14 -59.46 -9.84
C GLU C 53 63.78 -58.01 -9.61
N VAL C 54 63.58 -57.26 -10.70
CA VAL C 54 63.22 -55.86 -10.55
C VAL C 54 61.84 -55.72 -9.90
N ASN C 55 60.89 -56.60 -10.24
CA ASN C 55 59.57 -56.48 -9.64
C ASN C 55 59.60 -56.75 -8.12
N GLU C 56 60.48 -57.67 -7.67
CA GLU C 56 60.57 -57.97 -6.25
C GLU C 56 61.14 -56.75 -5.52
N ARG C 57 62.09 -56.06 -6.16
CA ARG C 57 62.69 -54.88 -5.58
C ARG C 57 61.63 -53.79 -5.47
N ILE C 58 60.82 -53.64 -6.52
CA ILE C 58 59.78 -52.62 -6.51
C ILE C 58 58.73 -52.94 -5.43
N LEU C 59 58.26 -54.19 -5.38
CA LEU C 59 57.27 -54.59 -4.37
C LEU C 59 57.84 -54.34 -2.96
N ASN C 60 59.14 -54.52 -2.77
CA ASN C 60 59.71 -54.25 -1.47
C ASN C 60 59.83 -52.76 -1.16
N SER C 61 60.08 -51.93 -2.18
CA SER C 61 60.14 -50.49 -1.93
C SER C 61 58.72 -50.03 -1.53
N CYS C 62 57.72 -50.66 -2.13
CA CYS C 62 56.31 -50.36 -1.89
C CYS C 62 55.88 -50.75 -0.46
N THR C 63 56.41 -51.87 -0.01
CA THR C 63 56.14 -52.38 1.32
C THR C 63 56.77 -51.46 2.34
N ASP C 64 58.00 -51.00 2.09
CA ASP C 64 58.67 -50.07 3.00
C ASP C 64 57.94 -48.73 3.04
N LEU C 65 57.31 -48.33 1.93
CA LEU C 65 56.54 -47.08 1.93
C LEU C 65 55.25 -47.30 2.77
N LYS C 67 54.77 -49.36 5.24
CA LYS C 67 55.08 -49.46 6.67
C LYS C 67 55.39 -48.07 7.23
N ALA C 68 56.01 -47.20 6.42
CA ALA C 68 56.26 -45.84 6.89
C ALA C 68 54.92 -45.10 7.05
N ILE C 69 53.95 -45.39 6.18
CA ILE C 69 52.62 -44.75 6.22
C ILE C 69 51.84 -45.25 7.43
N ARG C 70 51.99 -46.53 7.74
CA ARG C 70 51.39 -47.17 8.90
C ARG C 70 51.79 -46.37 10.14
N LEU C 71 53.09 -46.11 10.26
CA LEU C 71 53.61 -45.36 11.41
C LEU C 71 53.11 -43.93 11.44
N LEU C 72 53.06 -43.28 10.28
CA LEU C 72 52.57 -41.92 10.22
C LEU C 72 51.10 -41.79 10.66
N VAL C 73 50.26 -42.74 10.26
CA VAL C 73 48.83 -42.68 10.60
C VAL C 73 48.64 -42.95 12.09
N THR C 74 49.42 -43.88 12.62
CA THR C 74 49.37 -44.19 14.05
C THR C 74 49.82 -42.95 14.85
N THR C 75 50.90 -42.29 14.41
CA THR C 75 51.35 -41.10 15.10
C THR C 75 50.33 -39.97 14.98
N SER C 76 49.62 -39.95 13.85
CA SER C 76 48.60 -38.94 13.63
C SER C 76 47.44 -39.17 14.61
N THR C 77 47.07 -40.43 14.79
CA THR C 77 45.98 -40.78 15.69
C THR C 77 46.36 -40.41 17.12
N SER C 78 47.64 -40.63 17.46
CA SER C 78 48.14 -40.29 18.78
C SER C 78 48.16 -38.78 19.00
N LEU C 79 48.53 -38.02 17.97
CA LEU C 79 48.56 -36.58 18.09
C LEU C 79 47.13 -36.05 18.27
N GLN C 80 46.19 -36.61 17.53
CA GLN C 80 44.79 -36.17 17.63
C GLN C 80 44.22 -36.42 19.04
N LYS C 81 44.51 -37.59 19.59
CA LYS C 81 44.02 -37.92 20.92
C LYS C 81 44.64 -37.05 21.99
N GLU C 82 45.87 -36.61 21.78
CA GLU C 82 46.54 -35.75 22.75
C GLU C 82 45.91 -34.36 22.68
N ILE C 83 45.61 -33.92 21.48
CA ILE C 83 44.97 -32.63 21.27
C ILE C 83 43.61 -32.67 21.98
N VAL C 84 42.89 -33.76 21.79
CA VAL C 84 41.58 -33.93 22.38
C VAL C 84 41.60 -34.04 23.91
N GLU C 85 42.54 -34.80 24.44
CA GLU C 85 42.65 -34.96 25.88
C GLU C 85 43.09 -33.66 26.54
N SER C 86 43.90 -32.90 25.83
CA SER C 86 44.43 -31.65 26.33
C SER C 86 43.44 -30.48 26.31
N GLY C 87 42.49 -30.49 25.38
CA GLY C 87 41.56 -29.38 25.32
C GLY C 87 40.12 -29.67 25.68
N ARG C 88 39.77 -30.93 25.91
CA ARG C 88 38.38 -31.21 26.22
C ARG C 88 37.93 -30.75 27.60
N GLY C 89 38.87 -30.62 28.53
CA GLY C 89 38.53 -30.17 29.87
C GLY C 89 37.52 -31.07 30.54
N ALA C 90 36.31 -30.55 30.78
CA ALA C 90 35.28 -31.35 31.44
C ALA C 90 34.36 -31.96 30.41
N ALA C 91 34.65 -31.70 29.14
CA ALA C 91 33.82 -32.23 28.05
C ALA C 91 34.23 -33.64 27.69
N THR C 92 33.33 -34.37 27.03
CA THR C 92 33.65 -35.73 26.60
C THR C 92 34.39 -35.60 25.26
N GLN C 93 34.96 -36.69 24.78
CA GLN C 93 35.64 -36.63 23.50
C GLN C 93 34.61 -36.19 22.44
N GLN C 94 33.44 -36.83 22.46
CA GLN C 94 32.38 -36.52 21.51
C GLN C 94 32.12 -35.02 21.48
N GLU C 95 32.09 -34.43 22.67
CA GLU C 95 31.85 -32.99 22.81
C GLU C 95 32.94 -32.15 22.21
N PHE C 96 34.20 -32.52 22.49
CA PHE C 96 35.31 -31.75 21.94
C PHE C 96 35.30 -31.82 20.40
N TYR C 97 35.02 -33.00 19.84
CA TYR C 97 34.99 -33.14 18.37
C TYR C 97 33.87 -32.31 17.77
N ALA C 98 32.68 -32.43 18.36
CA ALA C 98 31.52 -31.69 17.89
C ALA C 98 31.79 -30.20 17.91
N LYS C 99 32.41 -29.71 18.98
CA LYS C 99 32.70 -28.28 19.10
C LYS C 99 33.82 -27.78 18.19
N ASN C 100 34.65 -28.70 17.70
CA ASN C 100 35.72 -28.34 16.79
C ASN C 100 35.44 -29.14 15.53
N SER C 101 34.19 -28.99 15.04
CA SER C 101 33.68 -29.70 13.88
C SER C 101 34.46 -29.51 12.57
N ARG C 102 35.00 -28.33 12.34
CA ARG C 102 35.77 -28.07 11.13
C ARG C 102 37.03 -28.97 11.15
N TRP C 103 37.76 -28.91 12.25
CA TRP C 103 38.98 -29.69 12.42
C TRP C 103 38.67 -31.18 12.27
N THR C 104 37.64 -31.64 12.96
CA THR C 104 37.28 -33.04 12.90
C THR C 104 36.94 -33.48 11.49
N GLU C 105 36.24 -32.63 10.75
CA GLU C 105 35.89 -32.96 9.38
C GLU C 105 37.15 -33.05 8.51
N GLY C 106 38.13 -32.20 8.77
CA GLY C 106 39.38 -32.23 8.03
C GLY C 106 40.11 -33.55 8.26
N LEU C 107 40.07 -34.03 9.50
CA LEU C 107 40.71 -35.29 9.88
C LEU C 107 40.09 -36.44 9.10
N ILE C 108 38.76 -36.47 9.08
CA ILE C 108 37.98 -37.51 8.40
C ILE C 108 38.25 -37.56 6.87
N SER C 109 38.19 -36.41 6.21
CA SER C 109 38.42 -36.37 4.77
C SER C 109 39.88 -36.67 4.42
N ALA C 110 40.84 -36.17 5.20
CA ALA C 110 42.23 -36.46 4.91
C ALA C 110 42.55 -37.96 5.16
N SER C 111 41.97 -38.52 6.22
CA SER C 111 42.17 -39.92 6.56
C SER C 111 41.61 -40.80 5.45
N LYS C 112 40.40 -40.48 5.02
CA LYS C 112 39.73 -41.20 3.96
C LYS C 112 40.60 -41.25 2.69
N ALA C 113 41.21 -40.12 2.35
CA ALA C 113 42.05 -40.03 1.16
C ALA C 113 43.29 -40.91 1.28
N VAL C 114 43.86 -41.04 2.48
CA VAL C 114 45.05 -41.88 2.66
C VAL C 114 44.64 -43.33 2.41
N GLY C 115 43.50 -43.71 2.96
CA GLY C 115 42.98 -45.05 2.76
C GLY C 115 42.84 -45.34 1.27
N TRP C 116 42.16 -44.45 0.55
CA TRP C 116 41.99 -44.62 -0.88
C TRP C 116 43.37 -44.65 -1.60
N GLY C 117 44.30 -43.81 -1.14
CA GLY C 117 45.63 -43.77 -1.72
C GLY C 117 46.34 -45.11 -1.60
N ALA C 118 46.16 -45.77 -0.46
CA ALA C 118 46.76 -47.10 -0.26
C ALA C 118 46.16 -48.09 -1.25
N THR C 119 44.83 -48.10 -1.37
CA THR C 119 44.14 -49.02 -2.25
C THR C 119 44.55 -48.80 -3.71
N GLN C 120 44.71 -47.53 -4.07
CA GLN C 120 45.15 -47.15 -5.41
C GLN C 120 46.55 -47.70 -5.70
N LEU C 121 47.49 -47.49 -4.77
CA LEU C 121 48.85 -47.94 -5.00
C LEU C 121 48.97 -49.47 -5.11
N VAL C 122 48.19 -50.20 -4.32
CA VAL C 122 48.19 -51.66 -4.37
C VAL C 122 47.70 -52.12 -5.75
N GLU C 123 46.61 -51.52 -6.23
CA GLU C 123 46.07 -51.88 -7.54
C GLU C 123 47.08 -51.61 -8.68
N ALA C 124 47.77 -50.47 -8.63
CA ALA C 124 48.75 -50.14 -9.66
C ALA C 124 49.93 -51.12 -9.62
N ALA C 125 50.37 -51.49 -8.42
CA ALA C 125 51.49 -52.42 -8.29
C ALA C 125 51.06 -53.78 -8.83
N ASP C 126 49.85 -54.21 -8.49
CA ASP C 126 49.33 -55.48 -8.96
C ASP C 126 49.23 -55.53 -10.49
N LYS C 127 48.73 -54.45 -11.08
CA LYS C 127 48.56 -54.43 -12.51
C LYS C 127 49.87 -54.53 -13.24
N VAL C 128 50.88 -53.79 -12.80
CA VAL C 128 52.17 -53.84 -13.48
C VAL C 128 52.96 -55.10 -13.16
N VAL C 129 52.96 -55.53 -11.90
CA VAL C 129 53.72 -56.71 -11.59
C VAL C 129 53.13 -58.01 -12.08
N LEU C 130 51.82 -58.17 -11.96
CA LEU C 130 51.17 -59.40 -12.36
C LEU C 130 50.37 -59.32 -13.67
N HIS C 131 50.22 -58.13 -14.23
CA HIS C 131 49.43 -58.03 -15.46
C HIS C 131 50.07 -57.12 -16.49
N THR C 132 49.25 -56.35 -17.20
CA THR C 132 49.80 -55.46 -18.23
C THR C 132 49.82 -53.97 -17.92
N GLY C 133 49.63 -53.59 -16.66
CA GLY C 133 49.62 -52.18 -16.33
C GLY C 133 50.96 -51.51 -16.52
N LYS C 134 50.95 -50.18 -16.42
CA LYS C 134 52.17 -49.40 -16.59
C LYS C 134 52.85 -49.04 -15.29
N TYR C 135 54.18 -49.01 -15.35
CA TYR C 135 55.02 -48.60 -14.23
C TYR C 135 54.74 -47.12 -13.96
N GLU C 136 54.30 -46.41 -15.00
CA GLU C 136 54.03 -44.99 -14.84
C GLU C 136 52.93 -44.76 -13.81
N GLU C 137 51.91 -45.61 -13.85
CA GLU C 137 50.78 -45.54 -12.94
C GLU C 137 51.23 -45.74 -11.48
N LEU C 138 52.19 -46.63 -11.28
CA LEU C 138 52.71 -46.87 -9.95
C LEU C 138 53.45 -45.63 -9.45
N ILE C 139 54.19 -44.98 -10.34
CA ILE C 139 54.92 -43.78 -9.95
C ILE C 139 53.93 -42.66 -9.56
N VAL C 140 52.83 -42.52 -10.30
CA VAL C 140 51.84 -41.48 -9.99
C VAL C 140 51.16 -41.81 -8.66
N CYS C 141 50.78 -43.05 -8.48
CA CYS C 141 50.12 -43.43 -7.22
C CYS C 141 51.03 -43.21 -6.02
N SER C 142 52.34 -43.31 -6.21
CA SER C 142 53.26 -43.10 -5.11
C SER C 142 53.27 -41.62 -4.75
N HIS C 143 53.32 -40.76 -5.77
CA HIS C 143 53.29 -39.34 -5.48
C HIS C 143 51.94 -38.98 -4.84
N GLU C 144 50.87 -39.57 -5.32
CA GLU C 144 49.57 -39.24 -4.74
C GLU C 144 49.35 -39.69 -3.29
N ILE C 145 49.86 -40.85 -2.92
CA ILE C 145 49.65 -41.30 -1.54
C ILE C 145 50.51 -40.44 -0.61
N ALA C 146 51.69 -40.00 -1.08
CA ALA C 146 52.51 -39.13 -0.25
C ALA C 146 51.83 -37.76 -0.08
N ALA C 147 51.12 -37.30 -1.10
CA ALA C 147 50.43 -36.01 -0.98
C ALA C 147 49.29 -36.16 0.04
N SER C 148 48.63 -37.30 0.02
CA SER C 148 47.54 -37.60 0.95
C SER C 148 48.00 -37.63 2.39
N THR C 149 49.18 -38.21 2.63
CA THR C 149 49.69 -38.29 3.98
C THR C 149 50.14 -36.90 4.46
N ALA C 150 50.75 -36.11 3.58
CA ALA C 150 51.13 -34.76 3.98
C ALA C 150 49.88 -33.94 4.37
N GLN C 151 48.76 -34.23 3.72
CA GLN C 151 47.50 -33.54 4.02
C GLN C 151 46.93 -34.01 5.36
N LEU C 152 47.06 -35.30 5.65
CA LEU C 152 46.59 -35.82 6.94
C LEU C 152 47.42 -35.15 8.05
N VAL C 153 48.71 -34.95 7.80
CA VAL C 153 49.57 -34.30 8.77
C VAL C 153 49.14 -32.82 8.96
N ALA C 154 48.86 -32.13 7.87
CA ALA C 154 48.43 -30.74 7.96
C ALA C 154 47.12 -30.64 8.72
N ALA C 155 46.16 -31.51 8.39
CA ALA C 155 44.86 -31.49 9.08
C ALA C 155 45.00 -31.74 10.57
N SER C 156 45.95 -32.60 10.94
CA SER C 156 46.22 -32.95 12.34
C SER C 156 46.86 -31.80 13.08
N LYS C 157 47.81 -31.14 12.43
CA LYS C 157 48.57 -30.03 12.99
C LYS C 157 47.75 -28.75 13.26
N VAL C 158 46.71 -28.53 12.48
CA VAL C 158 45.88 -27.34 12.62
C VAL C 158 45.65 -26.89 14.07
N LYS C 159 45.14 -27.79 14.89
CA LYS C 159 44.88 -27.43 16.28
C LYS C 159 45.84 -28.10 17.24
N ALA C 160 47.12 -28.13 16.85
CA ALA C 160 48.17 -28.73 17.67
C ALA C 160 48.94 -27.65 18.40
N ASN C 161 49.57 -28.02 19.51
CA ASN C 161 50.34 -27.07 20.32
C ASN C 161 51.83 -27.39 20.27
N LYS C 162 52.31 -27.86 19.11
CA LYS C 162 53.71 -28.24 18.94
C LYS C 162 54.18 -28.95 20.21
N HIS C 163 53.42 -29.98 20.60
CA HIS C 163 53.67 -30.77 21.79
C HIS C 163 53.36 -32.26 21.53
N SER C 164 53.51 -33.08 22.55
CA SER C 164 53.30 -34.53 22.47
C SER C 164 51.90 -35.00 22.01
N PRO C 165 51.82 -36.23 21.43
CA PRO C 165 52.94 -37.15 21.20
C PRO C 165 53.74 -36.63 20.03
N HIS C 166 54.40 -35.50 20.26
CA HIS C 166 55.23 -34.83 19.28
C HIS C 166 54.53 -34.49 17.97
N LEU C 167 54.35 -33.21 17.73
CA LEU C 167 53.80 -32.74 16.49
C LEU C 167 55.03 -32.89 15.61
N SER C 168 56.19 -32.71 16.23
CA SER C 168 57.45 -32.84 15.52
C SER C 168 57.68 -34.30 15.10
N ARG C 169 57.24 -35.26 15.90
CA ARG C 169 57.41 -36.66 15.53
C ARG C 169 56.55 -36.99 14.32
N LEU C 170 55.36 -36.42 14.27
CA LEU C 170 54.47 -36.66 13.14
C LEU C 170 55.11 -36.02 11.91
N GLN C 171 55.71 -34.84 12.08
CA GLN C 171 56.35 -34.13 10.97
C GLN C 171 57.53 -34.95 10.41
N GLU C 172 58.29 -35.58 11.31
CA GLU C 172 59.40 -36.42 10.86
C GLU C 172 58.86 -37.59 10.07
N CYS C 173 57.80 -38.21 10.58
CA CYS C 173 57.14 -39.34 9.92
C CYS C 173 56.76 -38.97 8.49
N SER C 174 56.34 -37.72 8.29
CA SER C 174 55.95 -37.27 6.97
C SER C 174 57.19 -37.25 6.07
N ARG C 175 58.31 -36.75 6.61
CA ARG C 175 59.55 -36.70 5.83
C ARG C 175 59.95 -38.13 5.41
N THR C 176 59.89 -39.04 6.36
CA THR C 176 60.22 -40.43 6.09
C THR C 176 59.34 -41.02 4.98
N VAL C 177 58.04 -40.74 5.02
CA VAL C 177 57.13 -41.22 3.99
C VAL C 177 57.50 -40.62 2.62
N ASN C 178 57.82 -39.33 2.60
CA ASN C 178 58.19 -38.68 1.36
C ASN C 178 59.46 -39.33 0.77
N GLU C 179 60.39 -39.67 1.65
CA GLU C 179 61.64 -40.30 1.24
C GLU C 179 61.39 -41.72 0.73
N ARG C 180 60.40 -42.40 1.32
CA ARG C 180 60.09 -43.75 0.88
C ARG C 180 59.34 -43.71 -0.44
N ALA C 181 58.55 -42.66 -0.64
CA ALA C 181 57.79 -42.56 -1.89
C ALA C 181 58.80 -42.29 -3.03
N ALA C 182 59.78 -41.45 -2.73
CA ALA C 182 60.81 -41.13 -3.70
C ALA C 182 61.60 -42.42 -4.04
N ASN C 183 61.75 -43.30 -3.05
CA ASN C 183 62.46 -44.57 -3.25
C ASN C 183 61.66 -45.51 -4.13
N VAL C 184 60.33 -45.46 -4.04
CA VAL C 184 59.51 -46.31 -4.88
C VAL C 184 59.70 -45.84 -6.32
N VAL C 185 59.74 -44.52 -6.50
CA VAL C 185 59.92 -43.97 -7.83
C VAL C 185 61.30 -44.34 -8.38
N ALA C 186 62.36 -44.09 -7.61
CA ALA C 186 63.73 -44.40 -8.08
C ALA C 186 63.89 -45.89 -8.40
N SER C 187 63.22 -46.73 -7.61
CA SER C 187 63.30 -48.16 -7.80
C SER C 187 62.51 -48.61 -9.04
N THR C 188 61.40 -47.94 -9.33
CA THR C 188 60.61 -48.31 -10.50
C THR C 188 61.37 -47.89 -11.77
N LYS C 189 62.03 -46.72 -11.73
CA LYS C 189 62.79 -46.23 -12.89
C LYS C 189 64.03 -47.11 -13.11
N SER C 190 64.77 -47.38 -12.05
CA SER C 190 65.95 -48.21 -12.13
C SER C 190 65.54 -49.56 -12.70
N GLY C 191 64.44 -50.11 -12.20
CA GLY C 191 63.94 -51.39 -12.65
C GLY C 191 63.59 -51.40 -14.12
N GLN C 192 62.82 -50.40 -14.57
CA GLN C 192 62.41 -50.32 -15.96
C GLN C 192 63.65 -50.30 -16.87
N GLU C 193 64.62 -49.45 -16.52
CA GLU C 193 65.87 -49.32 -17.25
C GLU C 193 66.62 -50.65 -17.36
N GLN C 194 66.34 -51.59 -16.46
CA GLN C 194 67.00 -52.89 -16.52
C GLN C 194 66.26 -53.82 -17.44
N ILE C 195 64.94 -53.84 -17.32
CA ILE C 195 64.12 -54.69 -18.15
C ILE C 195 64.26 -54.32 -19.63
N GLU C 196 64.49 -53.03 -19.90
CA GLU C 196 64.63 -52.57 -21.28
C GLU C 196 66.05 -52.72 -21.82
N ASP C 197 67.02 -52.76 -20.91
CA ASP C 197 68.44 -52.93 -21.28
C ASP C 197 68.84 -54.43 -21.35
N ASP D 8 26.62 25.42 -35.60
CA ASP D 8 25.56 24.37 -35.68
C ASP D 8 26.08 23.06 -36.26
N VAL D 9 25.17 22.08 -36.35
CA VAL D 9 25.49 20.73 -36.83
C VAL D 9 25.87 20.67 -38.31
N ARG D 10 27.03 20.06 -38.59
CA ARG D 10 27.51 19.92 -39.97
C ARG D 10 26.48 19.05 -40.69
N GLN D 11 26.10 19.46 -41.89
CA GLN D 11 25.11 18.72 -42.64
C GLN D 11 25.51 17.28 -42.87
N GLU D 12 26.80 17.03 -43.08
CA GLU D 12 27.26 15.67 -43.35
C GLU D 12 27.19 14.75 -42.13
N GLU D 13 26.95 15.31 -40.95
CA GLU D 13 26.87 14.48 -39.75
C GLU D 13 25.50 14.55 -39.07
N LEU D 14 24.50 15.07 -39.77
CA LEU D 14 23.14 15.19 -39.23
C LEU D 14 22.55 13.82 -38.90
N GLY D 15 22.90 12.83 -39.71
CA GLY D 15 22.41 11.49 -39.47
C GLY D 15 22.89 10.97 -38.12
N ALA D 16 24.17 11.19 -37.84
CA ALA D 16 24.74 10.72 -36.58
C ALA D 16 24.16 11.49 -35.41
N VAL D 17 23.97 12.79 -35.61
CA VAL D 17 23.42 13.61 -34.55
C VAL D 17 21.95 13.27 -34.26
N VAL D 18 21.13 12.97 -35.28
CA VAL D 18 19.73 12.64 -34.97
C VAL D 18 19.64 11.26 -34.34
N ASP D 19 20.48 10.32 -34.79
CA ASP D 19 20.50 8.97 -34.20
C ASP D 19 20.80 9.11 -32.70
N LYS D 20 21.90 9.80 -32.40
CA LYS D 20 22.32 10.04 -31.03
C LYS D 20 21.27 10.84 -30.24
N GLU D 21 20.60 11.81 -30.87
CA GLU D 21 19.60 12.59 -30.15
C GLU D 21 18.43 11.73 -29.72
N ALA D 23 18.34 8.50 -29.27
CA ALA D 23 18.73 7.58 -28.20
C ALA D 23 18.92 8.33 -26.86
N ALA D 24 19.42 9.56 -26.94
CA ALA D 24 19.60 10.35 -25.72
C ALA D 24 18.25 10.73 -25.10
N THR D 25 17.23 10.97 -25.93
CA THR D 25 15.89 11.32 -25.44
C THR D 25 15.26 10.09 -24.82
N SER D 26 15.46 8.93 -25.45
CA SER D 26 14.93 7.70 -24.90
C SER D 26 15.59 7.42 -23.54
N ALA D 27 16.89 7.72 -23.41
CA ALA D 27 17.61 7.51 -22.15
C ALA D 27 17.14 8.50 -21.07
N ALA D 28 16.83 9.73 -21.46
CA ALA D 28 16.37 10.75 -20.52
C ALA D 28 14.98 10.34 -20.00
N ILE D 29 14.17 9.76 -20.86
CA ILE D 29 12.85 9.30 -20.49
C ILE D 29 12.96 8.09 -19.54
N GLU D 30 13.87 7.15 -19.81
CA GLU D 30 14.01 6.03 -18.90
C GLU D 30 14.51 6.56 -17.57
N ASP D 31 15.39 7.54 -17.64
CA ASP D 31 15.92 8.18 -16.45
C ASP D 31 14.77 8.73 -15.62
N ALA D 32 13.84 9.39 -16.32
CA ALA D 32 12.68 10.01 -15.66
C ALA D 32 11.82 8.98 -14.94
N VAL D 33 11.55 7.87 -15.63
CA VAL D 33 10.75 6.80 -15.05
C VAL D 33 11.41 6.28 -13.75
N ARG D 34 12.72 6.07 -13.80
CA ARG D 34 13.45 5.59 -12.63
C ARG D 34 13.43 6.60 -11.47
N ARG D 35 13.67 7.86 -11.78
CA ARG D 35 13.70 8.88 -10.74
C ARG D 35 12.32 9.09 -10.11
N ILE D 36 11.27 9.07 -10.91
CA ILE D 36 9.93 9.27 -10.40
C ILE D 36 9.53 8.08 -9.53
N GLU D 37 9.88 6.88 -9.98
CA GLU D 37 9.52 5.69 -9.20
C GLU D 37 10.29 5.68 -7.89
N ASP D 38 11.54 6.13 -7.90
CA ASP D 38 12.33 6.17 -6.68
C ASP D 38 11.70 7.16 -5.69
N ASN D 41 9.22 5.81 -3.28
CA ASN D 41 9.78 5.19 -2.08
C ASN D 41 10.24 6.25 -1.10
N GLN D 42 10.87 7.30 -1.62
CA GLN D 42 11.38 8.36 -0.77
C GLN D 42 10.26 9.15 -0.09
N ALA D 43 9.13 9.30 -0.80
CA ALA D 43 8.02 10.05 -0.24
C ALA D 43 7.58 9.44 1.09
N ARG D 44 7.60 8.12 1.18
CA ARG D 44 7.19 7.44 2.41
C ARG D 44 8.02 7.85 3.63
N HIS D 45 9.28 8.25 3.41
CA HIS D 45 10.14 8.67 4.53
C HIS D 45 10.11 10.18 4.74
N ALA D 46 9.32 10.89 3.96
CA ALA D 46 9.27 12.35 4.11
C ALA D 46 7.86 12.93 4.29
N SER D 47 6.88 12.07 4.51
CA SER D 47 5.51 12.53 4.67
C SER D 47 4.61 11.34 4.98
N SER D 48 3.34 11.61 5.29
CA SER D 48 2.38 10.56 5.58
C SER D 48 0.94 11.04 5.42
N GLY D 49 -0.01 10.22 5.86
CA GLY D 49 -1.41 10.57 5.76
C GLY D 49 -1.83 11.00 4.38
N VAL D 50 -2.72 11.99 4.33
CA VAL D 50 -3.23 12.50 3.07
C VAL D 50 -2.16 12.97 2.10
N LYS D 51 -1.17 13.71 2.59
CA LYS D 51 -0.12 14.22 1.73
C LYS D 51 0.58 13.07 1.01
N LEU D 52 0.95 12.05 1.78
CA LEU D 52 1.63 10.90 1.19
C LEU D 52 0.75 10.21 0.20
N GLU D 53 -0.52 10.01 0.55
CA GLU D 53 -1.47 9.36 -0.34
C GLU D 53 -1.71 10.10 -1.67
N VAL D 54 -1.84 11.42 -1.60
CA VAL D 54 -2.09 12.18 -2.82
C VAL D 54 -0.83 12.28 -3.69
N ASN D 55 0.32 12.47 -3.07
CA ASN D 55 1.55 12.56 -3.81
C ASN D 55 1.94 11.23 -4.46
N GLU D 56 1.52 10.11 -3.86
CA GLU D 56 1.83 8.81 -4.46
C GLU D 56 0.97 8.66 -5.70
N ARG D 57 -0.28 9.15 -5.64
CA ARG D 57 -1.15 9.06 -6.78
C ARG D 57 -0.61 9.93 -7.91
N ILE D 58 -0.09 11.08 -7.55
CA ILE D 58 0.47 11.98 -8.55
C ILE D 58 1.72 11.38 -9.22
N LEU D 59 2.64 10.86 -8.41
CA LEU D 59 3.85 10.22 -8.91
C LEU D 59 3.51 9.04 -9.82
N ASN D 60 2.47 8.29 -9.46
CA ASN D 60 2.10 7.18 -10.27
C ASN D 60 1.51 7.65 -11.59
N SER D 61 0.77 8.76 -11.56
CA SER D 61 0.20 9.34 -12.76
C SER D 61 1.36 9.87 -13.66
N CYS D 62 2.35 10.47 -13.03
CA CYS D 62 3.52 10.99 -13.75
C CYS D 62 4.28 9.84 -14.40
N THR D 63 4.37 8.72 -13.68
CA THR D 63 5.06 7.56 -14.20
C THR D 63 4.35 7.01 -15.42
N ASP D 64 3.02 6.94 -15.36
CA ASP D 64 2.22 6.45 -16.46
C ASP D 64 2.42 7.34 -17.69
N LEU D 65 2.52 8.65 -17.46
CA LEU D 65 2.75 9.59 -18.55
C LEU D 65 4.14 9.34 -19.17
N LYS D 67 5.88 6.67 -19.20
CA LYS D 67 5.89 5.40 -19.91
C LYS D 67 5.19 5.50 -21.26
N ALA D 68 4.15 6.33 -21.35
CA ALA D 68 3.46 6.53 -22.63
C ALA D 68 4.38 7.33 -23.58
N ILE D 69 5.18 8.24 -23.04
CA ILE D 69 6.12 9.05 -23.83
C ILE D 69 7.28 8.15 -24.31
N ARG D 70 7.68 7.21 -23.45
CA ARG D 70 8.74 6.29 -23.81
C ARG D 70 8.33 5.56 -25.09
N LEU D 71 7.11 5.04 -25.10
CA LEU D 71 6.58 4.31 -26.25
C LEU D 71 6.46 5.21 -27.46
N LEU D 72 5.98 6.44 -27.27
CA LEU D 72 5.86 7.37 -28.38
C LEU D 72 7.21 7.65 -29.04
N VAL D 73 8.24 7.90 -28.24
CA VAL D 73 9.57 8.21 -28.78
C VAL D 73 10.15 6.99 -29.50
N THR D 74 9.96 5.80 -28.93
CA THR D 74 10.44 4.58 -29.58
C THR D 74 9.74 4.43 -30.94
N THR D 75 8.43 4.62 -30.97
CA THR D 75 7.64 4.52 -32.19
C THR D 75 8.06 5.60 -33.21
N SER D 76 8.37 6.80 -32.72
CA SER D 76 8.79 7.88 -33.60
C SER D 76 10.14 7.51 -34.25
N THR D 77 11.04 6.95 -33.46
CA THR D 77 12.34 6.54 -33.97
C THR D 77 12.12 5.49 -35.08
N SER D 78 11.17 4.58 -34.86
CA SER D 78 10.85 3.53 -35.82
C SER D 78 10.32 4.10 -37.13
N LEU D 79 9.45 5.10 -37.02
CA LEU D 79 8.88 5.74 -38.19
C LEU D 79 9.96 6.45 -38.99
N GLN D 80 10.82 7.18 -38.30
CA GLN D 80 11.92 7.90 -38.96
C GLN D 80 12.78 6.92 -39.76
N LYS D 81 13.18 5.85 -39.09
CA LYS D 81 14.01 4.83 -39.72
C LYS D 81 13.32 4.21 -40.94
N GLU D 82 12.05 3.88 -40.82
CA GLU D 82 11.30 3.29 -41.94
C GLU D 82 11.31 4.26 -43.13
N ILE D 83 11.06 5.53 -42.84
CA ILE D 83 11.04 6.60 -43.85
C ILE D 83 12.39 6.67 -44.57
N VAL D 84 13.46 6.65 -43.79
CA VAL D 84 14.81 6.70 -44.33
C VAL D 84 15.15 5.47 -45.18
N GLU D 85 14.81 4.30 -44.66
CA GLU D 85 15.08 3.04 -45.35
C GLU D 85 14.36 2.91 -46.67
N SER D 86 13.12 3.38 -46.73
CA SER D 86 12.36 3.27 -47.96
C SER D 86 12.63 4.43 -48.93
N GLY D 87 13.25 5.49 -48.44
CA GLY D 87 13.53 6.60 -49.33
C GLY D 87 14.97 6.81 -49.77
N ARG D 88 15.91 6.17 -49.10
CA ARG D 88 17.30 6.44 -49.47
C ARG D 88 17.76 5.77 -50.77
N GLY D 89 17.12 4.69 -51.17
CA GLY D 89 17.51 3.98 -52.38
C GLY D 89 18.96 3.55 -52.35
N ALA D 90 19.77 4.09 -53.27
CA ALA D 90 21.19 3.75 -53.36
C ALA D 90 22.05 4.60 -52.43
N ALA D 91 21.46 5.61 -51.79
CA ALA D 91 22.20 6.47 -50.88
C ALA D 91 22.30 5.85 -49.48
N THR D 92 23.27 6.32 -48.71
CA THR D 92 23.44 5.87 -47.33
C THR D 92 22.46 6.64 -46.45
N GLN D 93 22.31 6.22 -45.21
CA GLN D 93 21.43 6.94 -44.29
C GLN D 93 22.00 8.36 -44.15
N GLN D 94 23.31 8.47 -43.96
CA GLN D 94 23.96 9.77 -43.81
C GLN D 94 23.55 10.69 -44.96
N GLU D 95 23.60 10.16 -46.18
CA GLU D 95 23.24 10.94 -47.36
C GLU D 95 21.80 11.37 -47.37
N PHE D 96 20.91 10.44 -47.04
CA PHE D 96 19.47 10.72 -47.03
C PHE D 96 19.18 11.83 -46.01
N TYR D 97 19.74 11.72 -44.81
CA TYR D 97 19.54 12.75 -43.79
C TYR D 97 20.15 14.07 -44.28
N ALA D 98 21.32 14.00 -44.91
CA ALA D 98 21.98 15.21 -45.40
C ALA D 98 21.18 15.95 -46.47
N LYS D 99 20.48 15.22 -47.33
CA LYS D 99 19.71 15.83 -48.40
C LYS D 99 18.30 16.20 -47.98
N ASN D 100 17.93 15.87 -46.74
CA ASN D 100 16.62 16.23 -46.21
C ASN D 100 16.94 16.90 -44.88
N SER D 101 17.98 17.74 -44.92
CA SER D 101 18.46 18.45 -43.74
C SER D 101 17.40 19.17 -42.91
N ARG D 102 16.49 19.89 -43.57
CA ARG D 102 15.44 20.64 -42.87
C ARG D 102 14.62 19.71 -41.99
N TRP D 103 14.25 18.57 -42.54
CA TRP D 103 13.47 17.55 -41.84
C TRP D 103 14.33 16.98 -40.71
N THR D 104 15.58 16.66 -41.02
CA THR D 104 16.44 16.08 -40.00
C THR D 104 16.66 17.03 -38.82
N GLU D 105 16.90 18.30 -39.09
CA GLU D 105 17.11 19.28 -38.03
C GLU D 105 15.84 19.46 -37.19
N GLY D 106 14.68 19.32 -37.83
CA GLY D 106 13.41 19.43 -37.12
C GLY D 106 13.24 18.27 -36.14
N LEU D 107 13.78 17.11 -36.51
CA LEU D 107 13.70 15.93 -35.64
C LEU D 107 14.62 16.10 -34.43
N ILE D 108 15.81 16.65 -34.67
CA ILE D 108 16.79 16.86 -33.62
C ILE D 108 16.25 17.91 -32.62
N SER D 109 15.70 18.99 -33.17
CA SER D 109 15.14 20.07 -32.38
C SER D 109 13.95 19.57 -31.53
N ALA D 110 13.01 18.87 -32.16
CA ALA D 110 11.86 18.39 -31.39
C ALA D 110 12.24 17.31 -30.38
N SER D 111 13.22 16.48 -30.73
CA SER D 111 13.66 15.42 -29.82
C SER D 111 14.33 16.01 -28.59
N LYS D 112 15.17 17.01 -28.82
CA LYS D 112 15.89 17.68 -27.75
C LYS D 112 14.90 18.30 -26.76
N ALA D 113 13.81 18.86 -27.28
CA ALA D 113 12.80 19.48 -26.43
C ALA D 113 12.06 18.43 -25.58
N VAL D 114 11.79 17.25 -26.14
CA VAL D 114 11.09 16.21 -25.37
C VAL D 114 11.98 15.79 -24.21
N GLY D 115 13.27 15.68 -24.48
CA GLY D 115 14.22 15.29 -23.44
C GLY D 115 14.28 16.31 -22.32
N TRP D 116 14.38 17.58 -22.68
CA TRP D 116 14.41 18.64 -21.67
C TRP D 116 13.07 18.66 -20.93
N GLY D 117 11.99 18.39 -21.66
CA GLY D 117 10.66 18.37 -21.07
C GLY D 117 10.55 17.30 -19.98
N ALA D 118 11.12 16.12 -20.24
CA ALA D 118 11.10 15.03 -19.27
C ALA D 118 11.85 15.47 -17.99
N THR D 119 13.02 16.06 -18.18
CA THR D 119 13.85 16.52 -17.08
C THR D 119 13.15 17.61 -16.25
N GLN D 120 12.48 18.52 -16.94
CA GLN D 120 11.74 19.59 -16.28
C GLN D 120 10.67 19.00 -15.40
N LEU D 121 9.87 18.11 -15.96
CA LEU D 121 8.77 17.53 -15.20
C LEU D 121 9.25 16.75 -13.98
N VAL D 122 10.35 16.00 -14.12
CA VAL D 122 10.89 15.23 -13.00
C VAL D 122 11.28 16.18 -11.88
N GLU D 123 11.91 17.30 -12.24
CA GLU D 123 12.33 18.26 -11.25
C GLU D 123 11.10 18.87 -10.54
N ALA D 124 10.07 19.23 -11.31
CA ALA D 124 8.86 19.85 -10.74
C ALA D 124 8.19 18.88 -9.77
N ALA D 125 8.10 17.62 -10.15
CA ALA D 125 7.48 16.64 -9.26
C ALA D 125 8.34 16.49 -7.99
N ASP D 126 9.67 16.45 -8.16
CA ASP D 126 10.58 16.29 -7.02
C ASP D 126 10.37 17.45 -6.03
N LYS D 127 10.40 18.67 -6.54
CA LYS D 127 10.24 19.84 -5.68
C LYS D 127 8.90 19.87 -4.93
N VAL D 128 7.81 19.48 -5.56
CA VAL D 128 6.53 19.53 -4.86
C VAL D 128 6.31 18.33 -3.93
N VAL D 129 6.72 17.14 -4.35
CA VAL D 129 6.51 15.96 -3.49
C VAL D 129 7.45 15.86 -2.29
N LEU D 130 8.72 16.16 -2.51
CA LEU D 130 9.74 16.08 -1.47
C LEU D 130 10.21 17.41 -0.90
N HIS D 131 9.82 18.54 -1.47
CA HIS D 131 10.27 19.83 -0.91
C HIS D 131 9.12 20.85 -0.83
N THR D 132 9.38 22.09 -1.23
CA THR D 132 8.35 23.13 -1.15
C THR D 132 7.94 23.74 -2.49
N GLY D 133 8.02 22.96 -3.56
CA GLY D 133 7.65 23.49 -4.86
C GLY D 133 6.15 23.60 -5.03
N LYS D 134 5.74 24.24 -6.13
CA LYS D 134 4.32 24.43 -6.41
C LYS D 134 3.75 23.35 -7.30
N TYR D 135 2.51 22.94 -6.99
CA TYR D 135 1.81 21.98 -7.83
C TYR D 135 1.55 22.64 -9.18
N GLU D 136 1.46 23.98 -9.19
CA GLU D 136 1.20 24.68 -10.44
C GLU D 136 2.32 24.44 -11.48
N GLU D 137 3.54 24.32 -11.00
CA GLU D 137 4.72 24.11 -11.86
C GLU D 137 4.69 22.71 -12.48
N LEU D 138 4.20 21.73 -11.71
CA LEU D 138 4.09 20.37 -12.24
C LEU D 138 3.00 20.34 -13.31
N ILE D 139 1.92 21.10 -13.09
CA ILE D 139 0.85 21.13 -14.08
C ILE D 139 1.34 21.81 -15.37
N VAL D 140 2.11 22.88 -15.25
CA VAL D 140 2.59 23.53 -16.48
C VAL D 140 3.57 22.61 -17.21
N CYS D 141 4.44 21.97 -16.45
CA CYS D 141 5.43 21.07 -17.06
C CYS D 141 4.74 19.89 -17.75
N SER D 142 3.60 19.43 -17.23
CA SER D 142 2.91 18.33 -17.86
C SER D 142 2.30 18.81 -19.18
N HIS D 143 1.81 20.05 -19.19
CA HIS D 143 1.24 20.56 -20.43
C HIS D 143 2.34 20.75 -21.46
N GLU D 144 3.46 21.30 -21.02
CA GLU D 144 4.56 21.56 -21.93
C GLU D 144 5.19 20.30 -22.51
N ILE D 145 5.28 19.21 -21.75
CA ILE D 145 5.90 18.01 -22.29
C ILE D 145 4.99 17.38 -23.35
N ALA D 146 3.68 17.44 -23.15
CA ALA D 146 2.77 16.86 -24.12
C ALA D 146 2.83 17.67 -25.43
N ALA D 147 3.08 18.97 -25.30
CA ALA D 147 3.20 19.82 -26.48
C ALA D 147 4.49 19.40 -27.18
N SER D 148 5.54 19.16 -26.41
CA SER D 148 6.81 18.76 -26.99
C SER D 148 6.69 17.44 -27.75
N THR D 149 5.96 16.47 -27.19
CA THR D 149 5.81 15.20 -27.87
C THR D 149 4.91 15.33 -29.10
N ALA D 150 3.90 16.20 -29.06
CA ALA D 150 3.08 16.36 -30.26
C ALA D 150 3.94 16.96 -31.39
N GLN D 151 4.92 17.79 -31.04
CA GLN D 151 5.79 18.41 -32.02
C GLN D 151 6.78 17.41 -32.60
N LEU D 152 7.20 16.43 -31.80
CA LEU D 152 8.10 15.40 -32.29
C LEU D 152 7.29 14.54 -33.27
N VAL D 153 6.03 14.30 -32.97
CA VAL D 153 5.16 13.52 -33.83
C VAL D 153 4.98 14.28 -35.16
N ALA D 154 4.68 15.57 -35.08
CA ALA D 154 4.52 16.39 -36.27
C ALA D 154 5.81 16.36 -37.09
N ALA D 155 6.96 16.63 -36.46
CA ALA D 155 8.22 16.62 -37.19
C ALA D 155 8.42 15.31 -37.92
N SER D 156 8.08 14.20 -37.26
CA SER D 156 8.24 12.87 -37.85
C SER D 156 7.31 12.62 -39.03
N LYS D 157 6.06 13.05 -38.88
CA LYS D 157 5.02 12.88 -39.88
C LYS D 157 5.31 13.51 -41.25
N VAL D 158 6.05 14.62 -41.24
CA VAL D 158 6.39 15.34 -42.47
C VAL D 158 6.62 14.43 -43.67
N LYS D 159 7.60 13.54 -43.56
CA LYS D 159 7.93 12.64 -44.65
C LYS D 159 7.25 11.27 -44.61
N ALA D 160 6.26 11.10 -43.74
CA ALA D 160 5.55 9.82 -43.67
C ALA D 160 4.57 9.73 -44.85
N ASN D 161 4.09 8.52 -45.15
CA ASN D 161 3.16 8.32 -46.27
C ASN D 161 1.99 7.42 -45.92
N LYS D 162 1.33 7.70 -44.81
CA LYS D 162 0.20 6.89 -44.35
C LYS D 162 0.58 5.41 -44.34
N HIS D 163 1.84 5.13 -44.04
CA HIS D 163 2.36 3.76 -43.99
C HIS D 163 3.34 3.52 -42.85
N SER D 164 3.60 2.24 -42.59
CA SER D 164 4.49 1.75 -41.52
C SER D 164 5.78 2.53 -41.30
N PRO D 165 6.42 2.34 -40.13
CA PRO D 165 5.96 1.44 -39.06
C PRO D 165 4.77 2.07 -38.36
N HIS D 166 3.62 1.95 -39.00
CA HIS D 166 2.38 2.49 -38.48
C HIS D 166 2.54 3.95 -38.08
N LEU D 167 2.15 4.82 -38.99
CA LEU D 167 2.16 6.23 -38.71
C LEU D 167 0.98 6.28 -37.76
N SER D 168 0.09 5.30 -37.93
CA SER D 168 -1.11 5.18 -37.12
C SER D 168 -0.80 4.83 -35.66
N ARG D 169 0.20 3.97 -35.46
CA ARG D 169 0.60 3.60 -34.10
C ARG D 169 1.14 4.85 -33.41
N LEU D 170 1.96 5.63 -34.11
CA LEU D 170 2.53 6.84 -33.54
C LEU D 170 1.42 7.82 -33.15
N GLN D 171 0.43 7.97 -34.02
CA GLN D 171 -0.67 8.87 -33.74
C GLN D 171 -1.47 8.40 -32.53
N GLU D 172 -1.58 7.09 -32.37
CA GLU D 172 -2.30 6.55 -31.23
C GLU D 172 -1.48 6.81 -29.97
N CYS D 173 -0.15 6.84 -30.11
CA CYS D 173 0.72 7.08 -28.97
C CYS D 173 0.59 8.53 -28.50
N SER D 174 0.46 9.45 -29.45
CA SER D 174 0.35 10.86 -29.13
C SER D 174 -0.95 11.06 -28.36
N ARG D 175 -2.00 10.39 -28.82
CA ARG D 175 -3.30 10.50 -28.16
C ARG D 175 -3.24 9.96 -26.74
N THR D 176 -2.52 8.86 -26.55
CA THR D 176 -2.37 8.27 -25.24
C THR D 176 -1.57 9.22 -24.37
N VAL D 177 -0.50 9.81 -24.91
CA VAL D 177 0.31 10.75 -24.15
C VAL D 177 -0.53 11.95 -23.69
N ASN D 178 -1.29 12.52 -24.62
CA ASN D 178 -2.13 13.67 -24.29
C ASN D 178 -3.13 13.28 -23.20
N GLU D 179 -3.67 12.08 -23.28
CA GLU D 179 -4.63 11.62 -22.28
C GLU D 179 -3.94 11.46 -20.93
N ARG D 180 -2.77 10.86 -20.92
CA ARG D 180 -2.03 10.67 -19.65
C ARG D 180 -1.61 12.00 -19.03
N ALA D 181 -1.30 12.99 -19.86
CA ALA D 181 -0.87 14.30 -19.37
C ALA D 181 -2.07 15.01 -18.70
N ALA D 182 -3.24 14.83 -19.26
CA ALA D 182 -4.46 15.42 -18.72
C ALA D 182 -4.76 14.71 -17.41
N ASN D 183 -4.49 13.41 -17.35
CA ASN D 183 -4.69 12.67 -16.10
C ASN D 183 -3.74 13.19 -15.04
N VAL D 184 -2.51 13.52 -15.42
CA VAL D 184 -1.57 14.03 -14.43
C VAL D 184 -2.11 15.38 -13.89
N VAL D 185 -2.59 16.23 -14.79
CA VAL D 185 -3.09 17.53 -14.38
C VAL D 185 -4.27 17.38 -13.43
N ALA D 186 -5.21 16.51 -13.77
CA ALA D 186 -6.38 16.28 -12.95
C ALA D 186 -6.04 15.75 -11.58
N SER D 187 -5.06 14.84 -11.50
CA SER D 187 -4.66 14.29 -10.21
C SER D 187 -3.90 15.28 -9.35
N THR D 188 -3.19 16.19 -10.01
CA THR D 188 -2.43 17.20 -9.29
C THR D 188 -3.36 18.26 -8.69
N LYS D 189 -4.37 18.69 -9.45
CA LYS D 189 -5.33 19.69 -8.99
C LYS D 189 -6.05 19.11 -7.78
N SER D 190 -6.62 17.92 -7.96
CA SER D 190 -7.33 17.24 -6.88
C SER D 190 -6.45 17.07 -5.65
N GLY D 191 -5.25 16.55 -5.87
CA GLY D 191 -4.33 16.33 -4.77
C GLY D 191 -4.04 17.61 -4.02
N GLN D 192 -3.81 18.68 -4.75
CA GLN D 192 -3.52 19.98 -4.16
C GLN D 192 -4.63 20.44 -3.22
N GLU D 193 -5.87 20.26 -3.63
CA GLU D 193 -6.97 20.72 -2.80
C GLU D 193 -7.19 19.80 -1.62
N GLN D 194 -7.02 18.49 -1.84
CA GLN D 194 -7.18 17.52 -0.75
C GLN D 194 -6.21 17.85 0.36
N ILE D 195 -4.97 18.18 -0.02
CA ILE D 195 -3.95 18.53 0.95
C ILE D 195 -4.31 19.83 1.68
N GLU D 196 -4.98 20.75 0.98
CA GLU D 196 -5.40 22.02 1.58
C GLU D 196 -6.54 21.83 2.58
N ASP D 197 -7.27 20.72 2.44
CA ASP D 197 -8.37 20.41 3.36
C ASP D 197 -7.84 19.76 4.64
N ASP E 8 -30.33 -29.87 -22.62
CA ASP E 8 -31.39 -29.61 -21.60
C ASP E 8 -32.25 -30.84 -21.42
N VAL E 9 -32.38 -31.28 -20.18
CA VAL E 9 -33.16 -32.46 -19.86
C VAL E 9 -34.59 -32.35 -20.33
N ARG E 10 -35.10 -33.45 -20.89
CA ARG E 10 -36.48 -33.50 -21.34
C ARG E 10 -37.32 -33.40 -20.05
N GLN E 11 -38.37 -32.60 -20.12
CA GLN E 11 -39.25 -32.39 -18.98
C GLN E 11 -39.76 -33.70 -18.39
N GLU E 12 -40.14 -34.62 -19.27
CA GLU E 12 -40.67 -35.90 -18.83
C GLU E 12 -39.63 -36.77 -18.13
N GLU E 13 -38.36 -36.37 -18.18
CA GLU E 13 -37.33 -37.17 -17.52
C GLU E 13 -36.62 -36.41 -16.41
N LEU E 14 -37.17 -35.25 -16.05
CA LEU E 14 -36.59 -34.42 -14.99
C LEU E 14 -36.50 -35.19 -13.66
N GLY E 15 -37.53 -35.98 -13.36
CA GLY E 15 -37.55 -36.74 -12.14
C GLY E 15 -36.39 -37.71 -12.03
N ALA E 16 -36.12 -38.45 -13.10
CA ALA E 16 -35.02 -39.41 -13.10
C ALA E 16 -33.69 -38.70 -12.94
N VAL E 17 -33.53 -37.59 -13.67
CA VAL E 17 -32.30 -36.82 -13.59
C VAL E 17 -32.09 -36.20 -12.20
N VAL E 18 -33.13 -35.65 -11.57
CA VAL E 18 -32.91 -35.06 -10.24
C VAL E 18 -32.55 -36.16 -9.23
N ASP E 19 -33.18 -37.33 -9.32
CA ASP E 19 -32.86 -38.40 -8.38
C ASP E 19 -31.41 -38.82 -8.56
N LYS E 20 -30.97 -38.89 -9.81
CA LYS E 20 -29.59 -39.27 -10.13
C LYS E 20 -28.60 -38.21 -9.67
N GLU E 21 -28.89 -36.93 -9.92
CA GLU E 21 -27.98 -35.87 -9.48
C GLU E 21 -27.87 -35.87 -7.96
N ALA E 23 -28.24 -38.31 -5.86
CA ALA E 23 -27.47 -39.47 -5.41
C ALA E 23 -26.00 -39.22 -5.75
N ALA E 24 -25.76 -38.63 -6.92
CA ALA E 24 -24.40 -38.36 -7.37
C ALA E 24 -23.70 -37.33 -6.48
N THR E 25 -24.45 -36.34 -6.01
CA THR E 25 -23.86 -35.35 -5.12
C THR E 25 -23.54 -36.00 -3.78
N SER E 26 -24.47 -36.81 -3.29
CA SER E 26 -24.23 -37.49 -2.03
C SER E 26 -23.01 -38.40 -2.17
N ALA E 27 -22.89 -39.07 -3.32
CA ALA E 27 -21.77 -39.97 -3.56
C ALA E 27 -20.47 -39.18 -3.62
N ALA E 28 -20.48 -38.02 -4.27
CA ALA E 28 -19.29 -37.17 -4.36
C ALA E 28 -18.88 -36.66 -2.97
N ILE E 29 -19.86 -36.44 -2.10
CA ILE E 29 -19.57 -35.96 -0.77
C ILE E 29 -18.94 -37.09 0.07
N GLU E 30 -19.48 -38.30 -0.03
CA GLU E 30 -18.89 -39.42 0.70
C GLU E 30 -17.45 -39.66 0.22
N ASP E 31 -17.21 -39.46 -1.08
CA ASP E 31 -15.86 -39.62 -1.63
C ASP E 31 -14.93 -38.57 -1.09
N ALA E 32 -15.43 -37.34 -0.98
CA ALA E 32 -14.65 -36.25 -0.45
C ALA E 32 -14.29 -36.57 1.00
N VAL E 33 -15.25 -37.04 1.77
CA VAL E 33 -14.97 -37.37 3.17
C VAL E 33 -13.86 -38.43 3.22
N ARG E 34 -14.03 -39.50 2.46
CA ARG E 34 -13.03 -40.56 2.43
C ARG E 34 -11.65 -40.05 2.00
N ARG E 35 -11.62 -39.30 0.90
CA ARG E 35 -10.40 -38.73 0.36
C ARG E 35 -9.68 -37.79 1.35
N ILE E 36 -10.43 -36.90 1.99
CA ILE E 36 -9.81 -35.97 2.93
C ILE E 36 -9.22 -36.75 4.14
N GLU E 37 -10.00 -37.69 4.65
CA GLU E 37 -9.54 -38.47 5.79
C GLU E 37 -8.28 -39.26 5.45
N ASP E 38 -8.19 -39.79 4.24
CA ASP E 38 -6.99 -40.54 3.87
C ASP E 38 -5.82 -39.60 3.59
N ASN E 41 -3.82 -39.16 6.73
CA ASN E 41 -2.89 -40.22 7.05
C ASN E 41 -1.67 -40.09 6.15
N GLN E 42 -1.92 -39.83 4.86
CA GLN E 42 -0.87 -39.65 3.87
C GLN E 42 0.02 -38.45 4.16
N ALA E 43 -0.54 -37.42 4.79
CA ALA E 43 0.25 -36.23 5.13
C ALA E 43 1.29 -36.61 6.19
N ARG E 44 0.83 -37.30 7.25
CA ARG E 44 1.71 -37.73 8.35
C ARG E 44 2.97 -38.41 7.84
N HIS E 45 2.88 -38.93 6.62
CA HIS E 45 4.00 -39.64 6.01
C HIS E 45 4.75 -38.83 4.96
N ALA E 46 4.10 -37.82 4.37
CA ALA E 46 4.73 -37.03 3.32
C ALA E 46 5.14 -35.61 3.68
N SER E 47 5.08 -35.28 4.97
CA SER E 47 5.46 -33.95 5.42
C SER E 47 5.71 -34.04 6.91
N SER E 48 6.24 -32.97 7.48
CA SER E 48 6.55 -32.96 8.89
C SER E 48 6.61 -31.54 9.41
N GLY E 49 6.92 -31.39 10.69
CA GLY E 49 7.01 -30.07 11.26
C GLY E 49 5.68 -29.37 11.33
N VAL E 50 5.72 -28.05 11.44
CA VAL E 50 4.51 -27.25 11.53
C VAL E 50 3.60 -27.45 10.33
N LYS E 51 4.17 -27.64 9.15
CA LYS E 51 3.36 -27.84 7.95
C LYS E 51 2.39 -28.99 8.20
N LEU E 52 2.94 -30.18 8.49
CA LEU E 52 2.13 -31.35 8.76
C LEU E 52 1.10 -31.07 9.86
N GLU E 53 1.52 -30.40 10.92
CA GLU E 53 0.63 -30.11 12.03
C GLU E 53 -0.57 -29.22 11.65
N VAL E 54 -0.30 -28.08 11.02
CA VAL E 54 -1.40 -27.22 10.65
C VAL E 54 -2.24 -27.92 9.57
N ASN E 55 -1.60 -28.66 8.67
CA ASN E 55 -2.35 -29.33 7.64
C ASN E 55 -3.32 -30.36 8.21
N GLU E 56 -2.94 -31.01 9.30
CA GLU E 56 -3.84 -31.98 9.92
C GLU E 56 -5.03 -31.25 10.53
N ARG E 57 -4.79 -30.11 11.17
CA ARG E 57 -5.88 -29.33 11.77
C ARG E 57 -6.87 -28.89 10.67
N ILE E 58 -6.31 -28.41 9.57
CA ILE E 58 -7.09 -27.97 8.43
C ILE E 58 -7.88 -29.12 7.82
N LEU E 59 -7.19 -30.22 7.52
CA LEU E 59 -7.86 -31.37 6.92
C LEU E 59 -8.98 -31.91 7.80
N ASN E 60 -8.77 -31.92 9.11
CA ASN E 60 -9.84 -32.39 9.98
C ASN E 60 -11.04 -31.43 9.98
N SER E 61 -10.77 -30.14 9.91
CA SER E 61 -11.83 -29.12 9.89
C SER E 61 -12.63 -29.33 8.60
N CYS E 62 -11.94 -29.71 7.53
CA CYS E 62 -12.57 -29.96 6.22
C CYS E 62 -13.43 -31.22 6.29
N THR E 63 -13.01 -32.20 7.08
CA THR E 63 -13.78 -33.42 7.25
C THR E 63 -15.10 -33.06 7.92
N ASP E 64 -15.01 -32.21 8.94
CA ASP E 64 -16.21 -31.80 9.64
C ASP E 64 -17.13 -31.00 8.73
N LEU E 65 -16.56 -30.16 7.86
CA LEU E 65 -17.36 -29.39 6.91
C LEU E 65 -18.11 -30.33 5.97
N LYS E 67 -18.84 -33.47 6.32
CA LYS E 67 -19.84 -34.29 6.97
C LYS E 67 -21.10 -33.46 7.22
N ALA E 68 -20.91 -32.18 7.50
CA ALA E 68 -22.06 -31.31 7.72
C ALA E 68 -22.83 -31.14 6.39
N ILE E 69 -22.08 -31.12 5.27
CA ILE E 69 -22.68 -30.99 3.93
C ILE E 69 -23.36 -32.30 3.54
N ARG E 70 -22.80 -33.42 3.97
CA ARG E 70 -23.42 -34.71 3.70
C ARG E 70 -24.82 -34.71 4.31
N LEU E 71 -24.93 -34.27 5.56
CA LEU E 71 -26.24 -34.25 6.21
C LEU E 71 -27.15 -33.20 5.56
N LEU E 72 -26.59 -32.06 5.19
CA LEU E 72 -27.43 -31.04 4.53
C LEU E 72 -28.05 -31.64 3.27
N VAL E 73 -27.23 -32.26 2.42
CA VAL E 73 -27.73 -32.86 1.18
C VAL E 73 -28.74 -33.98 1.42
N THR E 74 -28.47 -34.86 2.39
CA THR E 74 -29.40 -35.93 2.72
C THR E 74 -30.72 -35.33 3.23
N THR E 75 -30.63 -34.24 4.01
CA THR E 75 -31.84 -33.58 4.52
C THR E 75 -32.58 -32.86 3.38
N SER E 76 -31.83 -32.29 2.44
CA SER E 76 -32.45 -31.60 1.32
C SER E 76 -33.23 -32.60 0.48
N THR E 77 -32.66 -33.78 0.28
CA THR E 77 -33.34 -34.80 -0.49
C THR E 77 -34.62 -35.24 0.21
N SER E 78 -34.57 -35.40 1.53
CA SER E 78 -35.76 -35.80 2.27
C SER E 78 -36.83 -34.72 2.12
N LEU E 79 -36.44 -33.45 2.25
CA LEU E 79 -37.40 -32.37 2.12
C LEU E 79 -38.04 -32.42 0.73
N GLN E 80 -37.22 -32.61 -0.31
CA GLN E 80 -37.73 -32.67 -1.67
C GLN E 80 -38.72 -33.81 -1.84
N LYS E 81 -38.37 -34.97 -1.31
CA LYS E 81 -39.25 -36.12 -1.43
C LYS E 81 -40.57 -35.92 -0.70
N GLU E 82 -40.57 -35.19 0.40
CA GLU E 82 -41.83 -34.97 1.11
C GLU E 82 -42.67 -33.93 0.38
N ILE E 83 -42.02 -32.97 -0.25
CA ILE E 83 -42.73 -31.95 -1.01
C ILE E 83 -43.45 -32.61 -2.18
N VAL E 84 -42.80 -33.63 -2.75
CA VAL E 84 -43.34 -34.39 -3.87
C VAL E 84 -44.49 -35.29 -3.43
N GLU E 85 -44.31 -35.97 -2.31
CA GLU E 85 -45.36 -36.86 -1.80
C GLU E 85 -46.61 -36.10 -1.37
N SER E 86 -46.42 -34.90 -0.84
CA SER E 86 -47.56 -34.09 -0.38
C SER E 86 -48.16 -33.22 -1.46
N GLY E 87 -47.67 -33.33 -2.69
CA GLY E 87 -48.23 -32.49 -3.72
C GLY E 87 -48.55 -33.19 -5.01
N ARG E 88 -48.13 -34.43 -5.15
CA ARG E 88 -48.37 -35.15 -6.39
C ARG E 88 -49.78 -35.67 -6.50
N GLY E 89 -50.45 -35.86 -5.36
CA GLY E 89 -51.82 -36.35 -5.40
C GLY E 89 -51.91 -37.64 -6.19
N ALA E 90 -52.66 -37.63 -7.28
CA ALA E 90 -52.82 -38.82 -8.12
C ALA E 90 -51.69 -38.99 -9.14
N ALA E 91 -50.79 -38.00 -9.20
CA ALA E 91 -49.67 -38.03 -10.14
C ALA E 91 -48.49 -38.86 -9.59
N THR E 92 -47.68 -39.41 -10.50
CA THR E 92 -46.49 -40.16 -10.12
C THR E 92 -45.46 -39.09 -9.78
N GLN E 93 -44.30 -39.48 -9.25
CA GLN E 93 -43.27 -38.48 -8.95
C GLN E 93 -42.77 -37.88 -10.25
N GLN E 94 -42.57 -38.73 -11.25
CA GLN E 94 -42.11 -38.25 -12.54
C GLN E 94 -43.00 -37.10 -12.95
N GLU E 95 -44.30 -37.33 -12.93
CA GLU E 95 -45.27 -36.32 -13.31
C GLU E 95 -45.22 -35.05 -12.49
N PHE E 96 -45.01 -35.16 -11.17
CA PHE E 96 -44.92 -33.96 -10.33
C PHE E 96 -43.67 -33.13 -10.68
N TYR E 97 -42.53 -33.80 -10.81
CA TYR E 97 -41.29 -33.10 -11.16
C TYR E 97 -41.45 -32.43 -12.53
N ALA E 98 -42.10 -33.14 -13.46
CA ALA E 98 -42.34 -32.61 -14.79
C ALA E 98 -43.23 -31.37 -14.72
N LYS E 99 -44.35 -31.46 -14.01
CA LYS E 99 -45.26 -30.33 -13.89
C LYS E 99 -44.62 -29.15 -13.17
N ASN E 100 -43.62 -29.46 -12.36
CA ASN E 100 -42.91 -28.42 -11.61
C ASN E 100 -41.48 -28.31 -12.15
N SER E 101 -41.36 -28.28 -13.47
CA SER E 101 -40.06 -28.21 -14.15
C SER E 101 -39.10 -27.13 -13.68
N ARG E 102 -39.57 -25.90 -13.50
CA ARG E 102 -38.65 -24.85 -13.06
C ARG E 102 -38.02 -25.20 -11.73
N TRP E 103 -38.84 -25.72 -10.83
CA TRP E 103 -38.38 -26.12 -9.51
C TRP E 103 -37.38 -27.26 -9.64
N THR E 104 -37.72 -28.28 -10.42
CA THR E 104 -36.84 -29.43 -10.58
C THR E 104 -35.49 -29.05 -11.20
N GLU E 105 -35.52 -28.18 -12.20
CA GLU E 105 -34.28 -27.74 -12.83
C GLU E 105 -33.43 -26.95 -11.85
N GLY E 106 -34.09 -26.26 -10.92
CA GLY E 106 -33.36 -25.48 -9.94
C GLY E 106 -32.65 -26.42 -8.98
N LEU E 107 -33.29 -27.56 -8.72
CA LEU E 107 -32.72 -28.56 -7.84
C LEU E 107 -31.50 -29.21 -8.49
N ILE E 108 -31.65 -29.57 -9.76
CA ILE E 108 -30.59 -30.23 -10.52
C ILE E 108 -29.36 -29.34 -10.59
N SER E 109 -29.61 -28.07 -10.88
CA SER E 109 -28.57 -27.05 -11.00
C SER E 109 -27.82 -26.85 -9.69
N ALA E 110 -28.56 -26.62 -8.60
CA ALA E 110 -27.93 -26.41 -7.31
C ALA E 110 -27.19 -27.67 -6.85
N SER E 111 -27.77 -28.83 -7.10
CA SER E 111 -27.16 -30.10 -6.69
C SER E 111 -25.83 -30.30 -7.42
N LYS E 112 -25.85 -30.04 -8.73
CA LYS E 112 -24.66 -30.15 -9.55
C LYS E 112 -23.56 -29.28 -8.97
N ALA E 113 -23.87 -28.02 -8.65
CA ALA E 113 -22.87 -27.11 -8.09
C ALA E 113 -22.27 -27.61 -6.75
N VAL E 114 -23.09 -28.21 -5.91
CA VAL E 114 -22.58 -28.71 -4.62
C VAL E 114 -21.60 -29.86 -4.90
N GLY E 115 -21.96 -30.75 -5.83
CA GLY E 115 -21.08 -31.85 -6.20
C GLY E 115 -19.75 -31.29 -6.71
N TRP E 116 -19.80 -30.32 -7.61
CA TRP E 116 -18.56 -29.72 -8.13
C TRP E 116 -17.81 -28.99 -7.03
N GLY E 117 -18.56 -28.38 -6.11
CA GLY E 117 -17.95 -27.67 -5.01
C GLY E 117 -17.13 -28.61 -4.15
N ALA E 118 -17.64 -29.81 -3.96
CA ALA E 118 -16.92 -30.78 -3.14
C ALA E 118 -15.62 -31.22 -3.83
N THR E 119 -15.71 -31.54 -5.10
CA THR E 119 -14.54 -31.99 -5.84
C THR E 119 -13.48 -30.90 -5.80
N GLN E 120 -13.93 -29.67 -5.99
CA GLN E 120 -13.07 -28.48 -5.97
C GLN E 120 -12.32 -28.35 -4.64
N LEU E 121 -13.08 -28.39 -3.55
CA LEU E 121 -12.49 -28.24 -2.21
C LEU E 121 -11.46 -29.34 -1.96
N VAL E 122 -11.81 -30.56 -2.34
CA VAL E 122 -10.88 -31.66 -2.15
C VAL E 122 -9.60 -31.42 -2.96
N GLU E 123 -9.74 -30.94 -4.20
CA GLU E 123 -8.56 -30.70 -5.03
C GLU E 123 -7.68 -29.59 -4.45
N ALA E 124 -8.29 -28.53 -3.94
CA ALA E 124 -7.53 -27.44 -3.35
C ALA E 124 -6.76 -27.93 -2.13
N ALA E 125 -7.41 -28.73 -1.32
CA ALA E 125 -6.76 -29.22 -0.11
C ALA E 125 -5.57 -30.09 -0.53
N ASP E 126 -5.84 -31.06 -1.41
CA ASP E 126 -4.79 -31.95 -1.90
C ASP E 126 -3.54 -31.18 -2.38
N LYS E 127 -3.74 -30.16 -3.19
CA LYS E 127 -2.62 -29.41 -3.73
C LYS E 127 -1.78 -28.63 -2.70
N VAL E 128 -2.42 -27.90 -1.80
CA VAL E 128 -1.65 -27.14 -0.83
C VAL E 128 -1.00 -28.11 0.15
N VAL E 129 -1.73 -29.14 0.54
CA VAL E 129 -1.20 -30.11 1.48
C VAL E 129 -0.10 -31.02 0.94
N LEU E 130 -0.38 -31.68 -0.18
CA LEU E 130 0.58 -32.62 -0.76
C LEU E 130 1.43 -32.08 -1.91
N HIS E 131 1.15 -30.86 -2.38
CA HIS E 131 1.93 -30.30 -3.47
C HIS E 131 2.31 -28.84 -3.23
N THR E 132 2.21 -28.01 -4.25
CA THR E 132 2.59 -26.59 -4.10
C THR E 132 1.43 -25.60 -4.21
N GLY E 133 0.22 -26.07 -3.92
CA GLY E 133 -0.94 -25.20 -3.99
C GLY E 133 -1.02 -24.12 -2.91
N LYS E 134 -1.90 -23.15 -3.15
CA LYS E 134 -2.10 -22.04 -2.25
C LYS E 134 -3.19 -22.28 -1.20
N TYR E 135 -2.93 -21.84 0.03
CA TYR E 135 -3.91 -21.94 1.09
C TYR E 135 -5.07 -21.04 0.72
N GLU E 136 -4.77 -19.93 0.06
CA GLU E 136 -5.79 -18.99 -0.36
C GLU E 136 -6.86 -19.67 -1.21
N GLU E 137 -6.46 -20.65 -2.03
CA GLU E 137 -7.41 -21.34 -2.90
C GLU E 137 -8.35 -22.20 -2.08
N LEU E 138 -7.84 -22.76 -0.99
CA LEU E 138 -8.70 -23.58 -0.12
C LEU E 138 -9.75 -22.66 0.53
N ILE E 139 -9.31 -21.48 0.94
CA ILE E 139 -10.22 -20.52 1.54
C ILE E 139 -11.34 -20.18 0.55
N VAL E 140 -10.99 -19.92 -0.70
CA VAL E 140 -12.00 -19.61 -1.71
C VAL E 140 -12.98 -20.76 -1.94
N CYS E 141 -12.47 -21.97 -2.10
CA CYS E 141 -13.34 -23.12 -2.32
C CYS E 141 -14.25 -23.38 -1.11
N SER E 142 -13.79 -23.00 0.08
CA SER E 142 -14.59 -23.17 1.29
C SER E 142 -15.75 -22.18 1.22
N HIS E 143 -15.45 -20.97 0.78
CA HIS E 143 -16.50 -19.96 0.62
C HIS E 143 -17.52 -20.40 -0.41
N GLU E 144 -17.02 -20.84 -1.55
CA GLU E 144 -17.92 -21.23 -2.62
C GLU E 144 -18.79 -22.44 -2.30
N ILE E 145 -18.27 -23.41 -1.58
CA ILE E 145 -19.12 -24.59 -1.32
C ILE E 145 -20.25 -24.28 -0.35
N ALA E 146 -20.00 -23.38 0.57
CA ALA E 146 -21.03 -22.96 1.53
C ALA E 146 -22.09 -22.18 0.73
N ALA E 147 -21.63 -21.38 -0.22
CA ALA E 147 -22.56 -20.64 -1.07
C ALA E 147 -23.38 -21.65 -1.89
N SER E 148 -22.73 -22.71 -2.39
CA SER E 148 -23.45 -23.73 -3.16
C SER E 148 -24.51 -24.44 -2.35
N THR E 149 -24.20 -24.79 -1.12
CA THR E 149 -25.19 -25.47 -0.28
C THR E 149 -26.32 -24.49 0.07
N ALA E 150 -25.99 -23.23 0.31
CA ALA E 150 -27.05 -22.27 0.60
C ALA E 150 -28.00 -22.21 -0.60
N GLN E 151 -27.46 -22.34 -1.80
CA GLN E 151 -28.31 -22.29 -2.98
C GLN E 151 -29.18 -23.54 -3.09
N LEU E 152 -28.66 -24.69 -2.67
CA LEU E 152 -29.44 -25.93 -2.71
C LEU E 152 -30.60 -25.81 -1.70
N VAL E 153 -30.31 -25.27 -0.53
CA VAL E 153 -31.34 -25.09 0.49
C VAL E 153 -32.46 -24.18 -0.05
N ALA E 154 -32.09 -23.05 -0.65
CA ALA E 154 -33.05 -22.11 -1.21
C ALA E 154 -33.89 -22.78 -2.31
N ALA E 155 -33.24 -23.54 -3.20
CA ALA E 155 -33.94 -24.23 -4.27
C ALA E 155 -34.93 -25.26 -3.74
N SER E 156 -34.59 -25.91 -2.64
CA SER E 156 -35.47 -26.92 -2.04
C SER E 156 -36.65 -26.26 -1.34
N LYS E 157 -36.36 -25.17 -0.64
CA LYS E 157 -37.34 -24.39 0.14
C LYS E 157 -38.52 -23.82 -0.65
N VAL E 158 -38.29 -23.48 -1.91
CA VAL E 158 -39.31 -22.92 -2.78
C VAL E 158 -40.70 -23.57 -2.70
N LYS E 159 -40.77 -24.89 -2.74
CA LYS E 159 -42.06 -25.59 -2.69
C LYS E 159 -42.43 -26.13 -1.31
N ALA E 160 -41.77 -25.66 -0.27
CA ALA E 160 -42.04 -26.11 1.09
C ALA E 160 -42.87 -25.06 1.83
N ASN E 161 -43.14 -25.29 3.11
CA ASN E 161 -43.88 -24.34 3.93
C ASN E 161 -44.04 -24.81 5.37
N LYS E 162 -43.00 -24.63 6.17
CA LYS E 162 -43.00 -25.04 7.58
C LYS E 162 -43.47 -26.49 7.76
N HIS E 163 -42.96 -27.38 6.90
CA HIS E 163 -43.33 -28.78 6.95
C HIS E 163 -42.14 -29.71 7.24
N SER E 164 -42.20 -30.94 6.73
CA SER E 164 -41.14 -31.92 6.94
C SER E 164 -40.78 -32.73 5.68
N PRO E 165 -39.69 -33.53 5.72
CA PRO E 165 -38.76 -33.75 6.83
C PRO E 165 -38.06 -32.47 7.27
N HIS E 166 -38.80 -31.67 8.03
CA HIS E 166 -38.33 -30.42 8.58
C HIS E 166 -37.59 -29.48 7.63
N LEU E 167 -38.21 -28.33 7.42
CA LEU E 167 -37.64 -27.27 6.63
C LEU E 167 -36.67 -26.64 7.62
N SER E 168 -37.08 -26.65 8.89
CA SER E 168 -36.29 -26.09 9.97
C SER E 168 -34.99 -26.87 10.17
N ARG E 169 -35.12 -28.20 10.10
CA ARG E 169 -33.97 -29.10 10.22
C ARG E 169 -32.96 -28.77 9.13
N LEU E 170 -33.44 -28.65 7.90
CA LEU E 170 -32.58 -28.32 6.77
C LEU E 170 -31.97 -26.94 6.97
N GLN E 171 -32.79 -25.98 7.38
CA GLN E 171 -32.27 -24.64 7.60
C GLN E 171 -31.20 -24.66 8.67
N GLU E 172 -31.32 -25.56 9.64
CA GLU E 172 -30.30 -25.66 10.69
C GLU E 172 -29.02 -26.27 10.13
N CYS E 173 -29.18 -27.29 9.29
CA CYS E 173 -28.02 -27.93 8.66
C CYS E 173 -27.23 -26.86 7.91
N SER E 174 -27.95 -25.92 7.29
CA SER E 174 -27.33 -24.87 6.52
C SER E 174 -26.49 -23.97 7.42
N ARG E 175 -27.03 -23.65 8.60
CA ARG E 175 -26.31 -22.81 9.56
C ARG E 175 -25.00 -23.54 9.95
N THR E 176 -25.11 -24.83 10.20
CA THR E 176 -23.96 -25.61 10.61
C THR E 176 -22.87 -25.64 9.53
N VAL E 177 -23.28 -25.79 8.27
CA VAL E 177 -22.32 -25.83 7.16
C VAL E 177 -21.60 -24.49 7.11
N ASN E 178 -22.37 -23.42 7.23
CA ASN E 178 -21.79 -22.08 7.20
C ASN E 178 -20.78 -21.92 8.32
N GLU E 179 -21.13 -22.42 9.50
CA GLU E 179 -20.22 -22.34 10.64
C GLU E 179 -18.97 -23.22 10.39
N ARG E 180 -19.19 -24.42 9.87
CA ARG E 180 -18.08 -25.34 9.58
C ARG E 180 -17.13 -24.75 8.54
N ALA E 181 -17.69 -24.05 7.55
CA ALA E 181 -16.90 -23.42 6.48
C ALA E 181 -16.03 -22.30 7.07
N ALA E 182 -16.63 -21.49 7.93
CA ALA E 182 -15.88 -20.41 8.59
C ALA E 182 -14.76 -21.00 9.43
N ASN E 183 -15.00 -22.18 10.01
CA ASN E 183 -13.97 -22.83 10.81
C ASN E 183 -12.80 -23.21 9.94
N VAL E 184 -13.09 -23.78 8.77
CA VAL E 184 -12.03 -24.17 7.84
C VAL E 184 -11.20 -22.93 7.45
N VAL E 185 -11.87 -21.83 7.16
CA VAL E 185 -11.18 -20.61 6.78
C VAL E 185 -10.28 -20.12 7.92
N ALA E 186 -10.77 -20.22 9.15
CA ALA E 186 -9.98 -19.81 10.32
C ALA E 186 -8.73 -20.65 10.55
N SER E 187 -8.86 -21.98 10.45
CA SER E 187 -7.72 -22.86 10.67
C SER E 187 -6.72 -22.68 9.54
N THR E 188 -7.22 -22.43 8.34
CA THR E 188 -6.33 -22.22 7.21
C THR E 188 -5.53 -20.91 7.39
N LYS E 189 -6.22 -19.84 7.75
CA LYS E 189 -5.53 -18.57 7.96
C LYS E 189 -4.52 -18.76 9.09
N SER E 190 -4.98 -19.38 10.17
CA SER E 190 -4.11 -19.64 11.32
C SER E 190 -2.92 -20.48 10.88
N GLY E 191 -3.18 -21.55 10.16
CA GLY E 191 -2.12 -22.41 9.72
C GLY E 191 -1.11 -21.79 8.79
N GLN E 192 -1.57 -20.96 7.86
CA GLN E 192 -0.65 -20.34 6.92
C GLN E 192 0.35 -19.46 7.64
N GLU E 193 -0.10 -18.76 8.68
CA GLU E 193 0.81 -17.89 9.42
C GLU E 193 1.90 -18.68 10.17
N GLN E 194 1.51 -19.75 10.87
CA GLN E 194 2.50 -20.55 11.58
C GLN E 194 3.57 -20.99 10.60
N ILE E 195 3.14 -21.54 9.47
CA ILE E 195 4.06 -22.01 8.45
C ILE E 195 5.04 -20.93 7.98
N GLU E 196 4.61 -19.67 8.00
CA GLU E 196 5.48 -18.60 7.55
C GLU E 196 6.51 -18.20 8.60
N ASP E 197 6.45 -18.84 9.76
CA ASP E 197 7.40 -18.54 10.82
C ASP E 197 8.71 -19.30 10.64
N ASP F 8 9.59 38.52 30.63
CA ASP F 8 8.65 38.48 31.79
C ASP F 8 8.41 39.89 32.34
N VAL F 9 7.16 40.36 32.24
CA VAL F 9 6.82 41.72 32.68
C VAL F 9 6.45 41.91 34.16
N ARG F 10 6.92 43.02 34.71
CA ARG F 10 6.67 43.42 36.09
C ARG F 10 5.18 43.49 36.42
N GLN F 11 4.75 42.72 37.42
CA GLN F 11 3.34 42.72 37.81
C GLN F 11 2.84 44.13 37.99
N GLU F 12 3.71 44.96 38.58
CA GLU F 12 3.37 46.36 38.85
C GLU F 12 3.15 47.20 37.60
N GLU F 13 3.53 46.66 36.45
CA GLU F 13 3.34 47.38 35.20
C GLU F 13 2.53 46.58 34.17
N LEU F 14 2.04 45.40 34.57
CA LEU F 14 1.23 44.58 33.69
C LEU F 14 0.09 45.40 33.08
N GLY F 15 -0.46 46.33 33.86
CA GLY F 15 -1.54 47.15 33.36
C GLY F 15 -1.14 47.99 32.15
N ALA F 16 0.02 48.60 32.24
CA ALA F 16 0.53 49.44 31.16
C ALA F 16 0.85 48.58 29.96
N VAL F 17 1.39 47.39 30.23
CA VAL F 17 1.75 46.49 29.13
C VAL F 17 0.50 45.94 28.43
N VAL F 18 -0.49 45.47 29.18
CA VAL F 18 -1.69 44.91 28.56
C VAL F 18 -2.45 45.98 27.75
N ASP F 19 -2.55 47.20 28.26
CA ASP F 19 -3.22 48.25 27.49
C ASP F 19 -2.48 48.50 26.18
N LYS F 20 -1.16 48.58 26.27
CA LYS F 20 -0.33 48.81 25.09
C LYS F 20 -0.50 47.66 24.09
N GLU F 21 -0.50 46.42 24.56
CA GLU F 21 -0.64 45.26 23.68
C GLU F 21 -1.98 45.20 22.97
N ALA F 23 -3.80 47.63 22.19
CA ALA F 23 -3.78 48.69 21.19
C ALA F 23 -2.86 48.35 20.01
N ALA F 24 -1.75 47.67 20.27
CA ALA F 24 -0.84 47.28 19.20
C ALA F 24 -1.55 46.26 18.30
N THR F 25 -2.36 45.39 18.91
CA THR F 25 -3.10 44.37 18.15
C THR F 25 -4.20 45.00 17.28
N SER F 26 -4.93 45.95 17.84
CA SER F 26 -5.99 46.64 17.10
C SER F 26 -5.38 47.45 15.97
N ALA F 27 -4.21 48.04 16.22
CA ALA F 27 -3.54 48.82 15.20
C ALA F 27 -3.06 47.89 14.07
N ALA F 28 -2.55 46.71 14.44
CA ALA F 28 -2.10 45.74 13.44
C ALA F 28 -3.28 45.29 12.60
N ILE F 29 -4.45 45.14 13.21
CA ILE F 29 -5.61 44.72 12.48
C ILE F 29 -6.07 45.81 11.49
N GLU F 30 -6.02 47.08 11.92
CA GLU F 30 -6.42 48.18 11.03
C GLU F 30 -5.46 48.24 9.87
N ASP F 31 -4.19 48.06 10.19
CA ASP F 31 -3.19 48.09 9.16
C ASP F 31 -3.41 46.96 8.13
N ALA F 32 -3.84 45.78 8.61
CA ALA F 32 -4.11 44.66 7.70
C ALA F 32 -5.27 45.03 6.78
N VAL F 33 -6.32 45.64 7.35
CA VAL F 33 -7.46 46.04 6.53
C VAL F 33 -6.97 47.01 5.46
N ARG F 34 -6.18 48.00 5.86
CA ARG F 34 -5.66 48.99 4.92
C ARG F 34 -4.81 48.37 3.82
N ARG F 35 -3.86 47.52 4.20
CA ARG F 35 -3.00 46.88 3.19
C ARG F 35 -3.74 45.96 2.24
N ILE F 36 -4.75 45.24 2.73
CA ILE F 36 -5.50 44.34 1.86
C ILE F 36 -6.39 45.14 0.89
N GLU F 37 -6.94 46.25 1.33
CA GLU F 37 -7.79 47.04 0.45
C GLU F 37 -6.90 47.69 -0.60
N ASP F 38 -5.72 48.13 -0.23
CA ASP F 38 -4.84 48.74 -1.20
C ASP F 38 -4.39 47.68 -2.24
N ASN F 41 -6.34 47.35 -5.35
CA ASN F 41 -6.09 48.35 -6.36
C ASN F 41 -4.79 47.99 -7.07
N GLN F 42 -3.78 47.61 -6.30
CA GLN F 42 -2.48 47.25 -6.88
C GLN F 42 -2.57 46.06 -7.83
N ALA F 43 -3.48 45.13 -7.53
CA ALA F 43 -3.64 43.92 -8.35
C ALA F 43 -4.14 44.28 -9.74
N ARG F 44 -5.01 45.29 -9.80
CA ARG F 44 -5.56 45.73 -11.08
C ARG F 44 -4.48 46.28 -12.01
N HIS F 45 -3.30 46.56 -11.48
CA HIS F 45 -2.21 47.10 -12.30
C HIS F 45 -1.16 46.06 -12.65
N ALA F 46 -1.21 44.93 -11.95
CA ALA F 46 -0.21 43.88 -12.18
C ALA F 46 -0.78 42.63 -12.83
N SER F 47 -2.10 42.56 -12.97
CA SER F 47 -2.70 41.37 -13.54
C SER F 47 -4.03 41.70 -14.19
N SER F 48 -4.60 40.70 -14.85
CA SER F 48 -5.87 40.86 -15.54
C SER F 48 -6.51 39.49 -15.74
N GLY F 49 -7.65 39.49 -16.41
CA GLY F 49 -8.36 38.25 -16.70
C GLY F 49 -8.79 37.44 -15.48
N VAL F 50 -8.78 36.12 -15.61
CA VAL F 50 -9.18 35.25 -14.52
C VAL F 50 -8.35 35.49 -13.26
N LYS F 51 -7.04 35.66 -13.42
CA LYS F 51 -6.14 35.89 -12.29
C LYS F 51 -6.58 37.09 -11.43
N LEU F 52 -6.85 38.22 -12.08
CA LEU F 52 -7.29 39.41 -11.36
C LEU F 52 -8.63 39.15 -10.72
N GLU F 53 -9.54 38.58 -11.49
CA GLU F 53 -10.89 38.29 -11.02
C GLU F 53 -10.90 37.44 -9.73
N VAL F 54 -10.16 36.34 -9.73
CA VAL F 54 -10.14 35.48 -8.54
C VAL F 54 -9.40 36.12 -7.38
N ASN F 55 -8.34 36.84 -7.66
CA ASN F 55 -7.59 37.46 -6.60
C ASN F 55 -8.40 38.58 -5.91
N GLU F 56 -9.30 39.22 -6.64
CA GLU F 56 -10.12 40.27 -6.05
C GLU F 56 -11.16 39.62 -5.13
N ARG F 57 -11.74 38.51 -5.57
CA ARG F 57 -12.71 37.82 -4.73
C ARG F 57 -12.01 37.34 -3.43
N ILE F 58 -10.76 36.90 -3.55
CA ILE F 58 -10.00 36.45 -2.38
C ILE F 58 -9.69 37.61 -1.45
N LEU F 59 -9.18 38.71 -2.01
CA LEU F 59 -8.87 39.88 -1.20
C LEU F 59 -10.09 40.40 -0.50
N ASN F 60 -11.24 40.34 -1.16
CA ASN F 60 -12.49 40.82 -0.54
C ASN F 60 -12.86 39.93 0.63
N SER F 61 -12.72 38.63 0.44
CA SER F 61 -13.00 37.69 1.51
C SER F 61 -12.03 37.97 2.68
N CYS F 62 -10.76 38.26 2.40
CA CYS F 62 -9.79 38.55 3.46
C CYS F 62 -10.16 39.84 4.22
N THR F 63 -10.76 40.80 3.53
CA THR F 63 -11.16 42.04 4.20
C THR F 63 -12.29 41.74 5.18
N ASP F 64 -13.30 41.00 4.74
CA ASP F 64 -14.38 40.62 5.61
C ASP F 64 -13.85 39.85 6.83
N LEU F 65 -12.87 38.97 6.61
CA LEU F 65 -12.27 38.23 7.73
C LEU F 65 -11.56 39.21 8.70
N LYS F 67 -12.13 42.27 9.23
CA LYS F 67 -13.10 43.12 9.89
C LYS F 67 -13.87 42.34 10.97
N ALA F 68 -14.12 41.05 10.75
CA ALA F 68 -14.77 40.23 11.77
C ALA F 68 -13.81 40.10 12.97
N ILE F 69 -12.51 40.03 12.71
CA ILE F 69 -11.48 39.94 13.75
C ILE F 69 -11.36 41.28 14.48
N ARG F 70 -11.49 42.38 13.76
CA ARG F 70 -11.44 43.70 14.37
C ARG F 70 -12.54 43.75 15.45
N LEU F 71 -13.74 43.36 15.05
CA LEU F 71 -14.89 43.36 15.92
C LEU F 71 -14.75 42.34 17.07
N LEU F 72 -14.13 41.20 16.79
CA LEU F 72 -13.94 40.21 17.86
C LEU F 72 -13.01 40.77 18.93
N VAL F 73 -11.91 41.38 18.51
CA VAL F 73 -10.93 41.93 19.44
C VAL F 73 -11.55 43.05 20.29
N THR F 74 -12.36 43.88 19.65
CA THR F 74 -13.04 44.97 20.35
C THR F 74 -14.01 44.42 21.40
N THR F 75 -14.71 43.34 21.08
CA THR F 75 -15.62 42.72 22.03
C THR F 75 -14.88 42.02 23.18
N SER F 76 -13.69 41.49 22.92
CA SER F 76 -12.95 40.83 24.01
C SER F 76 -12.35 41.90 24.91
N THR F 77 -11.98 43.03 24.32
CA THR F 77 -11.45 44.12 25.11
C THR F 77 -12.58 44.62 26.03
N SER F 78 -13.80 44.61 25.52
CA SER F 78 -14.94 45.05 26.31
C SER F 78 -15.22 44.08 27.46
N LEU F 79 -15.16 42.79 27.18
CA LEU F 79 -15.37 41.78 28.21
C LEU F 79 -14.31 41.92 29.31
N GLN F 80 -13.06 42.13 28.90
CA GLN F 80 -11.98 42.31 29.85
C GLN F 80 -12.25 43.51 30.76
N LYS F 81 -12.63 44.63 30.17
CA LYS F 81 -12.92 45.85 30.93
C LYS F 81 -14.01 45.59 31.96
N GLU F 82 -15.01 44.84 31.55
CA GLU F 82 -16.11 44.51 32.44
C GLU F 82 -15.63 43.71 33.62
N ILE F 83 -14.76 42.74 33.35
CA ILE F 83 -14.22 41.90 34.41
C ILE F 83 -13.40 42.77 35.36
N VAL F 84 -12.64 43.71 34.81
CA VAL F 84 -11.79 44.61 35.60
C VAL F 84 -12.61 45.61 36.45
N GLU F 85 -13.66 46.16 35.84
CA GLU F 85 -14.50 47.14 36.53
C GLU F 85 -15.40 46.49 37.57
N SER F 86 -15.91 45.32 37.23
CA SER F 86 -16.79 44.58 38.11
C SER F 86 -16.07 43.99 39.33
N GLY F 87 -14.78 43.68 39.22
CA GLY F 87 -14.10 43.08 40.36
C GLY F 87 -13.00 43.86 41.05
N ARG F 88 -12.68 45.06 40.57
CA ARG F 88 -11.59 45.79 41.19
C ARG F 88 -11.92 46.47 42.52
N GLY F 89 -13.18 46.85 42.72
CA GLY F 89 -13.55 47.50 43.97
C GLY F 89 -12.78 48.77 44.19
N ALA F 90 -12.03 48.84 45.28
CA ALA F 90 -11.30 50.06 45.57
C ALA F 90 -9.91 50.08 44.97
N ALA F 91 -9.58 49.08 44.15
CA ALA F 91 -8.27 49.03 43.54
C ALA F 91 -8.31 49.67 42.15
N THR F 92 -7.17 50.19 41.70
CA THR F 92 -7.09 50.77 40.36
C THR F 92 -7.04 49.58 39.39
N GLN F 93 -7.20 49.86 38.10
CA GLN F 93 -7.14 48.78 37.11
C GLN F 93 -5.79 48.08 37.20
N GLN F 94 -4.74 48.87 37.39
CA GLN F 94 -3.41 48.31 37.47
C GLN F 94 -3.31 47.28 38.58
N GLU F 95 -3.80 47.63 39.76
CA GLU F 95 -3.74 46.69 40.89
C GLU F 95 -4.55 45.44 40.60
N PHE F 96 -5.68 45.59 39.92
CA PHE F 96 -6.51 44.43 39.58
C PHE F 96 -5.76 43.49 38.61
N TYR F 97 -5.09 44.07 37.61
CA TYR F 97 -4.32 43.25 36.65
C TYR F 97 -3.18 42.54 37.37
N ALA F 98 -2.39 43.30 38.13
CA ALA F 98 -1.27 42.75 38.88
C ALA F 98 -1.78 41.66 39.81
N LYS F 99 -2.95 41.89 40.39
CA LYS F 99 -3.56 40.96 41.33
C LYS F 99 -4.04 39.68 40.66
N ASN F 100 -4.28 39.74 39.36
CA ASN F 100 -4.73 38.58 38.58
C ASN F 100 -3.73 38.39 37.44
N SER F 101 -2.46 38.43 37.83
CA SER F 101 -1.33 38.32 36.92
C SER F 101 -1.40 37.21 35.87
N ARG F 102 -1.91 36.04 36.25
CA ARG F 102 -2.00 34.93 35.29
C ARG F 102 -2.95 35.25 34.15
N TRP F 103 -4.16 35.66 34.51
CA TRP F 103 -5.15 36.01 33.53
C TRP F 103 -4.59 37.10 32.61
N THR F 104 -4.00 38.13 33.20
CA THR F 104 -3.46 39.26 32.43
C THR F 104 -2.37 38.79 31.44
N GLU F 105 -1.45 37.95 31.89
CA GLU F 105 -0.41 37.45 31.02
C GLU F 105 -1.03 36.65 29.89
N GLY F 106 -2.12 35.96 30.17
CA GLY F 106 -2.78 35.17 29.14
C GLY F 106 -3.41 36.08 28.09
N LEU F 107 -3.86 37.26 28.54
CA LEU F 107 -4.46 38.22 27.62
C LEU F 107 -3.36 38.76 26.71
N ILE F 108 -2.24 39.09 27.33
CA ILE F 108 -1.11 39.66 26.61
C ILE F 108 -0.59 38.72 25.54
N SER F 109 -0.45 37.44 25.90
CA SER F 109 0.06 36.44 24.96
C SER F 109 -0.93 36.09 23.84
N ALA F 110 -2.21 35.92 24.18
CA ALA F 110 -3.16 35.58 23.14
C ALA F 110 -3.33 36.78 22.19
N SER F 111 -3.25 37.99 22.73
CA SER F 111 -3.40 39.20 21.92
C SER F 111 -2.17 39.36 20.97
N LYS F 112 -0.97 39.11 21.49
CA LYS F 112 0.24 39.20 20.66
C LYS F 112 0.09 38.22 19.48
N ALA F 113 -0.41 37.02 19.74
CA ALA F 113 -0.57 36.04 18.68
C ALA F 113 -1.55 36.51 17.57
N VAL F 114 -2.61 37.21 17.96
CA VAL F 114 -3.56 37.69 16.98
C VAL F 114 -2.87 38.72 16.11
N GLY F 115 -2.07 39.58 16.73
CA GLY F 115 -1.34 40.60 16.00
C GLY F 115 -0.38 39.97 14.98
N TRP F 116 0.37 38.96 15.42
CA TRP F 116 1.31 38.30 14.51
C TRP F 116 0.51 37.62 13.41
N GLY F 117 -0.67 37.10 13.77
CA GLY F 117 -1.54 36.42 12.83
C GLY F 117 -1.95 37.32 11.68
N ALA F 118 -2.20 38.60 11.99
CA ALA F 118 -2.61 39.54 10.96
C ALA F 118 -1.41 39.90 10.06
N THR F 119 -0.24 40.06 10.65
CA THR F 119 0.97 40.39 9.90
C THR F 119 1.25 39.23 8.91
N GLN F 120 1.13 37.99 9.39
CA GLN F 120 1.35 36.80 8.57
C GLN F 120 0.40 36.72 7.40
N LEU F 121 -0.88 36.85 7.68
CA LEU F 121 -1.87 36.75 6.64
C LEU F 121 -1.69 37.78 5.53
N VAL F 122 -1.35 39.00 5.91
CA VAL F 122 -1.15 40.07 4.95
C VAL F 122 0.04 39.74 4.07
N GLU F 123 1.13 39.29 4.68
CA GLU F 123 2.33 38.91 3.94
C GLU F 123 2.04 37.76 2.95
N ALA F 124 1.23 36.78 3.38
CA ALA F 124 0.89 35.63 2.52
C ALA F 124 0.03 36.09 1.35
N ALA F 125 -0.92 36.98 1.65
CA ALA F 125 -1.80 37.48 0.61
C ALA F 125 -0.99 38.32 -0.40
N ASP F 126 -0.10 39.18 0.11
CA ASP F 126 0.73 40.03 -0.74
C ASP F 126 1.56 39.16 -1.71
N LYS F 127 2.25 38.18 -1.15
CA LYS F 127 3.08 37.29 -1.92
C LYS F 127 2.39 36.55 -3.06
N VAL F 128 1.24 35.95 -2.80
CA VAL F 128 0.58 35.20 -3.84
C VAL F 128 -0.18 36.08 -4.84
N VAL F 129 -0.70 37.20 -4.36
CA VAL F 129 -1.45 38.07 -5.27
C VAL F 129 -0.54 38.97 -6.10
N LEU F 130 0.52 39.48 -5.51
CA LEU F 130 1.41 40.37 -6.21
C LEU F 130 2.76 39.83 -6.58
N HIS F 131 3.13 38.68 -6.05
CA HIS F 131 4.42 38.10 -6.37
C HIS F 131 4.29 36.63 -6.76
N THR F 132 5.15 35.77 -6.23
CA THR F 132 5.09 34.36 -6.60
C THR F 132 4.87 33.41 -5.43
N GLY F 133 4.13 33.85 -4.42
CA GLY F 133 3.86 33.00 -3.28
C GLY F 133 2.80 31.95 -3.57
N LYS F 134 2.59 31.05 -2.63
CA LYS F 134 1.63 30.00 -2.80
C LYS F 134 0.29 30.30 -2.14
N TYR F 135 -0.79 29.83 -2.76
CA TYR F 135 -2.12 30.01 -2.22
C TYR F 135 -2.21 29.18 -0.95
N GLU F 136 -1.48 28.06 -0.91
CA GLU F 136 -1.46 27.20 0.27
C GLU F 136 -1.12 28.00 1.54
N GLU F 137 -0.21 28.95 1.42
CA GLU F 137 0.24 29.75 2.55
C GLU F 137 -0.88 30.66 3.08
N LEU F 138 -1.68 31.21 2.18
CA LEU F 138 -2.80 32.05 2.58
C LEU F 138 -3.83 31.20 3.33
N ILE F 139 -4.03 29.96 2.88
CA ILE F 139 -4.96 29.07 3.55
C ILE F 139 -4.48 28.70 4.98
N VAL F 140 -3.21 28.35 5.13
CA VAL F 140 -2.71 28.01 6.46
C VAL F 140 -2.79 29.25 7.37
N CYS F 141 -2.44 30.42 6.84
CA CYS F 141 -2.47 31.64 7.66
C CYS F 141 -3.90 32.02 8.06
N SER F 142 -4.88 31.67 7.24
CA SER F 142 -6.26 31.93 7.56
C SER F 142 -6.71 31.02 8.71
N HIS F 143 -6.24 29.77 8.70
CA HIS F 143 -6.60 28.86 9.75
C HIS F 143 -5.95 29.30 11.04
N GLU F 144 -4.67 29.65 10.98
CA GLU F 144 -3.99 30.03 12.18
C GLU F 144 -4.51 31.30 12.84
N ILE F 145 -4.94 32.30 12.05
CA ILE F 145 -5.41 33.52 12.68
C ILE F 145 -6.75 33.24 13.37
N ALA F 146 -7.59 32.41 12.78
CA ALA F 146 -8.85 32.04 13.40
C ALA F 146 -8.56 31.27 14.71
N ALA F 147 -7.53 30.42 14.73
CA ALA F 147 -7.19 29.71 15.96
C ALA F 147 -6.66 30.71 17.00
N SER F 148 -5.91 31.71 16.56
CA SER F 148 -5.40 32.70 17.52
C SER F 148 -6.55 33.52 18.13
N THR F 149 -7.56 33.85 17.33
CA THR F 149 -8.67 34.60 17.89
C THR F 149 -9.46 33.70 18.85
N ALA F 150 -9.56 32.42 18.55
CA ALA F 150 -10.28 31.51 19.43
C ALA F 150 -9.54 31.42 20.77
N GLN F 151 -8.24 31.65 20.77
CA GLN F 151 -7.49 31.60 22.02
C GLN F 151 -7.67 32.91 22.79
N LEU F 152 -7.81 34.04 22.09
CA LEU F 152 -8.00 35.32 22.77
C LEU F 152 -9.32 35.23 23.53
N VAL F 153 -10.31 34.63 22.90
CA VAL F 153 -11.60 34.46 23.52
C VAL F 153 -11.43 33.60 24.78
N ALA F 154 -10.76 32.45 24.64
CA ALA F 154 -10.52 31.57 25.78
C ALA F 154 -9.80 32.29 26.92
N ALA F 155 -8.77 33.06 26.59
CA ALA F 155 -8.02 33.78 27.60
C ALA F 155 -8.86 34.85 28.29
N SER F 156 -9.75 35.47 27.54
CA SER F 156 -10.62 36.53 28.06
C SER F 156 -11.65 35.98 29.05
N LYS F 157 -12.26 34.85 28.71
CA LYS F 157 -13.28 34.23 29.53
C LYS F 157 -12.80 33.52 30.77
N VAL F 158 -11.49 33.50 31.00
CA VAL F 158 -10.95 32.84 32.20
C VAL F 158 -11.57 33.45 33.46
N LYS F 159 -11.57 34.77 33.57
CA LYS F 159 -12.13 35.46 34.73
C LYS F 159 -13.57 35.92 34.53
N ALA F 160 -14.32 35.27 33.64
CA ALA F 160 -15.70 35.68 33.39
C ALA F 160 -16.70 34.56 33.65
N ASN F 161 -17.83 34.91 34.24
CA ASN F 161 -18.88 33.93 34.53
C ASN F 161 -20.24 34.31 33.93
N LYS F 162 -20.38 34.09 32.63
CA LYS F 162 -21.60 34.36 31.89
C LYS F 162 -22.31 35.70 32.10
N HIS F 163 -21.59 36.79 31.87
CA HIS F 163 -22.18 38.11 32.01
C HIS F 163 -21.56 39.10 31.05
N SER F 164 -22.10 40.30 31.07
CA SER F 164 -21.67 41.39 30.21
C SER F 164 -20.20 41.74 30.30
N PRO F 165 -19.63 42.35 29.24
CA PRO F 165 -20.33 42.70 28.00
C PRO F 165 -20.49 41.43 27.19
N HIS F 166 -21.31 40.53 27.73
CA HIS F 166 -21.61 39.25 27.12
C HIS F 166 -20.41 38.39 26.77
N LEU F 167 -20.32 37.23 27.40
CA LEU F 167 -19.28 36.28 27.07
C LEU F 167 -19.89 35.66 25.81
N SER F 168 -21.23 35.67 25.80
CA SER F 168 -22.03 35.13 24.70
C SER F 168 -21.70 35.76 23.34
N ARG F 169 -21.71 37.09 23.25
CA ARG F 169 -21.43 37.76 21.99
C ARG F 169 -19.97 37.54 21.56
N LEU F 170 -19.02 37.60 22.50
CA LEU F 170 -17.62 37.35 22.14
C LEU F 170 -17.52 35.98 21.49
N GLN F 171 -18.27 35.01 22.01
CA GLN F 171 -18.25 33.66 21.50
C GLN F 171 -18.92 33.52 20.14
N GLU F 172 -19.96 34.30 19.93
CA GLU F 172 -20.65 34.25 18.65
C GLU F 172 -19.69 34.91 17.64
N CYS F 173 -18.91 35.87 18.14
CA CYS F 173 -17.93 36.57 17.32
C CYS F 173 -16.87 35.61 16.82
N SER F 174 -16.51 34.65 17.66
CA SER F 174 -15.52 33.66 17.29
C SER F 174 -16.08 32.81 16.15
N ARG F 175 -17.35 32.46 16.27
CA ARG F 175 -17.96 31.66 15.22
C ARG F 175 -17.97 32.47 13.90
N THR F 176 -18.23 33.76 13.99
CA THR F 176 -18.24 34.58 12.76
C THR F 176 -16.85 34.59 12.14
N VAL F 177 -15.84 34.77 12.98
CA VAL F 177 -14.47 34.75 12.48
C VAL F 177 -14.18 33.41 11.78
N ASN F 178 -14.62 32.29 12.36
CA ASN F 178 -14.39 30.98 11.76
C ASN F 178 -15.07 30.86 10.39
N GLU F 179 -16.28 31.40 10.30
CA GLU F 179 -17.07 31.38 9.07
C GLU F 179 -16.36 32.19 7.98
N ARG F 180 -15.83 33.35 8.35
CA ARG F 180 -15.14 34.20 7.38
C ARG F 180 -13.81 33.56 6.98
N ALA F 181 -13.18 32.85 7.92
CA ALA F 181 -11.91 32.20 7.59
C ALA F 181 -12.18 31.05 6.60
N ALA F 182 -13.28 30.34 6.81
CA ALA F 182 -13.69 29.26 5.93
C ALA F 182 -14.00 29.81 4.54
N ASN F 183 -14.51 31.03 4.48
CA ASN F 183 -14.81 31.61 3.18
C ASN F 183 -13.53 32.04 2.44
N VAL F 184 -12.51 32.50 3.17
CA VAL F 184 -11.25 32.89 2.55
C VAL F 184 -10.65 31.60 1.97
N VAL F 185 -10.73 30.53 2.74
CA VAL F 185 -10.20 29.26 2.28
C VAL F 185 -10.94 28.77 1.03
N ALA F 186 -12.27 28.84 1.02
CA ALA F 186 -13.03 28.38 -0.14
C ALA F 186 -12.75 29.24 -1.37
N SER F 187 -12.63 30.55 -1.18
CA SER F 187 -12.36 31.45 -2.32
C SER F 187 -10.96 31.22 -2.85
N THR F 188 -10.04 30.91 -1.94
CA THR F 188 -8.65 30.67 -2.31
C THR F 188 -8.50 29.37 -3.10
N LYS F 189 -9.15 28.29 -2.66
CA LYS F 189 -9.06 27.04 -3.39
C LYS F 189 -9.71 27.18 -4.77
N SER F 190 -10.92 27.72 -4.80
CA SER F 190 -11.61 27.94 -6.05
C SER F 190 -10.75 28.76 -7.03
N GLY F 191 -10.15 29.83 -6.52
CA GLY F 191 -9.32 30.69 -7.36
C GLY F 191 -8.09 29.99 -7.88
N GLN F 192 -7.45 29.23 -7.00
CA GLN F 192 -6.26 28.47 -7.35
C GLN F 192 -6.55 27.55 -8.54
N GLU F 193 -7.68 26.88 -8.49
CA GLU F 193 -8.04 25.95 -9.54
C GLU F 193 -8.45 26.66 -10.82
N GLN F 194 -9.12 27.80 -10.72
CA GLN F 194 -9.51 28.54 -11.92
C GLN F 194 -8.28 29.05 -12.65
N ILE F 195 -7.25 29.45 -11.91
CA ILE F 195 -6.04 29.92 -12.57
C ILE F 195 -5.35 28.74 -13.25
N GLU F 196 -5.36 27.56 -12.62
CA GLU F 196 -4.75 26.37 -13.20
C GLU F 196 -5.48 25.93 -14.47
N ASP F 197 -6.79 26.12 -14.52
CA ASP F 197 -7.53 25.76 -15.72
C ASP F 197 -7.18 26.67 -16.91
N ASP G 8 -38.07 6.68 -41.38
CA ASP G 8 -36.71 6.36 -41.92
C ASP G 8 -36.57 6.83 -43.36
N VAL G 9 -35.62 7.74 -43.59
CA VAL G 9 -35.39 8.32 -44.92
C VAL G 9 -34.94 7.32 -46.00
N ARG G 10 -35.64 7.31 -47.12
CA ARG G 10 -35.32 6.46 -48.26
C ARG G 10 -33.92 6.83 -48.75
N GLN G 11 -33.08 5.83 -48.94
CA GLN G 11 -31.71 6.03 -49.39
C GLN G 11 -31.62 6.92 -50.61
N GLU G 12 -32.54 6.70 -51.56
CA GLU G 12 -32.57 7.46 -52.80
C GLU G 12 -33.00 8.90 -52.61
N GLU G 13 -33.41 9.25 -51.39
CA GLU G 13 -33.82 10.63 -51.15
C GLU G 13 -32.99 11.30 -50.06
N LEU G 14 -31.93 10.61 -49.61
CA LEU G 14 -31.03 11.16 -48.59
C LEU G 14 -30.46 12.51 -49.02
N GLY G 15 -30.10 12.65 -50.29
CA GLY G 15 -29.55 13.90 -50.79
C GLY G 15 -30.51 15.05 -50.55
N ALA G 16 -31.76 14.89 -50.96
CA ALA G 16 -32.75 15.95 -50.80
C ALA G 16 -32.92 16.29 -49.32
N VAL G 17 -32.99 15.27 -48.49
CA VAL G 17 -33.15 15.48 -47.06
C VAL G 17 -31.93 16.19 -46.42
N VAL G 18 -30.70 15.83 -46.79
CA VAL G 18 -29.55 16.48 -46.17
C VAL G 18 -29.48 17.94 -46.60
N ASP G 19 -29.89 18.22 -47.84
CA ASP G 19 -29.87 19.60 -48.34
C ASP G 19 -30.90 20.41 -47.57
N LYS G 20 -32.09 19.85 -47.38
CA LYS G 20 -33.16 20.51 -46.64
C LYS G 20 -32.75 20.72 -45.18
N GLU G 21 -32.17 19.70 -44.55
CA GLU G 21 -31.72 19.80 -43.16
C GLU G 21 -30.68 20.88 -42.98
N ALA G 23 -30.24 23.49 -44.69
CA ALA G 23 -30.89 24.80 -44.89
C ALA G 23 -31.70 25.17 -43.65
N ALA G 24 -32.45 24.20 -43.13
CA ALA G 24 -33.27 24.38 -41.93
C ALA G 24 -32.41 24.74 -40.72
N THR G 25 -31.22 24.12 -40.60
CA THR G 25 -30.32 24.44 -39.50
C THR G 25 -29.78 25.86 -39.66
N SER G 26 -29.40 26.23 -40.87
CA SER G 26 -28.90 27.57 -41.11
C SER G 26 -29.99 28.59 -40.85
N ALA G 27 -31.23 28.24 -41.21
CA ALA G 27 -32.37 29.12 -41.02
C ALA G 27 -32.67 29.24 -39.52
N ALA G 28 -32.59 28.13 -38.79
CA ALA G 28 -32.82 28.14 -37.34
C ALA G 28 -31.76 29.00 -36.63
N ILE G 29 -30.54 28.98 -37.16
CA ILE G 29 -29.47 29.77 -36.57
C ILE G 29 -29.71 31.28 -36.83
N GLU G 30 -30.20 31.63 -38.02
CA GLU G 30 -30.48 33.03 -38.33
C GLU G 30 -31.65 33.53 -37.45
N ASP G 31 -32.66 32.69 -37.27
CA ASP G 31 -33.80 33.03 -36.42
C ASP G 31 -33.30 33.27 -34.99
N ALA G 32 -32.37 32.42 -34.55
CA ALA G 32 -31.78 32.55 -33.23
C ALA G 32 -31.01 33.86 -33.09
N VAL G 33 -30.21 34.21 -34.09
CA VAL G 33 -29.48 35.47 -34.01
C VAL G 33 -30.51 36.61 -33.89
N ARG G 34 -31.53 36.60 -34.74
CA ARG G 34 -32.56 37.64 -34.74
C ARG G 34 -33.28 37.71 -33.39
N ARG G 35 -33.76 36.57 -32.90
CA ARG G 35 -34.46 36.48 -31.62
C ARG G 35 -33.61 36.97 -30.44
N ILE G 36 -32.35 36.55 -30.39
CA ILE G 36 -31.48 36.96 -29.29
C ILE G 36 -31.23 38.48 -29.33
N GLU G 37 -30.94 38.98 -30.52
CA GLU G 37 -30.68 40.41 -30.63
C GLU G 37 -31.88 41.25 -30.26
N ASP G 38 -33.09 40.79 -30.58
CA ASP G 38 -34.28 41.58 -30.23
C ASP G 38 -34.64 41.42 -28.76
N ASN G 41 -33.14 44.17 -26.87
CA ASN G 41 -33.86 45.44 -26.88
C ASN G 41 -35.04 45.38 -25.94
N GLN G 42 -35.77 44.26 -25.99
CA GLN G 42 -36.93 44.05 -25.15
C GLN G 42 -36.57 43.96 -23.66
N ALA G 43 -35.34 43.55 -23.37
CA ALA G 43 -34.88 43.45 -21.99
C ALA G 43 -34.77 44.86 -21.40
N ARG G 44 -34.18 45.77 -22.19
CA ARG G 44 -34.02 47.17 -21.79
C ARG G 44 -35.36 47.79 -21.45
N HIS G 45 -36.44 47.07 -21.72
CA HIS G 45 -37.79 47.56 -21.47
C HIS G 45 -38.60 46.68 -20.51
N ALA G 46 -38.08 45.51 -20.14
CA ALA G 46 -38.83 44.61 -19.26
C ALA G 46 -38.12 44.36 -17.93
N SER G 47 -37.10 45.17 -17.66
CA SER G 47 -36.33 45.06 -16.43
C SER G 47 -35.26 46.14 -16.46
N SER G 48 -34.54 46.28 -15.35
CA SER G 48 -33.46 47.26 -15.26
C SER G 48 -32.58 46.86 -14.09
N GLY G 49 -31.66 47.74 -13.70
CA GLY G 49 -30.78 47.40 -12.61
C GLY G 49 -29.77 46.38 -13.09
N VAL G 50 -29.01 45.82 -12.15
CA VAL G 50 -27.98 44.85 -12.47
C VAL G 50 -28.50 43.68 -13.30
N LYS G 51 -29.75 43.27 -13.09
CA LYS G 51 -30.32 42.17 -13.85
C LYS G 51 -30.25 42.50 -15.35
N LEU G 52 -30.87 43.60 -15.75
CA LEU G 52 -30.86 44.04 -17.14
C LEU G 52 -29.42 44.10 -17.61
N GLU G 53 -28.59 44.74 -16.80
CA GLU G 53 -27.17 44.91 -17.08
C GLU G 53 -26.43 43.60 -17.44
N VAL G 54 -26.49 42.62 -16.55
CA VAL G 54 -25.82 41.36 -16.81
C VAL G 54 -26.49 40.62 -17.98
N ASN G 55 -27.81 40.72 -18.07
CA ASN G 55 -28.49 40.03 -19.15
C ASN G 55 -28.09 40.55 -20.53
N GLU G 56 -27.77 41.83 -20.63
CA GLU G 56 -27.35 42.40 -21.91
C GLU G 56 -25.99 41.82 -22.27
N ARG G 57 -25.09 41.72 -21.29
CA ARG G 57 -23.76 41.17 -21.54
C ARG G 57 -23.84 39.71 -22.01
N ILE G 58 -24.68 38.95 -21.34
CA ILE G 58 -24.91 37.54 -21.65
C ILE G 58 -25.55 37.36 -23.03
N LEU G 59 -26.62 38.10 -23.30
CA LEU G 59 -27.31 38.00 -24.58
C LEU G 59 -26.37 38.37 -25.72
N ASN G 60 -25.50 39.35 -25.48
CA ASN G 60 -24.55 39.71 -26.51
C ASN G 60 -23.55 38.60 -26.81
N SER G 61 -23.06 37.93 -25.77
CA SER G 61 -22.11 36.85 -25.91
C SER G 61 -22.78 35.70 -26.65
N CYS G 62 -24.06 35.51 -26.37
CA CYS G 62 -24.87 34.49 -27.02
C CYS G 62 -25.02 34.82 -28.52
N THR G 63 -25.08 36.13 -28.83
CA THR G 63 -25.19 36.57 -30.21
C THR G 63 -23.90 36.20 -30.93
N ASP G 64 -22.76 36.49 -30.29
CA ASP G 64 -21.48 36.16 -30.87
C ASP G 64 -21.30 34.64 -31.02
N LEU G 65 -21.89 33.86 -30.10
CA LEU G 65 -21.82 32.40 -30.19
C LEU G 65 -22.63 31.92 -31.38
N LYS G 67 -23.50 33.55 -34.05
CA LYS G 67 -22.92 33.97 -35.33
C LYS G 67 -21.72 33.10 -35.66
N ALA G 68 -20.98 32.65 -34.65
CA ALA G 68 -19.85 31.78 -34.90
C ALA G 68 -20.38 30.43 -35.40
N ILE G 69 -21.55 30.03 -34.89
CA ILE G 69 -22.17 28.77 -35.29
C ILE G 69 -22.75 28.90 -36.71
N ARG G 70 -23.24 30.09 -37.05
CA ARG G 70 -23.77 30.34 -38.38
C ARG G 70 -22.64 30.10 -39.39
N LEU G 71 -21.45 30.59 -39.10
CA LEU G 71 -20.32 30.41 -40.01
C LEU G 71 -19.88 28.95 -40.01
N LEU G 72 -19.89 28.32 -38.85
CA LEU G 72 -19.49 26.92 -38.78
C LEU G 72 -20.39 26.07 -39.68
N VAL G 73 -21.71 26.26 -39.58
CA VAL G 73 -22.65 25.51 -40.39
C VAL G 73 -22.51 25.81 -41.89
N THR G 74 -22.31 27.08 -42.23
CA THR G 74 -22.16 27.47 -43.63
C THR G 74 -20.88 26.83 -44.18
N THR G 75 -19.81 26.83 -43.38
CA THR G 75 -18.54 26.22 -43.77
C THR G 75 -18.66 24.69 -43.87
N SER G 76 -19.47 24.08 -43.00
CA SER G 76 -19.69 22.65 -43.03
C SER G 76 -20.41 22.25 -44.31
N THR G 77 -21.39 23.04 -44.71
CA THR G 77 -22.13 22.75 -45.93
C THR G 77 -21.19 22.86 -47.15
N SER G 78 -20.31 23.86 -47.16
CA SER G 78 -19.36 24.03 -48.26
C SER G 78 -18.43 22.82 -48.33
N LEU G 79 -17.96 22.35 -47.18
CA LEU G 79 -17.09 21.18 -47.16
C LEU G 79 -17.83 19.97 -47.72
N GLN G 80 -19.06 19.76 -47.28
CA GLN G 80 -19.87 18.65 -47.77
C GLN G 80 -20.04 18.72 -49.29
N LYS G 81 -20.36 19.90 -49.79
CA LYS G 81 -20.55 20.11 -51.22
C LYS G 81 -19.29 19.75 -51.98
N GLU G 82 -18.14 20.18 -51.48
CA GLU G 82 -16.90 19.90 -52.16
C GLU G 82 -16.54 18.42 -52.15
N ILE G 83 -16.84 17.75 -51.04
CA ILE G 83 -16.59 16.33 -50.92
C ILE G 83 -17.43 15.57 -51.95
N VAL G 84 -18.65 16.05 -52.14
CA VAL G 84 -19.58 15.44 -53.07
C VAL G 84 -19.18 15.70 -54.52
N GLU G 85 -18.78 16.92 -54.81
CA GLU G 85 -18.39 17.31 -56.15
C GLU G 85 -17.14 16.62 -56.65
N SER G 86 -16.17 16.44 -55.76
CA SER G 86 -14.93 15.80 -56.13
C SER G 86 -15.01 14.28 -56.06
N GLY G 87 -16.08 13.75 -55.52
CA GLY G 87 -16.16 12.31 -55.41
C GLY G 87 -17.29 11.66 -56.17
N ARG G 88 -18.19 12.44 -56.75
CA ARG G 88 -19.29 11.81 -57.44
C ARG G 88 -18.92 11.28 -58.82
N GLY G 89 -17.84 11.79 -59.38
CA GLY G 89 -17.42 11.34 -60.70
C GLY G 89 -18.56 11.51 -61.67
N ALA G 90 -19.07 10.40 -62.19
CA ALA G 90 -20.16 10.44 -63.16
C ALA G 90 -21.54 10.40 -62.50
N ALA G 91 -21.57 10.20 -61.19
CA ALA G 91 -22.84 10.13 -60.47
C ALA G 91 -23.38 11.52 -60.13
N THR G 92 -24.69 11.61 -59.94
CA THR G 92 -25.33 12.86 -59.55
C THR G 92 -25.10 13.00 -58.05
N GLN G 93 -25.42 14.17 -57.49
CA GLN G 93 -25.27 14.35 -56.06
C GLN G 93 -26.14 13.35 -55.32
N GLN G 94 -27.37 13.19 -55.79
CA GLN G 94 -28.30 12.25 -55.16
C GLN G 94 -27.62 10.90 -55.02
N GLU G 95 -27.02 10.44 -56.12
CA GLU G 95 -26.32 9.15 -56.12
C GLU G 95 -25.18 9.08 -55.16
N PHE G 96 -24.38 10.14 -55.09
CA PHE G 96 -23.24 10.11 -54.16
C PHE G 96 -23.74 9.96 -52.73
N TYR G 97 -24.73 10.76 -52.36
CA TYR G 97 -25.29 10.70 -51.00
C TYR G 97 -25.91 9.34 -50.74
N ALA G 98 -26.68 8.84 -51.70
CA ALA G 98 -27.29 7.53 -51.57
C ALA G 98 -26.21 6.46 -51.41
N LYS G 99 -25.16 6.52 -52.23
CA LYS G 99 -24.10 5.53 -52.18
C LYS G 99 -23.28 5.62 -50.90
N ASN G 100 -23.23 6.81 -50.33
CA ASN G 100 -22.49 7.03 -49.09
C ASN G 100 -23.55 7.26 -48.00
N SER G 101 -24.61 6.45 -48.03
CA SER G 101 -25.72 6.58 -47.11
C SER G 101 -25.38 6.77 -45.63
N ARG G 102 -24.39 6.06 -45.10
CA ARG G 102 -24.06 6.21 -43.68
C ARG G 102 -23.54 7.61 -43.37
N TRP G 103 -22.65 8.10 -44.22
CA TRP G 103 -22.07 9.42 -44.06
C TRP G 103 -23.19 10.47 -44.11
N THR G 104 -24.11 10.31 -45.06
CA THR G 104 -25.21 11.25 -45.23
C THR G 104 -26.16 11.24 -44.02
N GLU G 105 -26.44 10.06 -43.47
CA GLU G 105 -27.31 9.96 -42.31
C GLU G 105 -26.62 10.61 -41.12
N GLY G 106 -25.29 10.52 -41.08
CA GLY G 106 -24.54 11.11 -39.98
C GLY G 106 -24.63 12.63 -40.03
N LEU G 107 -24.70 13.15 -41.25
CA LEU G 107 -24.80 14.58 -41.47
C LEU G 107 -26.19 15.06 -41.09
N ILE G 108 -27.21 14.34 -41.52
CA ILE G 108 -28.60 14.70 -41.25
C ILE G 108 -28.82 14.74 -39.75
N SER G 109 -28.35 13.69 -39.09
CA SER G 109 -28.45 13.54 -37.65
C SER G 109 -27.73 14.66 -36.89
N ALA G 110 -26.48 14.92 -37.23
CA ALA G 110 -25.74 15.96 -36.56
C ALA G 110 -26.33 17.37 -36.83
N SER G 111 -26.83 17.58 -38.05
CA SER G 111 -27.39 18.87 -38.44
C SER G 111 -28.67 19.15 -37.62
N LYS G 112 -29.52 18.14 -37.53
CA LYS G 112 -30.76 18.23 -36.79
C LYS G 112 -30.46 18.61 -35.33
N ALA G 113 -29.44 18.01 -34.75
CA ALA G 113 -29.07 18.31 -33.37
C ALA G 113 -28.57 19.75 -33.17
N VAL G 114 -27.88 20.28 -34.17
CA VAL G 114 -27.40 21.66 -34.05
C VAL G 114 -28.62 22.59 -34.10
N GLY G 115 -29.57 22.28 -34.98
CA GLY G 115 -30.79 23.08 -35.10
C GLY G 115 -31.55 23.08 -33.77
N TRP G 116 -31.70 21.90 -33.16
CA TRP G 116 -32.41 21.82 -31.88
C TRP G 116 -31.62 22.53 -30.80
N GLY G 117 -30.30 22.50 -30.93
CA GLY G 117 -29.41 23.14 -29.97
C GLY G 117 -29.59 24.65 -29.95
N ALA G 118 -29.80 25.21 -31.14
CA ALA G 118 -30.02 26.65 -31.25
C ALA G 118 -31.37 27.01 -30.60
N THR G 119 -32.40 26.26 -30.92
CA THR G 119 -33.73 26.51 -30.39
C THR G 119 -33.69 26.43 -28.86
N GLN G 120 -33.01 25.43 -28.32
CA GLN G 120 -32.88 25.27 -26.86
C GLN G 120 -32.20 26.45 -26.21
N LEU G 121 -31.06 26.85 -26.76
CA LEU G 121 -30.29 27.94 -26.20
C LEU G 121 -31.12 29.21 -26.17
N VAL G 122 -31.80 29.48 -27.27
CA VAL G 122 -32.64 30.67 -27.33
C VAL G 122 -33.75 30.58 -26.28
N GLU G 123 -34.36 29.41 -26.10
CA GLU G 123 -35.43 29.26 -25.11
C GLU G 123 -34.93 29.46 -23.68
N ALA G 124 -33.75 28.91 -23.40
CA ALA G 124 -33.14 29.06 -22.07
C ALA G 124 -32.83 30.52 -21.79
N ALA G 125 -32.27 31.22 -22.78
CA ALA G 125 -31.94 32.62 -22.58
C ALA G 125 -33.22 33.40 -22.31
N ASP G 126 -34.24 33.16 -23.13
CA ASP G 126 -35.52 33.83 -22.99
C ASP G 126 -36.11 33.71 -21.57
N LYS G 127 -36.20 32.48 -21.07
CA LYS G 127 -36.76 32.24 -19.76
C LYS G 127 -36.03 32.92 -18.60
N VAL G 128 -34.70 32.84 -18.56
CA VAL G 128 -33.96 33.46 -17.48
C VAL G 128 -33.99 34.97 -17.62
N VAL G 129 -33.97 35.47 -18.85
CA VAL G 129 -33.97 36.91 -19.07
C VAL G 129 -35.33 37.59 -18.91
N LEU G 130 -36.36 37.00 -19.51
CA LEU G 130 -37.68 37.60 -19.48
C LEU G 130 -38.69 36.90 -18.57
N HIS G 131 -38.27 35.84 -17.91
CA HIS G 131 -39.19 35.14 -17.03
C HIS G 131 -38.45 34.68 -15.80
N THR G 132 -38.72 33.47 -15.35
CA THR G 132 -38.06 33.01 -14.14
C THR G 132 -37.23 31.73 -14.30
N GLY G 133 -36.59 31.60 -15.45
CA GLY G 133 -35.76 30.43 -15.71
C GLY G 133 -34.40 30.56 -15.04
N LYS G 134 -33.68 29.45 -14.98
CA LYS G 134 -32.38 29.44 -14.35
C LYS G 134 -31.23 29.74 -15.31
N TYR G 135 -30.23 30.44 -14.77
CA TYR G 135 -29.01 30.74 -15.49
C TYR G 135 -28.28 29.43 -15.73
N GLU G 136 -28.46 28.48 -14.81
CA GLU G 136 -27.80 27.19 -14.92
C GLU G 136 -28.21 26.45 -16.21
N GLU G 137 -29.46 26.62 -16.62
CA GLU G 137 -29.98 25.96 -17.83
C GLU G 137 -29.33 26.56 -19.08
N LEU G 138 -29.03 27.86 -19.04
CA LEU G 138 -28.37 28.51 -20.18
C LEU G 138 -26.96 27.97 -20.34
N ILE G 139 -26.30 27.77 -19.20
CA ILE G 139 -24.94 27.23 -19.18
C ILE G 139 -24.95 25.79 -19.78
N VAL G 140 -25.92 24.98 -19.40
CA VAL G 140 -25.99 23.62 -19.93
C VAL G 140 -26.26 23.65 -21.43
N CYS G 141 -27.23 24.45 -21.85
CA CYS G 141 -27.55 24.54 -23.27
C CYS G 141 -26.34 25.05 -24.07
N SER G 142 -25.48 25.86 -23.44
CA SER G 142 -24.32 26.38 -24.14
C SER G 142 -23.31 25.25 -24.37
N HIS G 143 -23.16 24.38 -23.36
CA HIS G 143 -22.25 23.24 -23.48
C HIS G 143 -22.78 22.27 -24.53
N GLU G 144 -24.07 22.01 -24.49
CA GLU G 144 -24.63 21.08 -25.44
C GLU G 144 -24.55 21.56 -26.88
N ILE G 145 -24.75 22.86 -27.11
CA ILE G 145 -24.73 23.27 -28.52
C ILE G 145 -23.33 23.22 -29.11
N ALA G 146 -22.32 23.51 -28.30
CA ALA G 146 -20.93 23.43 -28.76
C ALA G 146 -20.60 21.94 -29.04
N ALA G 147 -21.15 21.05 -28.21
CA ALA G 147 -20.91 19.62 -28.43
C ALA G 147 -21.63 19.20 -29.72
N SER G 148 -22.82 19.75 -29.97
CA SER G 148 -23.53 19.39 -31.18
C SER G 148 -22.80 19.89 -32.44
N THR G 149 -22.19 21.06 -32.36
CA THR G 149 -21.46 21.56 -33.52
C THR G 149 -20.17 20.75 -33.70
N ALA G 150 -19.56 20.30 -32.60
CA ALA G 150 -18.35 19.49 -32.74
C ALA G 150 -18.74 18.20 -33.46
N GLN G 151 -19.96 17.73 -33.22
CA GLN G 151 -20.42 16.50 -33.86
C GLN G 151 -20.68 16.72 -35.35
N LEU G 152 -21.14 17.91 -35.74
CA LEU G 152 -21.39 18.19 -37.15
C LEU G 152 -20.04 18.24 -37.88
N VAL G 153 -19.06 18.88 -37.26
CA VAL G 153 -17.74 18.98 -37.85
C VAL G 153 -17.16 17.58 -38.07
N ALA G 154 -17.33 16.71 -37.08
CA ALA G 154 -16.84 15.33 -37.14
C ALA G 154 -17.52 14.55 -38.26
N ALA G 155 -18.85 14.61 -38.32
CA ALA G 155 -19.60 13.90 -39.34
C ALA G 155 -19.22 14.40 -40.73
N SER G 156 -18.87 15.67 -40.84
CA SER G 156 -18.48 16.27 -42.13
C SER G 156 -17.08 15.82 -42.53
N LYS G 157 -16.19 15.77 -41.54
CA LYS G 157 -14.79 15.40 -41.72
C LYS G 157 -14.53 13.97 -42.23
N VAL G 158 -15.41 13.05 -41.90
CA VAL G 158 -15.26 11.66 -42.33
C VAL G 158 -14.79 11.46 -43.78
N LYS G 159 -15.50 12.04 -44.75
CA LYS G 159 -15.14 11.89 -46.17
C LYS G 159 -14.25 13.01 -46.74
N ALA G 160 -13.52 13.71 -45.88
CA ALA G 160 -12.63 14.78 -46.32
C ALA G 160 -11.18 14.32 -46.25
N ASN G 161 -10.28 15.08 -46.88
CA ASN G 161 -8.86 14.72 -46.85
C ASN G 161 -7.95 15.93 -46.95
N LYS G 162 -7.93 16.73 -45.89
CA LYS G 162 -7.11 17.94 -45.83
C LYS G 162 -7.19 18.85 -47.05
N HIS G 163 -8.38 19.05 -47.58
CA HIS G 163 -8.57 19.91 -48.74
C HIS G 163 -9.73 20.90 -48.61
N SER G 164 -9.93 21.70 -49.65
CA SER G 164 -10.97 22.72 -49.73
C SER G 164 -12.40 22.17 -49.69
N PRO G 165 -13.39 23.01 -49.29
CA PRO G 165 -13.22 24.40 -48.88
C PRO G 165 -12.60 24.43 -47.49
N HIS G 166 -11.34 24.00 -47.43
CA HIS G 166 -10.57 23.95 -46.21
C HIS G 166 -11.24 23.16 -45.10
N LEU G 167 -10.62 22.05 -44.76
CA LEU G 167 -11.09 21.23 -43.66
C LEU G 167 -10.59 22.06 -42.48
N SER G 168 -9.51 22.81 -42.73
CA SER G 168 -8.88 23.67 -41.74
C SER G 168 -9.78 24.83 -41.35
N ARG G 169 -10.40 25.45 -42.36
CA ARG G 169 -11.31 26.56 -42.16
C ARG G 169 -12.40 26.12 -41.18
N LEU G 170 -13.01 24.96 -41.44
CA LEU G 170 -14.07 24.43 -40.60
C LEU G 170 -13.53 24.12 -39.22
N GLN G 171 -12.36 23.51 -39.17
CA GLN G 171 -11.75 23.19 -37.89
C GLN G 171 -11.49 24.49 -37.14
N GLU G 172 -11.18 25.55 -37.88
CA GLU G 172 -10.97 26.87 -37.27
C GLU G 172 -12.29 27.31 -36.64
N CYS G 173 -13.35 27.24 -37.44
CA CYS G 173 -14.68 27.62 -37.00
C CYS G 173 -15.08 26.90 -35.72
N SER G 174 -14.72 25.62 -35.63
CA SER G 174 -15.09 24.84 -34.46
C SER G 174 -14.39 25.37 -33.21
N ARG G 175 -13.12 25.77 -33.35
CA ARG G 175 -12.37 26.33 -32.22
C ARG G 175 -13.11 27.57 -31.70
N THR G 176 -13.44 28.45 -32.63
CA THR G 176 -14.13 29.69 -32.32
C THR G 176 -15.44 29.47 -31.57
N VAL G 177 -16.26 28.54 -32.06
CA VAL G 177 -17.55 28.23 -31.42
C VAL G 177 -17.29 27.75 -30.00
N ASN G 178 -16.26 26.92 -29.83
CA ASN G 178 -15.92 26.40 -28.52
C ASN G 178 -15.55 27.56 -27.59
N GLU G 179 -14.75 28.50 -28.11
CA GLU G 179 -14.34 29.66 -27.33
C GLU G 179 -15.54 30.54 -26.99
N ARG G 180 -16.40 30.80 -27.98
CA ARG G 180 -17.58 31.64 -27.78
C ARG G 180 -18.53 31.01 -26.76
N ALA G 181 -18.62 29.68 -26.75
CA ALA G 181 -19.49 28.98 -25.80
C ALA G 181 -18.93 29.16 -24.39
N ALA G 182 -17.62 29.02 -24.25
CA ALA G 182 -16.98 29.20 -22.95
C ALA G 182 -17.18 30.65 -22.48
N ASN G 183 -17.25 31.57 -23.43
CA ASN G 183 -17.46 32.97 -23.07
C ASN G 183 -18.87 33.19 -22.53
N VAL G 184 -19.84 32.52 -23.14
CA VAL G 184 -21.22 32.64 -22.69
C VAL G 184 -21.32 32.10 -21.26
N VAL G 185 -20.67 30.97 -21.00
CA VAL G 185 -20.70 30.38 -19.67
C VAL G 185 -20.04 31.32 -18.66
N ALA G 186 -18.89 31.88 -19.02
CA ALA G 186 -18.21 32.80 -18.10
C ALA G 186 -19.03 34.06 -17.79
N SER G 187 -19.71 34.61 -18.79
CA SER G 187 -20.52 35.81 -18.59
C SER G 187 -21.75 35.47 -17.77
N THR G 188 -22.25 34.25 -17.94
CA THR G 188 -23.42 33.83 -17.20
C THR G 188 -23.08 33.62 -15.72
N LYS G 189 -21.97 32.94 -15.45
CA LYS G 189 -21.55 32.73 -14.06
C LYS G 189 -21.37 34.08 -13.36
N SER G 190 -20.60 34.95 -13.98
CA SER G 190 -20.36 36.29 -13.43
C SER G 190 -21.67 37.04 -13.22
N GLY G 191 -22.56 36.93 -14.20
CA GLY G 191 -23.83 37.62 -14.11
C GLY G 191 -24.71 37.18 -12.95
N GLN G 192 -24.78 35.87 -12.75
CA GLN G 192 -25.60 35.33 -11.69
C GLN G 192 -25.06 35.84 -10.35
N GLU G 193 -23.73 35.98 -10.26
CA GLU G 193 -23.11 36.47 -9.04
C GLU G 193 -23.60 37.89 -8.69
N GLN G 194 -23.37 38.83 -9.59
CA GLN G 194 -23.78 40.21 -9.35
C GLN G 194 -25.23 40.27 -8.92
N ILE G 195 -26.10 39.58 -9.66
CA ILE G 195 -27.52 39.59 -9.34
C ILE G 195 -27.81 39.10 -7.91
N GLU G 196 -26.89 38.33 -7.33
CA GLU G 196 -27.09 37.84 -5.98
C GLU G 196 -26.50 38.83 -4.98
N ASP G 197 -26.26 40.05 -5.43
CA ASP G 197 -25.71 41.11 -4.58
C ASP G 197 -26.68 42.28 -4.47
N ASP H 8 15.14 23.47 37.47
CA ASP H 8 16.21 23.59 36.42
C ASP H 8 17.54 23.07 36.99
N VAL H 9 18.19 22.17 36.25
CA VAL H 9 19.42 21.57 36.73
C VAL H 9 20.69 22.45 36.75
N ARG H 10 21.52 22.22 37.77
CA ARG H 10 22.78 22.94 37.95
C ARG H 10 23.81 22.39 36.96
N GLN H 11 24.41 23.27 36.18
CA GLN H 11 25.40 22.83 35.19
C GLN H 11 26.45 21.92 35.79
N GLU H 12 26.90 22.28 36.99
CA GLU H 12 27.93 21.49 37.68
C GLU H 12 27.46 20.08 38.05
N GLU H 13 26.16 19.83 37.90
CA GLU H 13 25.65 18.51 38.22
C GLU H 13 24.82 17.94 37.06
N LEU H 14 24.92 18.58 35.90
CA LEU H 14 24.21 18.12 34.71
C LEU H 14 24.68 16.70 34.41
N GLY H 15 25.96 16.44 34.66
CA GLY H 15 26.52 15.13 34.42
C GLY H 15 25.89 14.03 35.24
N ALA H 16 25.62 14.31 36.51
CA ALA H 16 25.00 13.33 37.38
C ALA H 16 23.54 13.15 37.01
N VAL H 17 22.90 14.24 36.57
CA VAL H 17 21.50 14.17 36.18
C VAL H 17 21.30 13.43 34.85
N VAL H 18 22.20 13.63 33.88
CA VAL H 18 22.03 12.95 32.60
C VAL H 18 22.27 11.43 32.73
N ASP H 19 23.33 11.04 33.43
CA ASP H 19 23.58 9.61 33.62
C ASP H 19 22.39 8.94 34.26
N LYS H 20 21.86 9.55 35.32
CA LYS H 20 20.69 8.99 36.00
C LYS H 20 19.47 8.99 35.09
N GLU H 21 19.27 10.03 34.29
CA GLU H 21 18.09 10.02 33.45
C GLU H 21 18.18 8.98 32.34
N ALA H 23 19.74 6.17 32.59
CA ALA H 23 19.51 4.90 33.29
C ALA H 23 18.01 4.71 33.62
N ALA H 24 17.35 5.77 34.09
CA ALA H 24 15.93 5.70 34.42
C ALA H 24 15.11 5.34 33.18
N THR H 25 15.53 5.86 32.02
CA THR H 25 14.82 5.57 30.76
C THR H 25 15.02 4.12 30.34
N SER H 26 16.25 3.63 30.44
CA SER H 26 16.51 2.24 30.08
C SER H 26 15.74 1.34 31.04
N ALA H 27 15.70 1.72 32.32
CA ALA H 27 14.97 0.96 33.32
C ALA H 27 13.48 0.94 32.98
N ALA H 28 12.93 2.07 32.56
CA ALA H 28 11.51 2.12 32.20
C ALA H 28 11.24 1.24 31.01
N ILE H 29 12.17 1.22 30.05
CA ILE H 29 11.98 0.40 28.88
C ILE H 29 12.01 -1.09 29.26
N GLU H 30 12.89 -1.46 30.17
CA GLU H 30 12.99 -2.86 30.60
C GLU H 30 11.72 -3.26 31.30
N ASP H 31 11.23 -2.35 32.12
CA ASP H 31 10.00 -2.61 32.84
C ASP H 31 8.82 -2.78 31.87
N ALA H 32 8.81 -2.02 30.78
CA ALA H 32 7.73 -2.10 29.79
C ALA H 32 7.76 -3.52 29.16
N VAL H 33 8.96 -3.96 28.81
CA VAL H 33 9.13 -5.30 28.20
C VAL H 33 8.58 -6.34 29.17
N ARG H 34 9.04 -6.31 30.42
CA ARG H 34 8.58 -7.27 31.42
C ARG H 34 7.07 -7.24 31.58
N ARG H 35 6.50 -6.04 31.70
CA ARG H 35 5.08 -5.84 31.87
C ARG H 35 4.24 -6.34 30.69
N ILE H 36 4.70 -6.10 29.47
CA ILE H 36 3.96 -6.57 28.30
C ILE H 36 4.04 -8.11 28.18
N GLU H 37 5.19 -8.68 28.45
CA GLU H 37 5.33 -10.13 28.38
C GLU H 37 4.44 -10.79 29.42
N ASP H 38 4.36 -10.20 30.61
CA ASP H 38 3.53 -10.78 31.64
C ASP H 38 2.05 -10.69 31.21
N ASN H 41 0.60 -13.56 29.39
CA ASN H 41 0.15 -14.65 30.24
C ASN H 41 -1.18 -14.30 30.92
N GLN H 42 -1.29 -13.07 31.41
CA GLN H 42 -2.51 -12.63 32.09
C GLN H 42 -3.75 -12.68 31.20
N ALA H 43 -3.57 -12.33 29.93
CA ALA H 43 -4.68 -12.31 28.97
C ALA H 43 -5.27 -13.71 28.79
N ARG H 44 -4.41 -14.73 28.83
CA ARG H 44 -4.88 -16.11 28.66
C ARG H 44 -5.84 -16.51 29.78
N HIS H 45 -5.80 -15.80 30.89
CA HIS H 45 -6.68 -16.14 32.00
C HIS H 45 -7.94 -15.29 32.01
N ALA H 46 -7.88 -14.15 31.34
CA ALA H 46 -8.99 -13.22 31.30
C ALA H 46 -9.85 -13.30 30.04
N SER H 47 -9.35 -13.95 29.00
CA SER H 47 -10.09 -14.02 27.76
C SER H 47 -9.74 -15.28 26.98
N SER H 48 -10.37 -15.44 25.82
CA SER H 48 -10.13 -16.59 24.98
C SER H 48 -10.64 -16.30 23.57
N GLY H 49 -10.47 -17.27 22.67
CA GLY H 49 -10.93 -17.15 21.30
C GLY H 49 -10.35 -15.99 20.51
N VAL H 50 -11.15 -15.42 19.63
CA VAL H 50 -10.67 -14.31 18.82
C VAL H 50 -10.01 -13.19 19.63
N LYS H 51 -10.64 -12.76 20.72
CA LYS H 51 -10.08 -11.69 21.53
C LYS H 51 -8.66 -12.04 22.01
N LEU H 52 -8.52 -13.22 22.58
CA LEU H 52 -7.22 -13.68 23.07
C LEU H 52 -6.20 -13.71 21.95
N GLU H 53 -6.60 -14.30 20.82
CA GLU H 53 -5.71 -14.42 19.68
C GLU H 53 -5.19 -13.07 19.16
N VAL H 54 -6.10 -12.11 18.96
CA VAL H 54 -5.64 -10.82 18.44
C VAL H 54 -4.81 -10.05 19.44
N ASN H 55 -5.20 -10.11 20.71
CA ASN H 55 -4.47 -9.41 21.75
C ASN H 55 -3.05 -9.97 21.94
N GLU H 56 -2.87 -11.27 21.71
CA GLU H 56 -1.54 -11.86 21.83
C GLU H 56 -0.70 -11.35 20.65
N ARG H 57 -1.32 -11.29 19.47
CA ARG H 57 -0.60 -10.78 18.31
C ARG H 57 -0.17 -9.32 18.60
N ILE H 58 -1.08 -8.54 19.18
CA ILE H 58 -0.75 -7.15 19.49
C ILE H 58 0.35 -7.06 20.54
N LEU H 59 0.22 -7.84 21.61
CA LEU H 59 1.23 -7.82 22.65
C LEU H 59 2.59 -8.21 22.12
N ASN H 60 2.67 -9.16 21.19
CA ASN H 60 3.99 -9.54 20.62
C ASN H 60 4.59 -8.39 19.83
N SER H 61 3.77 -7.76 19.00
CA SER H 61 4.25 -6.62 18.23
C SER H 61 4.75 -5.54 19.21
N CYS H 62 4.01 -5.28 20.29
CA CYS H 62 4.46 -4.28 21.27
C CYS H 62 5.81 -4.68 21.89
N THR H 63 6.02 -5.97 22.12
CA THR H 63 7.30 -6.38 22.70
C THR H 63 8.42 -6.10 21.71
N ASP H 64 8.21 -6.43 20.44
CA ASP H 64 9.23 -6.16 19.44
C ASP H 64 9.50 -4.63 19.36
N LEU H 65 8.45 -3.82 19.45
CA LEU H 65 8.64 -2.37 19.41
C LEU H 65 9.49 -1.93 20.61
N LYS H 67 11.56 -3.62 22.35
CA LYS H 67 12.94 -4.09 22.27
C LYS H 67 13.74 -3.27 21.25
N ALA H 68 13.08 -2.83 20.18
CA ALA H 68 13.74 -2.00 19.18
C ALA H 68 14.13 -0.66 19.86
N ILE H 69 13.23 -0.13 20.70
CA ILE H 69 13.48 1.12 21.41
C ILE H 69 14.61 0.94 22.42
N ARG H 70 14.71 -0.25 22.99
CA ARG H 70 15.78 -0.52 23.94
C ARG H 70 17.10 -0.39 23.19
N LEU H 71 17.18 -1.00 22.02
CA LEU H 71 18.39 -0.94 21.23
C LEU H 71 18.68 0.49 20.82
N LEU H 72 17.66 1.19 20.36
CA LEU H 72 17.85 2.57 19.94
C LEU H 72 18.43 3.41 21.08
N VAL H 73 17.86 3.27 22.27
CA VAL H 73 18.33 4.04 23.43
C VAL H 73 19.77 3.69 23.76
N THR H 74 20.11 2.40 23.73
CA THR H 74 21.48 1.98 24.02
C THR H 74 22.45 2.55 22.97
N THR H 75 22.05 2.57 21.71
CA THR H 75 22.89 3.10 20.65
C THR H 75 23.02 4.60 20.83
N SER H 76 21.96 5.23 21.31
CA SER H 76 21.98 6.68 21.53
C SER H 76 22.98 7.00 22.64
N THR H 77 22.97 6.20 23.70
CA THR H 77 23.89 6.41 24.80
C THR H 77 25.34 6.24 24.31
N SER H 78 25.56 5.33 23.36
CA SER H 78 26.90 5.12 22.84
C SER H 78 27.35 6.32 22.01
N LEU H 79 26.45 6.87 21.19
CA LEU H 79 26.80 8.02 20.39
C LEU H 79 27.14 9.18 21.33
N GLN H 80 26.36 9.35 22.40
CA GLN H 80 26.62 10.42 23.34
C GLN H 80 27.99 10.27 23.98
N LYS H 81 28.29 9.08 24.52
CA LYS H 81 29.57 8.87 25.18
C LYS H 81 30.75 9.01 24.22
N GLU H 82 30.53 8.74 22.94
CA GLU H 82 31.61 8.89 21.98
C GLU H 82 31.89 10.37 21.80
N ILE H 83 30.82 11.17 21.73
CA ILE H 83 30.93 12.62 21.57
C ILE H 83 31.67 13.19 22.77
N VAL H 84 31.32 12.72 23.97
CA VAL H 84 31.94 13.17 25.21
C VAL H 84 33.43 12.80 25.26
N GLU H 85 33.73 11.55 24.95
CA GLU H 85 35.12 11.07 24.99
C GLU H 85 36.03 11.69 23.95
N SER H 86 35.53 11.86 22.74
CA SER H 86 36.33 12.43 21.69
C SER H 86 36.48 13.95 21.79
N GLY H 87 35.69 14.59 22.64
CA GLY H 87 35.78 16.04 22.75
C GLY H 87 36.15 16.62 24.09
N ARG H 88 36.14 15.81 25.15
CA ARG H 88 36.45 16.34 26.47
C ARG H 88 37.91 16.72 26.70
N GLY H 89 38.84 15.99 26.10
CA GLY H 89 40.25 16.31 26.29
C GLY H 89 40.67 16.14 27.72
N ALA H 90 41.20 17.20 28.32
CA ALA H 90 41.65 17.11 29.69
C ALA H 90 40.52 17.33 30.72
N ALA H 91 39.30 17.51 30.24
CA ALA H 91 38.17 17.72 31.14
C ALA H 91 37.49 16.41 31.52
N THR H 92 36.80 16.38 32.66
CA THR H 92 36.07 15.18 33.06
C THR H 92 34.77 15.22 32.26
N GLN H 93 34.00 14.14 32.28
CA GLN H 93 32.74 14.12 31.55
C GLN H 93 31.82 15.20 32.11
N GLN H 94 31.84 15.37 33.42
CA GLN H 94 31.02 16.38 34.09
C GLN H 94 31.28 17.75 33.46
N GLU H 95 32.55 18.14 33.39
CA GLU H 95 32.89 19.43 32.81
C GLU H 95 32.49 19.55 31.35
N PHE H 96 32.58 18.44 30.60
CA PHE H 96 32.20 18.47 29.19
C PHE H 96 30.69 18.74 29.06
N TYR H 97 29.90 18.04 29.86
CA TYR H 97 28.44 18.20 29.85
C TYR H 97 28.06 19.64 30.21
N ALA H 98 28.62 20.16 31.29
CA ALA H 98 28.35 21.53 31.73
C ALA H 98 28.75 22.52 30.64
N LYS H 99 29.87 22.24 29.99
CA LYS H 99 30.39 23.09 28.92
C LYS H 99 29.49 23.07 27.69
N ASN H 100 28.67 22.03 27.56
CA ASN H 100 27.76 21.92 26.43
C ASN H 100 26.36 21.76 27.01
N SER H 101 26.06 22.65 27.96
CA SER H 101 24.80 22.62 28.67
C SER H 101 23.55 22.46 27.81
N ARG H 102 23.47 23.13 26.67
CA ARG H 102 22.28 22.99 25.83
C ARG H 102 22.11 21.59 25.28
N TRP H 103 23.19 21.05 24.73
CA TRP H 103 23.13 19.71 24.19
C TRP H 103 22.68 18.77 25.32
N THR H 104 23.35 18.86 26.47
CA THR H 104 23.01 18.00 27.60
C THR H 104 21.56 18.10 28.05
N GLU H 105 21.04 19.33 28.12
CA GLU H 105 19.65 19.51 28.53
C GLU H 105 18.74 18.86 27.52
N GLY H 106 19.12 18.92 26.25
CA GLY H 106 18.31 18.33 25.20
C GLY H 106 18.29 16.80 25.30
N LEU H 107 19.38 16.22 25.79
CA LEU H 107 19.44 14.77 25.93
C LEU H 107 18.48 14.40 27.06
N ILE H 108 18.59 15.12 28.17
CA ILE H 108 17.77 14.91 29.36
C ILE H 108 16.29 14.99 29.03
N SER H 109 15.94 16.02 28.27
CA SER H 109 14.56 16.25 27.86
C SER H 109 14.01 15.14 26.95
N ALA H 110 14.75 14.84 25.88
CA ALA H 110 14.29 13.82 24.96
C ALA H 110 14.23 12.45 25.63
N SER H 111 15.20 12.17 26.50
CA SER H 111 15.24 10.89 27.20
C SER H 111 14.04 10.78 28.15
N LYS H 112 13.76 11.83 28.91
CA LYS H 112 12.60 11.80 29.80
C LYS H 112 11.34 11.47 29.00
N ALA H 113 11.15 12.08 27.84
CA ALA H 113 9.95 11.81 27.05
C ALA H 113 9.86 10.34 26.58
N VAL H 114 11.01 9.73 26.33
CA VAL H 114 11.00 8.34 25.90
C VAL H 114 10.50 7.48 27.05
N GLY H 115 10.98 7.79 28.26
CA GLY H 115 10.55 7.04 29.42
C GLY H 115 9.05 7.18 29.64
N TRP H 116 8.54 8.40 29.55
CA TRP H 116 7.10 8.62 29.73
C TRP H 116 6.35 7.88 28.62
N GLY H 117 6.94 7.87 27.42
CA GLY H 117 6.31 7.20 26.30
C GLY H 117 6.14 5.71 26.57
N ALA H 118 7.13 5.09 27.21
CA ALA H 118 7.04 3.67 27.50
C ALA H 118 5.97 3.41 28.59
N THR H 119 5.88 4.31 29.57
CA THR H 119 4.89 4.20 30.65
C THR H 119 3.48 4.34 30.07
N GLN H 120 3.29 5.30 29.16
CA GLN H 120 1.98 5.52 28.54
C GLN H 120 1.58 4.36 27.66
N LEU H 121 2.51 3.82 26.90
CA LEU H 121 2.16 2.72 26.04
C LEU H 121 1.73 1.47 26.82
N VAL H 122 2.46 1.16 27.88
CA VAL H 122 2.17 0.00 28.71
C VAL H 122 0.78 0.13 29.33
N GLU H 123 0.47 1.32 29.83
CA GLU H 123 -0.83 1.61 30.42
C GLU H 123 -1.97 1.46 29.39
N ALA H 124 -1.76 1.97 28.16
CA ALA H 124 -2.79 1.84 27.12
C ALA H 124 -2.97 0.37 26.75
N ALA H 125 -1.87 -0.37 26.69
CA ALA H 125 -1.97 -1.79 26.34
C ALA H 125 -2.72 -2.55 27.45
N ASP H 126 -2.34 -2.30 28.69
CA ASP H 126 -2.97 -2.94 29.84
C ASP H 126 -4.48 -2.74 29.83
N LYS H 127 -4.87 -1.48 29.69
CA LYS H 127 -6.28 -1.14 29.68
C LYS H 127 -7.15 -1.77 28.60
N VAL H 128 -6.66 -1.85 27.38
CA VAL H 128 -7.49 -2.42 26.33
C VAL H 128 -7.46 -3.93 26.31
N VAL H 129 -6.35 -4.52 26.73
CA VAL H 129 -6.25 -5.97 26.71
C VAL H 129 -6.85 -6.62 27.96
N LEU H 130 -6.61 -6.01 29.11
CA LEU H 130 -7.09 -6.57 30.36
C LEU H 130 -8.28 -5.87 30.97
N HIS H 131 -8.63 -4.70 30.46
CA HIS H 131 -9.77 -3.98 31.01
C HIS H 131 -10.70 -3.48 29.91
N THR H 132 -11.16 -2.23 29.98
CA THR H 132 -12.06 -1.75 28.93
C THR H 132 -11.57 -0.49 28.23
N GLY H 133 -10.26 -0.39 28.01
CA GLY H 133 -9.70 0.76 27.32
C GLY H 133 -9.93 0.69 25.81
N LYS H 134 -9.49 1.71 25.10
CA LYS H 134 -9.67 1.73 23.65
C LYS H 134 -8.39 1.38 22.89
N TYR H 135 -8.56 0.70 21.76
CA TYR H 135 -7.44 0.34 20.91
C TYR H 135 -6.87 1.63 20.34
N GLU H 136 -7.73 2.61 20.07
CA GLU H 136 -7.26 3.88 19.53
C GLU H 136 -6.16 4.48 20.40
N GLU H 137 -6.23 4.24 21.71
CA GLU H 137 -5.25 4.80 22.63
C GLU H 137 -3.89 4.12 22.44
N LEU H 138 -3.91 2.83 22.18
CA LEU H 138 -2.66 2.08 21.94
C LEU H 138 -2.03 2.59 20.63
N ILE H 139 -2.86 2.87 19.65
CA ILE H 139 -2.34 3.39 18.38
C ILE H 139 -1.68 4.76 18.57
N VAL H 140 -2.35 5.68 19.28
CA VAL H 140 -1.75 6.99 19.51
C VAL H 140 -0.45 6.89 20.32
N CYS H 141 -0.43 6.07 21.37
CA CYS H 141 0.79 5.96 22.17
C CYS H 141 1.92 5.34 21.35
N SER H 142 1.57 4.49 20.39
CA SER H 142 2.61 3.89 19.55
C SER H 142 3.23 4.97 18.68
N HIS H 143 2.40 5.84 18.12
CA HIS H 143 2.93 6.91 17.31
C HIS H 143 3.78 7.80 18.17
N GLU H 144 3.26 8.19 19.33
CA GLU H 144 4.01 9.08 20.18
C GLU H 144 5.36 8.57 20.66
N ILE H 145 5.47 7.29 20.98
CA ILE H 145 6.74 6.81 21.49
C ILE H 145 7.75 6.84 20.33
N ALA H 146 7.29 6.56 19.12
CA ALA H 146 8.17 6.59 17.98
C ALA H 146 8.64 8.04 17.71
N ALA H 147 7.74 9.02 17.90
CA ALA H 147 8.16 10.42 17.72
C ALA H 147 9.14 10.79 18.81
N SER H 148 8.95 10.30 20.03
CA SER H 148 9.89 10.61 21.10
C SER H 148 11.29 10.05 20.83
N THR H 149 11.36 8.82 20.30
CA THR H 149 12.68 8.26 20.02
C THR H 149 13.34 9.05 18.89
N ALA H 150 12.56 9.43 17.90
CA ALA H 150 13.09 10.22 16.80
C ALA H 150 13.69 11.50 17.39
N GLN H 151 13.08 12.06 18.43
CA GLN H 151 13.64 13.26 19.01
C GLN H 151 14.89 12.96 19.82
N LEU H 152 14.99 11.77 20.42
CA LEU H 152 16.20 11.42 21.18
C LEU H 152 17.35 11.35 20.17
N VAL H 153 17.09 10.79 19.01
CA VAL H 153 18.10 10.68 17.97
C VAL H 153 18.55 12.10 17.56
N ALA H 154 17.58 12.98 17.32
CA ALA H 154 17.89 14.36 16.96
C ALA H 154 18.70 15.08 18.04
N ALA H 155 18.30 14.94 19.29
CA ALA H 155 19.01 15.58 20.38
C ALA H 155 20.45 15.05 20.52
N SER H 156 20.64 13.76 20.24
CA SER H 156 21.96 13.15 20.35
C SER H 156 22.88 13.61 19.22
N LYS H 157 22.31 13.70 18.02
CA LYS H 157 23.02 14.09 16.81
C LYS H 157 23.54 15.52 16.77
N VAL H 158 22.92 16.41 17.55
CA VAL H 158 23.32 17.81 17.60
C VAL H 158 24.84 18.00 17.64
N LYS H 159 25.51 17.34 18.57
CA LYS H 159 26.95 17.45 18.70
C LYS H 159 27.74 16.39 17.93
N ALA H 160 27.09 15.72 16.99
CA ALA H 160 27.76 14.68 16.21
C ALA H 160 28.09 15.10 14.80
N ASN H 161 29.22 14.62 14.30
CA ASN H 161 29.64 14.92 12.93
C ASN H 161 29.10 13.83 12.02
N LYS H 162 29.60 12.61 12.22
CA LYS H 162 29.19 11.46 11.43
C LYS H 162 30.17 10.33 11.67
N HIS H 163 30.33 9.97 12.93
CA HIS H 163 31.23 8.91 13.26
C HIS H 163 30.65 8.03 14.32
N SER H 164 31.52 7.22 14.88
CA SER H 164 31.13 6.28 15.89
C SER H 164 30.60 6.88 17.18
N PRO H 165 29.78 6.12 17.93
CA PRO H 165 29.36 4.75 17.58
C PRO H 165 28.28 4.86 16.52
N HIS H 166 28.67 5.36 15.37
CA HIS H 166 27.81 5.53 14.23
C HIS H 166 26.53 6.36 14.46
N LEU H 167 26.45 7.50 13.77
CA LEU H 167 25.25 8.34 13.82
C LEU H 167 24.35 7.52 12.90
N SER H 168 24.99 6.95 11.88
CA SER H 168 24.33 6.13 10.88
C SER H 168 23.49 5.01 11.47
N ARG H 169 24.08 4.21 12.34
CA ARG H 169 23.35 3.11 12.96
C ARG H 169 22.24 3.65 13.86
N LEU H 170 22.49 4.74 14.58
CA LEU H 170 21.44 5.29 15.44
C LEU H 170 20.23 5.64 14.58
N GLN H 171 20.48 6.27 13.44
CA GLN H 171 19.42 6.66 12.52
C GLN H 171 18.67 5.48 11.91
N GLU H 172 19.40 4.40 11.62
CA GLU H 172 18.76 3.23 11.06
C GLU H 172 17.88 2.63 12.16
N CYS H 173 18.35 2.74 13.41
CA CYS H 173 17.60 2.25 14.55
C CYS H 173 16.27 2.99 14.63
N SER H 174 16.28 4.27 14.29
CA SER H 174 15.07 5.05 14.32
C SER H 174 14.09 4.53 13.27
N ARG H 175 14.61 4.14 12.12
CA ARG H 175 13.73 3.60 11.10
C ARG H 175 13.19 2.24 11.59
N THR H 176 13.99 1.49 12.33
CA THR H 176 13.48 0.19 12.82
C THR H 176 12.35 0.43 13.81
N VAL H 177 12.53 1.38 14.72
CA VAL H 177 11.47 1.68 15.69
C VAL H 177 10.21 2.08 14.93
N ASN H 178 10.33 2.95 13.92
CA ASN H 178 9.15 3.34 13.16
C ASN H 178 8.44 2.17 12.51
N GLU H 179 9.21 1.24 11.94
CA GLU H 179 8.64 0.06 11.30
C GLU H 179 7.89 -0.78 12.35
N ARG H 180 8.49 -0.95 13.53
CA ARG H 180 7.88 -1.74 14.58
C ARG H 180 6.62 -1.02 15.10
N ALA H 181 6.69 0.31 15.16
CA ALA H 181 5.52 1.07 15.61
C ALA H 181 4.40 0.86 14.61
N ALA H 182 4.72 0.94 13.32
CA ALA H 182 3.71 0.72 12.30
C ALA H 182 3.15 -0.71 12.39
N ASN H 183 3.98 -1.68 12.78
CA ASN H 183 3.43 -3.02 12.90
C ASN H 183 2.46 -3.11 14.09
N VAL H 184 2.71 -2.37 15.18
CA VAL H 184 1.78 -2.42 16.33
C VAL H 184 0.45 -1.81 15.87
N VAL H 185 0.54 -0.71 15.11
CA VAL H 185 -0.67 -0.06 14.61
C VAL H 185 -1.44 -1.00 13.69
N ALA H 186 -0.76 -1.70 12.77
CA ALA H 186 -1.49 -2.62 11.88
C ALA H 186 -2.11 -3.80 12.64
N SER H 187 -1.40 -4.33 13.64
CA SER H 187 -1.95 -5.49 14.39
C SER H 187 -3.14 -5.02 15.20
N THR H 188 -3.05 -3.80 15.71
CA THR H 188 -4.13 -3.25 16.54
C THR H 188 -5.38 -3.02 15.71
N LYS H 189 -5.24 -2.33 14.57
CA LYS H 189 -6.40 -2.08 13.71
C LYS H 189 -7.05 -3.41 13.32
N SER H 190 -6.24 -4.33 12.83
CA SER H 190 -6.75 -5.63 12.42
C SER H 190 -7.47 -6.33 13.56
N GLY H 191 -6.87 -6.35 14.75
CA GLY H 191 -7.48 -7.04 15.87
C GLY H 191 -8.80 -6.40 16.28
N GLN H 192 -8.81 -5.08 16.32
CA GLN H 192 -9.99 -4.31 16.67
C GLN H 192 -11.16 -4.71 15.78
N GLU H 193 -10.88 -4.87 14.49
CA GLU H 193 -11.89 -5.24 13.52
C GLU H 193 -12.34 -6.69 13.65
N GLN H 194 -11.40 -7.59 13.95
CA GLN H 194 -11.76 -8.99 14.13
C GLN H 194 -12.64 -9.15 15.35
N ILE H 195 -12.34 -8.41 16.42
CA ILE H 195 -13.19 -8.49 17.60
C ILE H 195 -14.61 -7.99 17.23
N GLU H 196 -14.69 -6.89 16.49
CA GLU H 196 -15.99 -6.36 16.07
C GLU H 196 -16.72 -7.33 15.13
N ASP H 197 -16.00 -8.00 14.24
CA ASP H 197 -16.62 -8.96 13.32
C ASP H 197 -17.23 -10.15 14.05
N ARG H 198 -16.44 -10.84 14.86
CA ARG H 198 -16.95 -12.01 15.58
C ARG H 198 -18.31 -11.72 16.20
N ASP H 199 -18.50 -10.50 16.68
CA ASP H 199 -19.76 -10.09 17.29
C ASP H 199 -20.85 -9.96 16.21
N THR H 200 -20.51 -9.23 15.14
CA THR H 200 -21.43 -9.00 14.04
C THR H 200 -21.85 -10.31 13.37
#